data_6NNJ
#
_entry.id   6NNJ
#
_cell.length_a   132.150
_cell.length_b   132.150
_cell.length_c   315.950
_cell.angle_alpha   90.000
_cell.angle_beta   90.000
_cell.angle_gamma   120.000
#
_symmetry.space_group_name_H-M   'P 63'
#
loop_
_entity.id
_entity.type
_entity.pdbx_description
1 polymer 'Envelope glycoprotein gp41'
2 polymer '35O22 scFv heavy chain'
3 polymer '35O22 scFv light chain'
4 polymer 'Envelope glycoprotein gp120'
5 polymer '3H109L Fab heavy chain'
6 polymer '3H109L Fab light chain'
7 polymer 'CH31 scFv heavy chain'
8 polymer 'CH31 scFv light chain'
9 branched alpha-D-mannopyranose-(1-3)-alpha-D-mannopyranose-(1-6)-[alpha-D-mannopyranose-(1-3)]beta-D-mannopyranose-(1-4)-2-acetamido-2-deoxy-beta-D-glucopyranose-(1-4)-2-acetamido-2-deoxy-beta-D-glucopyranose
10 branched 2-acetamido-2-deoxy-beta-D-glucopyranose-(1-4)-2-acetamido-2-deoxy-beta-D-glucopyranose
11 branched alpha-D-mannopyranose-(1-3)-[alpha-D-mannopyranose-(1-6)]beta-D-mannopyranose-(1-4)-2-acetamido-2-deoxy-beta-D-glucopyranose-(1-4)-2-acetamido-2-deoxy-beta-D-glucopyranose
12 branched alpha-D-mannopyranose-(1-6)-beta-D-mannopyranose-(1-4)-2-acetamido-2-deoxy-beta-D-glucopyranose-(1-4)-2-acetamido-2-deoxy-beta-D-glucopyranose
13 branched alpha-D-mannopyranose-(1-2)-alpha-D-mannopyranose-(1-2)-alpha-D-mannopyranose-(1-3)-[alpha-D-mannopyranose-(1-2)-alpha-D-mannopyranose-(1-6)-[alpha-D-mannopyranose-(1-3)]alpha-D-mannopyranose-(1-6)]beta-D-mannopyranose-(1-4)-2-acetamido-2-deoxy-beta-D-glucopyranose-(1-4)-2-acetamido-2-deoxy-beta-D-glucopyranose
14 non-polymer 2-acetamido-2-deoxy-beta-D-glucopyranose
#
loop_
_entity_poly.entity_id
_entity_poly.type
_entity_poly.pdbx_seq_one_letter_code
_entity_poly.pdbx_strand_id
1 'polypeptide(L)'
;AVGIGAVFLGFLGAAGSTMGAASMTLTVQARNLLSGIVQQQSNLLRAPEAQQHLLKLTVWGIKQLQARVLAVERYLRDQQ
LLGIWGCSGKLICCTNVPWNSSWSNRNLSEIWDNMTWLQWDKEISNYTQIIYGLLEESQNQQEKNEQDLLALD
;
B
2 'polypeptide(L)'
;QGQLVQSGATTTKPGSSVKISCKTSGYRFNFYHINWIRQTAGRGPEWMGWISPYSGDKNLAPAFQDRVNMTTDTEVPVTS
FTSTGAAYMEIRNLTSDDTGTYFCAKGLLRDGSSTWLPYLWGQGTLLTVSSASTGGGGSGGGGSGGGGSGGGG
;
D
3 'polypeptide(L)'
;SQSVLTQSASVSGSLGQSVTISCTGPNSVCCSHKSISWYQWPPGRAPTLIIYEDNERAPGISPRFSGYKSYWSAYLTISD
LRPEDETTYYCCSYTHNSGCVFGTGTKVSVLGQSGGLVPRGSHHHHHHHH
;
E
4 'polypeptide(L)'
;AENLWVTVYYGVPVWKDAETTLFCASDAKAYETEKHNVWATHACVPTDPNPQEIHLENVTEEFNMWKNNMVEQMHTDIIS
LWDQSLKPCVKLTPLCVTLQCTNVTNAITDDMRGELKNCSFNMTTELRDKKQKVYSLFYRLDVVQINENQGNRSNNSNKE
YRLINCNTSAITQACPKVSFEPIPIHYCAPAGFAILKCKDKKFNGTGPCPSVSTVQCTHGIKPVVSTQLLLNGSLAEEEV
MIRSENITNNAKNILVQFNTPVQINCTRPNNNTRKSIRIGPGQAFYATGDIIGDIRQAHCNVSKATWNETLGKVVKQLRK
HFGNNTIIRFANSSGGDLEVTTHSFNCGGEFFYCNTSGLFNSTWISNTSVQGSNSTGSNDSITLPCRIKQIINMWQRIGQ
AMYAPPIQGVIRCVSNITGLILTRDGGSTNSTTETFRPGGGDMRDNWRSELYKYKVVKIEPLGVAPTRCKRRVVGRRRRR
R
;
G
5 'polypeptide(L)'
;QVQLQESGPGLVKPSETLSLTCTVSGGSISNYYWSWIRQSPGKGLEWIGYISDSESTNYNPSLKSRVIISVDTSKNQLSL
KLNSVTAADSAIYYCARAQQGKRIYGMVSFGEFFYYYYMDVWGKGTTVTVSSASTKGPSVFPLAPSSKSTSGGTAALGCL
VKDYFPEPVTVSWNSGALTSGVHTFPAVLQSSGLYSLSSVVTVPSSSLGTQTYICNVNHKPSNTKVDKKVEPKSCDKGLE
VLFQ
;
H
6 'polypeptide(L)'
;SVTSYVRPLSVALGETASISCGRQALGSRAVQWYQHRPGQAPILLIYNNQDRPSGIPERFSGTPDINFGTRATLTISGVE
AGDEADYYCHMWDSRSGFSWSFGGATRLTVLGQPKAAPSVTLFPPSSEELQANKATLVCLISDFYPGAVTVAWKADSSPV
KAGVETTTPSKQSNNKYAASSYLSLTPMQWKMHKSYSCQVTHEGSTVEKTVAPTECS
;
L
7 'polypeptide(L)'
;QVQLVQSGAAVRKPGASVTVSCKFAEDDDYSPYWVNPAPEHFIHFLRQAPGQQLEWLAWMNPTNGAVNYAWYLNGRVTAT
RDRSMTTAFLEVKSLRSDDTAVYYCARAQKRGRSEWAYAHWGQGTPVVVSSGGLVPR
;
U
8 'polypeptide(L)'
;DIQMTQSPSSLSASLGDRVTITCQASRGIGKDLNWYQQKAGKAPKLLVSDASTLEGGVPSRFSGSGFHQNFSLTISSLQA
EDVATYFCQQYETFGQGTKVDIGGGGSGGGGSGGGGS
;
V
#
loop_
_chem_comp.id
_chem_comp.type
_chem_comp.name
_chem_comp.formula
BMA D-saccharide, beta linking beta-D-mannopyranose 'C6 H12 O6'
MAN D-saccharide, alpha linking alpha-D-mannopyranose 'C6 H12 O6'
NAG D-saccharide, beta linking 2-acetamido-2-deoxy-beta-D-glucopyranose 'C8 H15 N O6'
#
# COMPACT_ATOMS: atom_id res chain seq x y z
N VAL A 7 -1.80 -30.79 -39.64
CA VAL A 7 -1.69 -29.84 -38.53
C VAL A 7 -2.65 -30.21 -37.41
N PHE A 8 -2.32 -29.79 -36.20
CA PHE A 8 -3.15 -30.04 -35.02
C PHE A 8 -3.38 -28.69 -34.34
N LEU A 9 -4.54 -28.09 -34.56
CA LEU A 9 -4.79 -26.73 -34.09
C LEU A 9 -5.11 -26.67 -32.60
N GLY A 10 -5.73 -27.72 -32.05
CA GLY A 10 -6.10 -27.75 -30.65
C GLY A 10 -7.58 -27.50 -30.44
N PHE A 11 -7.97 -27.59 -29.17
CA PHE A 11 -9.37 -27.40 -28.79
C PHE A 11 -9.88 -26.04 -29.24
N LEU A 12 -10.92 -26.06 -30.09
CA LEU A 12 -11.46 -24.87 -30.74
C LEU A 12 -10.44 -24.17 -31.63
N GLY A 13 -9.40 -24.88 -32.03
CA GLY A 13 -8.37 -24.27 -32.88
C GLY A 13 -8.94 -23.68 -34.16
N ALA A 14 -9.90 -24.37 -34.78
CA ALA A 14 -10.50 -23.92 -36.03
C ALA A 14 -11.74 -23.06 -35.80
N ALA A 15 -11.80 -22.35 -34.69
CA ALA A 15 -12.97 -21.52 -34.41
C ALA A 15 -13.11 -20.41 -35.44
N GLY A 16 -11.99 -19.87 -35.90
CA GLY A 16 -11.98 -18.83 -36.91
C GLY A 16 -11.80 -19.34 -38.31
N SER A 17 -11.66 -20.65 -38.49
CA SER A 17 -11.52 -21.24 -39.81
C SER A 17 -12.91 -21.43 -40.44
N THR A 18 -12.90 -21.82 -41.71
CA THR A 18 -14.14 -21.99 -42.45
C THR A 18 -14.86 -23.27 -42.01
N MET A 19 -16.18 -23.28 -42.22
CA MET A 19 -17.00 -24.41 -41.80
C MET A 19 -16.49 -25.74 -42.36
N GLY A 20 -15.91 -25.72 -43.55
CA GLY A 20 -15.37 -26.96 -44.11
C GLY A 20 -14.12 -27.41 -43.38
N ALA A 21 -13.23 -26.46 -43.07
CA ALA A 21 -11.98 -26.80 -42.38
C ALA A 21 -12.28 -27.35 -40.99
N ALA A 22 -13.11 -26.63 -40.23
CA ALA A 22 -13.43 -27.07 -38.87
C ALA A 22 -14.14 -28.42 -38.86
N SER A 23 -14.90 -28.73 -39.92
CA SER A 23 -15.67 -29.98 -39.94
C SER A 23 -14.79 -31.22 -40.04
N MET A 24 -13.52 -31.06 -40.37
CA MET A 24 -12.58 -32.17 -40.33
C MET A 24 -11.95 -32.35 -38.97
N THR A 25 -12.11 -31.37 -38.07
CA THR A 25 -11.55 -31.42 -36.73
C THR A 25 -12.66 -31.54 -35.70
N LEU A 26 -13.56 -32.50 -35.90
CA LEU A 26 -14.69 -32.64 -34.98
C LEU A 26 -14.30 -33.40 -33.73
N THR A 27 -13.54 -34.49 -33.88
CA THR A 27 -13.17 -35.30 -32.72
C THR A 27 -12.36 -34.48 -31.72
N VAL A 28 -11.64 -33.45 -32.19
CA VAL A 28 -10.94 -32.55 -31.28
C VAL A 28 -11.89 -32.00 -30.23
N GLN A 29 -12.98 -31.38 -30.68
CA GLN A 29 -13.94 -30.82 -29.74
C GLN A 29 -14.81 -31.88 -29.09
N ALA A 30 -14.87 -33.09 -29.66
CA ALA A 30 -15.70 -34.13 -29.09
C ALA A 30 -15.04 -34.80 -27.89
N ARG A 31 -13.70 -34.90 -27.88
CA ARG A 31 -13.01 -35.48 -26.75
C ARG A 31 -13.25 -34.69 -25.48
N ASN A 32 -12.92 -33.39 -25.51
CA ASN A 32 -12.89 -32.54 -24.33
C ASN A 32 -14.27 -32.04 -23.89
N LEU A 33 -15.34 -32.66 -24.38
CA LEU A 33 -16.68 -32.27 -23.95
C LEU A 33 -17.11 -32.96 -22.67
N LEU A 34 -16.39 -33.99 -22.22
CA LEU A 34 -16.76 -34.74 -21.04
C LEU A 34 -15.63 -34.89 -20.02
N SER A 35 -14.37 -34.73 -20.43
CA SER A 35 -13.25 -34.73 -19.52
C SER A 35 -12.63 -33.35 -19.34
N GLY A 36 -12.34 -32.65 -20.43
CA GLY A 36 -11.76 -31.32 -20.37
C GLY A 36 -10.43 -31.27 -21.09
N ILE A 37 -9.98 -30.06 -21.43
CA ILE A 37 -8.72 -29.91 -22.14
C ILE A 37 -7.54 -29.84 -21.16
N LEU A 57 -18.01 -31.81 2.97
CA LEU A 57 -18.92 -30.79 2.45
C LEU A 57 -18.26 -29.42 2.45
N THR A 58 -17.03 -29.35 1.96
CA THR A 58 -16.29 -28.10 1.89
C THR A 58 -16.89 -27.20 0.81
N VAL A 59 -16.36 -25.99 0.72
CA VAL A 59 -16.85 -25.03 -0.27
C VAL A 59 -16.50 -25.49 -1.68
N TRP A 60 -15.23 -25.85 -1.90
CA TRP A 60 -14.85 -26.38 -3.20
C TRP A 60 -15.45 -27.75 -3.45
N GLY A 61 -15.74 -28.51 -2.38
CA GLY A 61 -16.29 -29.84 -2.57
C GLY A 61 -17.66 -29.83 -3.20
N ILE A 62 -18.56 -28.99 -2.69
CA ILE A 62 -19.88 -28.88 -3.29
C ILE A 62 -19.82 -28.10 -4.59
N LYS A 63 -18.86 -27.17 -4.71
CA LYS A 63 -18.70 -26.41 -5.96
C LYS A 63 -18.24 -27.30 -7.10
N GLN A 64 -17.43 -28.33 -6.78
CA GLN A 64 -16.95 -29.23 -7.82
C GLN A 64 -18.00 -30.28 -8.18
N LEU A 65 -18.71 -30.81 -7.17
CA LEU A 65 -19.73 -31.81 -7.43
C LEU A 65 -20.82 -31.24 -8.33
N GLN A 66 -21.22 -29.99 -8.10
CA GLN A 66 -22.22 -29.35 -8.94
C GLN A 66 -21.76 -29.26 -10.39
N ALA A 67 -20.46 -29.07 -10.60
CA ALA A 67 -19.93 -28.99 -11.96
C ALA A 67 -19.82 -30.36 -12.61
N ARG A 68 -19.47 -31.40 -11.84
CA ARG A 68 -19.38 -32.75 -12.40
C ARG A 68 -20.73 -33.27 -12.85
N VAL A 69 -21.80 -32.89 -12.17
CA VAL A 69 -23.13 -33.30 -12.59
C VAL A 69 -23.59 -32.47 -13.80
N LEU A 70 -23.27 -31.18 -13.79
CA LEU A 70 -23.66 -30.33 -14.90
C LEU A 70 -23.03 -30.79 -16.21
N ALA A 71 -21.78 -31.26 -16.17
CA ALA A 71 -21.10 -31.69 -17.38
C ALA A 71 -21.77 -32.92 -17.99
N VAL A 72 -22.24 -33.84 -17.13
CA VAL A 72 -22.87 -35.04 -17.62
C VAL A 72 -24.24 -34.73 -18.23
N GLU A 73 -25.01 -33.86 -17.57
CA GLU A 73 -26.35 -33.55 -18.06
C GLU A 73 -26.30 -32.89 -19.43
N ARG A 74 -25.41 -31.92 -19.61
CA ARG A 74 -25.29 -31.25 -20.90
C ARG A 74 -24.76 -32.20 -21.97
N TYR A 75 -23.94 -33.17 -21.58
CA TYR A 75 -23.43 -34.13 -22.55
C TYR A 75 -24.53 -35.07 -23.02
N LEU A 76 -25.30 -35.61 -22.08
CA LEU A 76 -26.34 -36.57 -22.45
C LEU A 76 -27.47 -35.90 -23.23
N ARG A 77 -27.66 -34.59 -23.06
CA ARG A 77 -28.67 -33.89 -23.84
C ARG A 77 -28.29 -33.85 -25.33
N ASP A 78 -27.02 -33.57 -25.63
CA ASP A 78 -26.57 -33.64 -27.01
C ASP A 78 -26.63 -35.07 -27.53
N GLN A 79 -26.30 -36.05 -26.68
CA GLN A 79 -26.39 -37.43 -27.10
C GLN A 79 -27.84 -37.86 -27.28
N GLN A 80 -28.72 -37.34 -26.44
CA GLN A 80 -30.15 -37.65 -26.57
C GLN A 80 -30.69 -37.18 -27.90
N LEU A 81 -30.28 -35.98 -28.34
CA LEU A 81 -30.75 -35.47 -29.64
C LEU A 81 -30.18 -36.30 -30.79
N LEU A 82 -28.91 -36.68 -30.70
CA LEU A 82 -28.33 -37.53 -31.74
C LEU A 82 -29.05 -38.87 -31.81
N GLY A 83 -29.49 -39.39 -30.66
CA GLY A 83 -30.14 -40.68 -30.65
C GLY A 83 -31.48 -40.68 -31.37
N ILE A 84 -32.28 -39.64 -31.16
CA ILE A 84 -33.62 -39.58 -31.72
C ILE A 84 -33.59 -38.97 -33.11
N TRP A 85 -32.39 -38.72 -33.63
CA TRP A 85 -32.20 -38.32 -35.02
C TRP A 85 -31.55 -39.42 -35.86
N GLY A 86 -31.39 -40.61 -35.30
CA GLY A 86 -30.67 -41.66 -36.00
C GLY A 86 -29.22 -41.36 -36.22
N CYS A 87 -28.64 -40.49 -35.41
CA CYS A 87 -27.24 -40.08 -35.56
C CYS A 87 -26.35 -40.58 -34.45
N SER A 88 -26.88 -41.39 -33.53
CA SER A 88 -26.09 -41.86 -32.40
C SER A 88 -24.83 -42.55 -32.88
N GLY A 89 -23.68 -42.07 -32.41
CA GLY A 89 -22.39 -42.57 -32.85
C GLY A 89 -21.79 -41.84 -34.02
N LYS A 90 -22.54 -40.95 -34.66
CA LYS A 90 -22.05 -40.21 -35.82
C LYS A 90 -21.50 -38.85 -35.40
N LEU A 91 -20.46 -38.41 -36.11
CA LEU A 91 -19.97 -37.04 -36.04
C LEU A 91 -20.49 -36.21 -37.20
N ILE A 92 -20.40 -36.74 -38.42
CA ILE A 92 -21.08 -36.20 -39.58
C ILE A 92 -22.22 -37.14 -39.91
N CYS A 93 -23.45 -36.61 -39.86
CA CYS A 93 -24.66 -37.41 -40.02
C CYS A 93 -25.52 -36.79 -41.11
N CYS A 94 -25.89 -37.59 -42.10
CA CYS A 94 -26.75 -37.13 -43.18
C CYS A 94 -28.19 -37.56 -42.92
N THR A 95 -29.12 -36.67 -43.24
CA THR A 95 -30.52 -36.88 -42.86
C THR A 95 -31.45 -36.93 -44.07
N ASN A 96 -32.74 -36.73 -43.83
CA ASN A 96 -33.73 -36.72 -44.89
C ASN A 96 -34.47 -35.39 -45.02
N VAL A 97 -34.24 -34.45 -44.12
CA VAL A 97 -34.93 -33.15 -44.14
C VAL A 97 -34.33 -32.25 -45.20
N PRO A 98 -35.08 -31.87 -46.23
CA PRO A 98 -34.53 -31.01 -47.29
C PRO A 98 -34.39 -29.57 -46.81
N TRP A 99 -33.30 -28.93 -47.25
CA TRP A 99 -32.94 -27.62 -46.73
C TRP A 99 -33.89 -26.55 -47.25
N ASN A 100 -34.70 -26.00 -46.34
CA ASN A 100 -35.60 -24.92 -46.67
C ASN A 100 -34.81 -23.64 -46.89
N SER A 101 -34.93 -23.03 -48.07
CA SER A 101 -34.20 -21.82 -48.39
C SER A 101 -34.66 -20.62 -47.56
N SER A 102 -35.81 -20.71 -46.88
CA SER A 102 -36.19 -19.65 -45.95
C SER A 102 -35.19 -19.57 -44.80
N TRP A 103 -34.65 -20.71 -44.39
CA TRP A 103 -33.68 -20.74 -43.30
C TRP A 103 -32.43 -19.96 -43.68
N SER A 104 -31.84 -20.27 -44.84
CA SER A 104 -30.74 -19.48 -45.38
C SER A 104 -30.67 -19.69 -46.88
N ASN A 105 -30.86 -18.62 -47.65
CA ASN A 105 -30.74 -18.70 -49.10
C ASN A 105 -29.31 -18.33 -49.54
N ARG A 106 -28.38 -19.14 -49.05
CA ARG A 106 -26.98 -19.02 -49.40
C ARG A 106 -26.55 -20.21 -50.24
N ASN A 107 -25.58 -19.99 -51.12
CA ASN A 107 -25.08 -21.07 -51.96
C ASN A 107 -24.13 -21.95 -51.16
N LEU A 108 -23.99 -23.19 -51.63
CA LEU A 108 -23.15 -24.17 -50.91
C LEU A 108 -21.71 -23.70 -50.82
N SER A 109 -21.16 -23.17 -51.93
CA SER A 109 -19.77 -22.74 -51.93
C SER A 109 -19.55 -21.46 -51.13
N GLU A 110 -20.59 -20.67 -50.89
CA GLU A 110 -20.48 -19.47 -50.07
C GLU A 110 -20.72 -19.74 -48.59
N ILE A 111 -20.89 -21.00 -48.21
CA ILE A 111 -21.05 -21.37 -46.81
C ILE A 111 -19.82 -22.11 -46.32
N TRP A 112 -19.57 -23.31 -46.86
CA TRP A 112 -18.49 -24.16 -46.37
C TRP A 112 -17.10 -23.60 -46.65
N ASP A 113 -16.97 -22.65 -47.57
CA ASP A 113 -15.68 -22.05 -47.89
C ASP A 113 -15.66 -20.55 -47.65
N ASN A 114 -16.67 -20.01 -46.96
CA ASN A 114 -16.72 -18.58 -46.70
C ASN A 114 -16.98 -18.31 -45.22
N MET A 115 -17.95 -19.00 -44.63
CA MET A 115 -18.40 -18.69 -43.29
C MET A 115 -17.69 -19.53 -42.23
N THR A 116 -17.74 -19.04 -41.00
CA THR A 116 -17.29 -19.76 -39.82
C THR A 116 -18.51 -20.22 -39.05
N TRP A 117 -18.40 -21.39 -38.41
CA TRP A 117 -19.48 -21.99 -37.64
C TRP A 117 -20.10 -21.02 -36.65
N LEU A 118 -19.28 -20.09 -36.15
CA LEU A 118 -19.79 -19.04 -35.28
C LEU A 118 -20.81 -18.16 -36.00
N GLN A 119 -20.45 -17.66 -37.19
CA GLN A 119 -21.40 -16.87 -37.96
C GLN A 119 -22.63 -17.69 -38.33
N TRP A 120 -22.42 -18.94 -38.72
CA TRP A 120 -23.53 -19.79 -39.16
C TRP A 120 -24.55 -20.00 -38.05
N ASP A 121 -24.07 -20.21 -36.82
CA ASP A 121 -24.99 -20.43 -35.70
C ASP A 121 -25.84 -19.19 -35.44
N LYS A 122 -25.33 -18.01 -35.77
CA LYS A 122 -26.13 -16.80 -35.58
C LYS A 122 -27.19 -16.67 -36.66
N GLU A 123 -26.83 -16.97 -37.91
CA GLU A 123 -27.77 -16.79 -39.01
C GLU A 123 -28.91 -17.81 -38.94
N ILE A 124 -28.67 -18.97 -38.34
CA ILE A 124 -29.69 -20.00 -38.22
C ILE A 124 -30.25 -20.04 -36.79
N SER A 125 -30.11 -18.94 -36.05
CA SER A 125 -30.54 -18.92 -34.66
C SER A 125 -32.03 -19.20 -34.54
N ASN A 126 -32.84 -18.56 -35.38
CA ASN A 126 -34.28 -18.67 -35.24
C ASN A 126 -34.78 -20.04 -35.68
N TYR A 127 -34.30 -20.52 -36.82
CA TYR A 127 -34.82 -21.74 -37.41
C TYR A 127 -34.25 -23.00 -36.78
N THR A 128 -33.39 -22.89 -35.78
CA THR A 128 -32.74 -24.08 -35.24
C THR A 128 -33.74 -24.99 -34.54
N GLN A 129 -34.70 -24.40 -33.82
CA GLN A 129 -35.67 -25.22 -33.09
C GLN A 129 -36.61 -25.96 -34.03
N ILE A 130 -36.85 -25.40 -35.21
CA ILE A 130 -37.73 -26.04 -36.18
C ILE A 130 -37.05 -27.27 -36.78
N ILE A 131 -35.79 -27.11 -37.20
CA ILE A 131 -35.06 -28.24 -37.79
C ILE A 131 -34.98 -29.39 -36.80
N TYR A 132 -34.84 -29.09 -35.51
CA TYR A 132 -34.68 -30.13 -34.50
C TYR A 132 -35.92 -31.01 -34.40
N GLY A 133 -37.09 -30.46 -34.71
CA GLY A 133 -38.30 -31.27 -34.71
C GLY A 133 -38.44 -32.10 -35.97
N LEU A 134 -38.07 -31.50 -37.11
CA LEU A 134 -38.15 -32.23 -38.37
C LEU A 134 -37.24 -33.45 -38.37
N LEU A 135 -36.04 -33.31 -37.79
CA LEU A 135 -35.11 -34.43 -37.72
C LEU A 135 -35.61 -35.55 -36.82
N GLU A 136 -36.61 -35.28 -35.99
CA GLU A 136 -37.13 -36.27 -35.04
C GLU A 136 -38.17 -37.18 -35.66
N GLU A 137 -39.22 -36.60 -36.25
CA GLU A 137 -40.27 -37.42 -36.86
C GLU A 137 -39.78 -38.10 -38.12
N SER A 138 -38.80 -37.51 -38.80
CA SER A 138 -38.19 -38.15 -39.95
C SER A 138 -37.47 -39.44 -39.58
N GLN A 139 -37.16 -39.62 -38.30
CA GLN A 139 -36.53 -40.82 -37.79
C GLN A 139 -37.54 -41.83 -37.25
N ASN A 140 -38.61 -41.37 -36.61
CA ASN A 140 -39.63 -42.29 -36.13
C ASN A 140 -40.47 -42.83 -37.27
N GLN A 141 -40.59 -42.09 -38.37
CA GLN A 141 -41.24 -42.63 -39.56
C GLN A 141 -40.30 -43.51 -40.36
N GLN A 142 -38.99 -43.24 -40.29
CA GLN A 142 -38.02 -44.06 -41.01
C GLN A 142 -37.92 -45.47 -40.42
N GLU A 143 -37.91 -45.57 -39.09
CA GLU A 143 -37.85 -46.88 -38.45
C GLU A 143 -39.21 -47.58 -38.47
N LYS A 144 -40.30 -46.81 -38.42
CA LYS A 144 -41.61 -47.41 -38.62
C LYS A 144 -41.72 -48.02 -40.02
N ASN A 145 -41.08 -47.39 -41.00
CA ASN A 145 -41.04 -47.96 -42.34
C ASN A 145 -40.13 -49.19 -42.38
N GLU A 146 -39.01 -49.15 -41.66
CA GLU A 146 -38.11 -50.30 -41.65
C GLU A 146 -38.73 -51.49 -40.92
N GLN A 147 -39.62 -51.23 -39.96
CA GLN A 147 -40.34 -52.33 -39.32
C GLN A 147 -41.29 -53.01 -40.29
N ASP A 148 -41.77 -52.29 -41.31
CA ASP A 148 -42.60 -52.90 -42.34
C ASP A 148 -41.76 -53.58 -43.42
N LEU A 149 -40.60 -53.01 -43.75
CA LEU A 149 -39.72 -53.64 -44.74
C LEU A 149 -39.26 -55.02 -44.29
N LEU A 150 -39.20 -55.25 -42.98
CA LEU A 150 -38.78 -56.52 -42.42
C LEU A 150 -39.97 -57.34 -41.89
N ALA A 151 -41.19 -56.98 -42.28
CA ALA A 151 -42.38 -57.73 -41.91
C ALA A 151 -42.73 -58.79 -42.94
N LEU A 152 -41.72 -59.32 -43.63
CA LEU A 152 -41.95 -60.31 -44.68
C LEU A 152 -40.80 -61.32 -44.74
N GLN B 1 -19.73 -7.71 -48.23
CA GLN B 1 -21.01 -7.04 -48.07
C GLN B 1 -20.81 -5.66 -47.44
N GLY B 2 -19.67 -5.04 -47.72
CA GLY B 2 -19.39 -3.69 -47.25
C GLY B 2 -18.89 -2.79 -48.35
N GLN B 3 -18.42 -1.59 -47.98
CA GLN B 3 -17.93 -0.61 -48.93
C GLN B 3 -16.41 -0.63 -48.99
N LEU B 4 -15.88 -0.25 -50.17
CA LEU B 4 -14.43 -0.15 -50.39
C LEU B 4 -14.15 1.21 -51.03
N VAL B 5 -14.28 2.28 -50.23
CA VAL B 5 -14.07 3.63 -50.73
C VAL B 5 -12.60 3.84 -51.05
N GLN B 6 -12.33 4.67 -52.05
CA GLN B 6 -10.99 4.96 -52.53
C GLN B 6 -10.71 6.45 -52.44
N SER B 7 -9.53 6.84 -52.91
CA SER B 7 -9.08 8.23 -52.83
C SER B 7 -9.73 9.05 -53.95
N GLY B 8 -9.29 10.30 -54.11
CA GLY B 8 -9.80 11.16 -55.16
C GLY B 8 -9.00 11.02 -56.45
N ALA B 9 -9.38 11.84 -57.43
CA ALA B 9 -8.72 11.86 -58.73
C ALA B 9 -7.52 12.79 -58.66
N THR B 10 -6.36 12.22 -58.36
CA THR B 10 -5.10 12.97 -58.25
C THR B 10 -4.35 12.82 -59.57
N THR B 11 -4.31 13.90 -60.35
CA THR B 11 -3.71 13.90 -61.68
C THR B 11 -2.34 14.56 -61.61
N THR B 12 -1.30 13.77 -61.82
CA THR B 12 0.08 14.23 -61.82
C THR B 12 0.62 14.20 -63.25
N LYS B 13 1.94 14.05 -63.40
CA LYS B 13 2.61 14.07 -64.67
C LYS B 13 3.62 12.92 -64.69
N PRO B 14 4.03 12.47 -65.87
CA PRO B 14 4.95 11.31 -65.93
C PRO B 14 6.22 11.52 -65.12
N GLY B 15 6.77 10.41 -64.65
CA GLY B 15 7.97 10.44 -63.84
C GLY B 15 7.68 10.27 -62.36
N SER B 16 6.56 10.82 -61.91
CA SER B 16 6.19 10.82 -60.50
C SER B 16 5.54 9.50 -60.12
N SER B 17 5.17 9.40 -58.83
CA SER B 17 4.43 8.26 -58.31
C SER B 17 3.14 8.75 -57.67
N VAL B 18 2.13 7.89 -57.66
CA VAL B 18 0.82 8.22 -57.12
C VAL B 18 0.41 7.11 -56.16
N LYS B 19 -0.08 7.49 -54.98
CA LYS B 19 -0.52 6.56 -53.97
C LYS B 19 -2.04 6.64 -53.83
N ILE B 20 -2.73 5.53 -54.10
CA ILE B 20 -4.18 5.45 -54.06
C ILE B 20 -4.58 4.60 -52.86
N SER B 21 -5.56 5.09 -52.09
CA SER B 21 -6.00 4.41 -50.90
C SER B 21 -7.22 3.54 -51.19
N CYS B 22 -7.57 2.72 -50.20
CA CYS B 22 -8.73 1.83 -50.29
C CYS B 22 -9.11 1.44 -48.87
N LYS B 23 -10.08 2.14 -48.30
CA LYS B 23 -10.49 1.96 -46.92
C LYS B 23 -11.73 1.08 -46.86
N THR B 24 -11.64 -0.03 -46.13
CA THR B 24 -12.69 -1.04 -46.11
C THR B 24 -13.51 -0.95 -44.83
N SER B 25 -14.70 -1.54 -44.90
CA SER B 25 -15.63 -1.60 -43.77
C SER B 25 -16.65 -2.68 -44.06
N GLY B 26 -17.50 -2.95 -43.07
CA GLY B 26 -18.58 -3.90 -43.21
C GLY B 26 -18.17 -5.34 -43.40
N TYR B 27 -16.88 -5.66 -43.37
CA TYR B 27 -16.44 -7.05 -43.51
C TYR B 27 -15.07 -7.19 -42.86
N ARG B 28 -14.74 -8.42 -42.46
CA ARG B 28 -13.44 -8.71 -41.86
C ARG B 28 -12.36 -8.53 -42.92
N PHE B 29 -11.54 -7.48 -42.75
CA PHE B 29 -10.56 -7.11 -43.76
C PHE B 29 -9.53 -8.22 -43.99
N ASN B 30 -9.01 -8.81 -42.91
CA ASN B 30 -7.95 -9.80 -43.04
C ASN B 30 -8.41 -11.12 -43.61
N PHE B 31 -9.69 -11.30 -43.91
CA PHE B 31 -10.18 -12.59 -44.39
C PHE B 31 -10.18 -12.70 -45.91
N TYR B 32 -9.92 -11.61 -46.63
CA TYR B 32 -9.97 -11.63 -48.08
C TYR B 32 -8.81 -10.83 -48.65
N HIS B 33 -8.30 -11.28 -49.79
CA HIS B 33 -7.29 -10.53 -50.50
C HIS B 33 -7.86 -9.19 -50.98
N ILE B 34 -6.95 -8.30 -51.39
CA ILE B 34 -7.32 -7.03 -52.00
C ILE B 34 -6.68 -7.01 -53.39
N ASN B 35 -7.49 -7.16 -54.42
CA ASN B 35 -7.04 -7.12 -55.80
C ASN B 35 -6.98 -5.67 -56.29
N TRP B 36 -6.02 -5.41 -57.18
CA TRP B 36 -5.89 -4.12 -57.84
C TRP B 36 -5.99 -4.33 -59.34
N ILE B 37 -6.91 -3.61 -59.97
CA ILE B 37 -7.20 -3.76 -61.40
C ILE B 37 -7.43 -2.37 -61.99
N ARG B 38 -7.00 -2.19 -63.24
CA ARG B 38 -7.07 -0.91 -63.93
C ARG B 38 -7.62 -1.12 -65.35
N GLN B 39 -8.35 -0.12 -65.83
CA GLN B 39 -8.88 -0.10 -67.19
C GLN B 39 -8.47 1.22 -67.83
N THR B 40 -7.39 1.18 -68.62
CA THR B 40 -6.80 2.38 -69.21
C THR B 40 -7.31 2.58 -70.63
N ALA B 41 -7.06 3.79 -71.15
CA ALA B 41 -7.36 4.13 -72.53
C ALA B 41 -6.18 3.71 -73.41
N GLY B 42 -6.42 2.77 -74.32
CA GLY B 42 -5.36 2.22 -75.14
C GLY B 42 -5.38 0.70 -75.12
N ARG B 43 -5.79 0.16 -73.99
CA ARG B 43 -6.04 -1.27 -73.85
C ARG B 43 -7.42 -1.43 -73.23
N GLY B 44 -7.72 -2.63 -72.75
CA GLY B 44 -8.93 -2.85 -71.99
C GLY B 44 -8.61 -2.83 -70.51
N PRO B 45 -9.14 -3.81 -69.78
CA PRO B 45 -8.79 -3.96 -68.37
C PRO B 45 -7.58 -4.86 -68.18
N GLU B 46 -6.79 -4.54 -67.17
CA GLU B 46 -5.56 -5.28 -66.87
C GLU B 46 -5.47 -5.52 -65.37
N TRP B 47 -5.23 -6.77 -65.00
CA TRP B 47 -5.13 -7.18 -63.61
C TRP B 47 -3.70 -6.93 -63.12
N MET B 48 -3.57 -6.16 -62.05
CA MET B 48 -2.25 -5.76 -61.56
C MET B 48 -1.73 -6.74 -60.50
N GLY B 49 -2.51 -6.98 -59.45
CA GLY B 49 -2.10 -7.93 -58.43
C GLY B 49 -3.00 -7.84 -57.22
N TRP B 50 -2.88 -8.85 -56.37
CA TRP B 50 -3.56 -8.88 -55.09
C TRP B 50 -2.56 -9.09 -53.97
N ILE B 51 -2.99 -8.76 -52.75
CA ILE B 51 -2.18 -8.93 -51.56
C ILE B 51 -3.06 -9.50 -50.45
N SER B 52 -2.48 -10.38 -49.63
CA SER B 52 -3.22 -11.06 -48.58
C SER B 52 -3.02 -10.33 -47.26
N PRO B 53 -4.02 -9.61 -46.74
CA PRO B 53 -3.82 -8.88 -45.48
C PRO B 53 -3.48 -9.78 -44.30
N TYR B 54 -3.94 -11.03 -44.31
CA TYR B 54 -3.64 -11.95 -43.23
C TYR B 54 -2.20 -12.45 -43.31
N SER B 55 -1.85 -13.14 -44.40
CA SER B 55 -0.51 -13.70 -44.54
C SER B 55 0.54 -12.67 -44.95
N GLY B 56 0.13 -11.46 -45.34
CA GLY B 56 1.04 -10.49 -45.90
C GLY B 56 1.57 -10.84 -47.27
N ASP B 57 1.08 -11.91 -47.89
CA ASP B 57 1.64 -12.36 -49.16
C ASP B 57 1.10 -11.53 -50.32
N LYS B 58 1.92 -11.42 -51.36
CA LYS B 58 1.65 -10.55 -52.51
C LYS B 58 1.94 -11.32 -53.78
N ASN B 59 1.03 -11.25 -54.74
CA ASN B 59 1.22 -11.88 -56.04
C ASN B 59 0.70 -10.92 -57.09
N LEU B 60 1.55 -10.55 -58.04
CA LEU B 60 1.19 -9.56 -59.05
C LEU B 60 1.80 -9.96 -60.39
N ALA B 61 1.18 -9.47 -61.46
CA ALA B 61 1.57 -9.86 -62.80
C ALA B 61 2.97 -9.36 -63.13
N PRO B 62 3.70 -10.07 -63.99
CA PRO B 62 5.04 -9.59 -64.38
C PRO B 62 5.03 -8.25 -65.08
N ALA B 63 3.89 -7.84 -65.65
CA ALA B 63 3.80 -6.55 -66.31
C ALA B 63 3.83 -5.38 -65.33
N PHE B 64 3.71 -5.65 -64.02
CA PHE B 64 3.69 -4.58 -63.03
C PHE B 64 4.52 -4.91 -61.79
N GLN B 65 5.36 -5.95 -61.83
CA GLN B 65 6.08 -6.36 -60.63
C GLN B 65 7.10 -5.31 -60.20
N ASP B 66 7.78 -4.70 -61.16
CA ASP B 66 8.82 -3.72 -60.88
C ASP B 66 8.29 -2.29 -60.85
N ARG B 67 6.97 -2.11 -60.75
CA ARG B 67 6.37 -0.78 -60.65
C ARG B 67 5.52 -0.58 -59.42
N VAL B 68 4.86 -1.62 -58.94
CA VAL B 68 3.76 -1.48 -57.97
C VAL B 68 4.29 -1.65 -56.55
N ASN B 69 3.92 -0.71 -55.68
CA ASN B 69 4.13 -0.81 -54.24
C ASN B 69 2.79 -1.15 -53.60
N MET B 70 2.67 -2.38 -53.10
CA MET B 70 1.40 -2.91 -52.59
C MET B 70 1.57 -3.26 -51.11
N THR B 71 0.97 -2.46 -50.24
CA THR B 71 1.05 -2.67 -48.80
C THR B 71 -0.34 -2.50 -48.16
N THR B 72 -0.48 -3.09 -46.98
CA THR B 72 -1.72 -3.07 -46.21
C THR B 72 -1.40 -2.78 -44.75
N ASP B 73 -2.34 -2.11 -44.08
CA ASP B 73 -2.21 -1.86 -42.65
C ASP B 73 -2.71 -3.08 -41.88
N THR B 74 -3.19 -2.86 -40.66
CA THR B 74 -3.78 -3.91 -39.84
C THR B 74 -5.16 -3.48 -39.40
N GLU B 75 -6.11 -4.41 -39.46
CA GLU B 75 -7.51 -4.07 -39.25
C GLU B 75 -7.76 -3.60 -37.83
N VAL B 76 -8.64 -2.61 -37.70
CA VAL B 76 -9.12 -2.15 -36.40
C VAL B 76 -10.48 -2.83 -36.17
N PRO B 77 -10.57 -3.80 -35.25
CA PRO B 77 -11.82 -4.57 -35.12
C PRO B 77 -12.99 -3.71 -34.64
N VAL B 78 -14.14 -3.89 -35.28
CA VAL B 78 -15.35 -3.16 -34.94
C VAL B 78 -16.25 -4.07 -34.13
N THR B 79 -16.64 -5.20 -34.71
CA THR B 79 -17.38 -6.24 -33.99
C THR B 79 -16.65 -7.57 -34.13
N SER B 80 -17.32 -8.67 -33.80
CA SER B 80 -16.68 -9.98 -33.90
C SER B 80 -16.32 -10.30 -35.35
N PHE B 81 -17.20 -9.97 -36.31
CA PHE B 81 -17.00 -10.32 -37.70
C PHE B 81 -16.88 -9.09 -38.60
N THR B 82 -16.72 -7.91 -38.02
CA THR B 82 -16.52 -6.69 -38.78
C THR B 82 -15.21 -6.03 -38.36
N SER B 83 -14.56 -5.38 -39.31
CA SER B 83 -13.36 -4.60 -39.04
C SER B 83 -13.32 -3.43 -40.01
N THR B 84 -12.22 -2.69 -39.97
CA THR B 84 -11.95 -1.62 -40.93
C THR B 84 -10.48 -1.71 -41.32
N GLY B 85 -10.23 -1.85 -42.62
CA GLY B 85 -8.89 -2.00 -43.13
C GLY B 85 -8.51 -0.87 -44.08
N ALA B 86 -7.30 -1.00 -44.64
CA ALA B 86 -6.79 -0.02 -45.58
C ALA B 86 -5.74 -0.68 -46.45
N ALA B 87 -5.88 -0.51 -47.77
CA ALA B 87 -4.93 -1.06 -48.74
C ALA B 87 -4.34 0.08 -49.56
N TYR B 88 -3.03 0.04 -49.76
CA TYR B 88 -2.31 1.07 -50.47
C TYR B 88 -1.77 0.54 -51.80
N MET B 89 -1.62 1.45 -52.76
CA MET B 89 -1.09 1.09 -54.07
C MET B 89 -0.29 2.27 -54.62
N GLU B 90 0.89 1.99 -55.15
CA GLU B 90 1.71 2.98 -55.82
C GLU B 90 2.23 2.40 -57.13
N ILE B 91 2.66 3.30 -58.02
CA ILE B 91 3.27 2.93 -59.30
C ILE B 91 4.55 3.73 -59.46
N ARG B 92 5.60 3.06 -59.94
CA ARG B 92 6.92 3.68 -60.06
C ARG B 92 7.04 4.52 -61.33
N ASN B 93 7.56 3.94 -62.40
CA ASN B 93 7.76 4.66 -63.64
C ASN B 93 6.42 5.00 -64.30
N LEU B 94 5.82 6.13 -63.90
CA LEU B 94 4.53 6.52 -64.43
C LEU B 94 4.70 7.24 -65.76
N THR B 95 3.81 6.94 -66.70
CA THR B 95 3.79 7.60 -68.00
C THR B 95 2.36 7.99 -68.35
N SER B 96 2.13 8.40 -69.59
CA SER B 96 0.77 8.66 -70.05
C SER B 96 0.06 7.40 -70.52
N ASP B 97 0.80 6.33 -70.80
CA ASP B 97 0.19 5.05 -71.13
C ASP B 97 -0.58 4.47 -69.97
N ASP B 98 -0.26 4.87 -68.74
CA ASP B 98 -0.88 4.34 -67.54
C ASP B 98 -2.06 5.20 -67.06
N THR B 99 -2.67 5.98 -67.94
CA THR B 99 -3.78 6.84 -67.59
C THR B 99 -5.08 6.05 -67.67
N GLY B 100 -5.81 5.97 -66.57
CA GLY B 100 -7.08 5.26 -66.57
C GLY B 100 -7.71 5.27 -65.20
N THR B 101 -8.76 4.46 -65.06
CA THR B 101 -9.49 4.32 -63.81
C THR B 101 -8.98 3.08 -63.07
N TYR B 102 -8.66 3.24 -61.79
CA TYR B 102 -8.08 2.19 -60.96
C TYR B 102 -9.04 1.84 -59.83
N PHE B 103 -9.14 0.54 -59.52
CA PHE B 103 -10.03 0.07 -58.48
C PHE B 103 -9.31 -0.93 -57.58
N CYS B 104 -9.85 -1.10 -56.37
CA CYS B 104 -9.50 -2.20 -55.49
C CYS B 104 -10.70 -3.15 -55.39
N ALA B 105 -10.40 -4.43 -55.22
CA ALA B 105 -11.45 -5.45 -55.21
C ALA B 105 -11.18 -6.47 -54.11
N LYS B 106 -12.19 -6.72 -53.30
CA LYS B 106 -12.12 -7.73 -52.25
C LYS B 106 -12.22 -9.13 -52.88
N GLY B 107 -11.44 -10.06 -52.33
CA GLY B 107 -11.48 -11.43 -52.82
C GLY B 107 -12.85 -12.06 -52.67
N LEU B 108 -13.04 -13.17 -53.39
CA LEU B 108 -14.37 -13.77 -53.49
C LEU B 108 -14.68 -14.69 -52.31
N LEU B 109 -13.81 -15.65 -52.03
CA LEU B 109 -14.02 -16.63 -50.99
C LEU B 109 -12.77 -16.74 -50.13
N ARG B 110 -12.90 -17.46 -49.01
CA ARG B 110 -11.80 -17.71 -48.08
C ARG B 110 -11.07 -19.01 -48.37
N ASP B 111 -11.63 -19.87 -49.20
CA ASP B 111 -10.98 -21.13 -49.58
C ASP B 111 -11.41 -21.46 -51.01
N GLY B 112 -11.03 -22.65 -51.47
CA GLY B 112 -11.44 -23.13 -52.79
C GLY B 112 -10.50 -22.70 -53.90
N SER B 113 -11.07 -22.63 -55.10
CA SER B 113 -10.31 -22.32 -56.30
C SER B 113 -10.49 -20.89 -56.77
N SER B 114 -11.36 -20.11 -56.13
CA SER B 114 -11.61 -18.72 -56.49
C SER B 114 -11.44 -17.83 -55.27
N THR B 115 -10.34 -18.05 -54.54
CA THR B 115 -10.13 -17.36 -53.27
C THR B 115 -9.95 -15.86 -53.48
N TRP B 116 -9.04 -15.48 -54.38
CA TRP B 116 -8.64 -14.10 -54.58
C TRP B 116 -9.45 -13.36 -55.64
N LEU B 117 -10.42 -14.02 -56.26
CA LEU B 117 -11.12 -13.45 -57.41
C LEU B 117 -11.74 -12.10 -57.06
N PRO B 118 -11.44 -11.04 -57.82
CA PRO B 118 -12.03 -9.73 -57.56
C PRO B 118 -13.55 -9.75 -57.59
N TYR B 119 -14.17 -9.82 -56.41
CA TYR B 119 -15.63 -9.92 -56.30
C TYR B 119 -16.29 -8.59 -55.91
N LEU B 120 -15.87 -7.99 -54.80
CA LEU B 120 -16.45 -6.75 -54.31
C LEU B 120 -15.48 -5.61 -54.58
N TRP B 121 -15.91 -4.65 -55.40
CA TRP B 121 -15.05 -3.59 -55.93
C TRP B 121 -15.33 -2.26 -55.23
N GLY B 122 -14.43 -1.31 -55.45
CA GLY B 122 -14.59 0.03 -54.94
C GLY B 122 -15.41 0.92 -55.84
N GLN B 123 -14.92 2.13 -56.11
CA GLN B 123 -15.58 3.06 -57.02
C GLN B 123 -14.72 3.56 -58.16
N GLY B 124 -13.41 3.54 -58.03
CA GLY B 124 -12.55 4.00 -59.11
C GLY B 124 -11.84 5.29 -58.75
N THR B 125 -10.64 5.47 -59.34
CA THR B 125 -9.85 6.69 -59.18
C THR B 125 -9.23 7.04 -60.53
N LEU B 126 -9.37 8.30 -60.93
CA LEU B 126 -8.87 8.77 -62.21
C LEU B 126 -7.43 9.25 -62.06
N LEU B 127 -6.52 8.64 -62.82
CA LEU B 127 -5.10 8.99 -62.74
C LEU B 127 -4.78 10.17 -63.65
N THR B 128 -3.56 10.22 -64.18
CA THR B 128 -3.10 11.33 -65.02
C THR B 128 -3.89 11.39 -66.33
N SER C 3 -6.15 -9.17 -74.69
CA SER C 3 -4.82 -9.52 -75.19
C SER C 3 -4.87 -10.86 -75.93
N VAL C 4 -4.24 -11.88 -75.36
CA VAL C 4 -4.23 -13.20 -75.97
C VAL C 4 -5.58 -13.90 -75.83
N LEU C 5 -6.42 -13.45 -74.89
CA LEU C 5 -7.75 -14.03 -74.68
C LEU C 5 -8.73 -13.27 -75.56
N THR C 6 -8.94 -13.76 -76.77
CA THR C 6 -9.81 -13.11 -77.74
C THR C 6 -11.26 -13.48 -77.49
N GLN C 7 -12.12 -12.47 -77.40
CA GLN C 7 -13.53 -12.72 -77.11
C GLN C 7 -14.36 -12.82 -78.38
N SER C 8 -15.46 -12.07 -78.45
CA SER C 8 -16.43 -12.17 -79.54
C SER C 8 -16.68 -10.83 -80.20
N ALA C 9 -15.70 -9.92 -80.14
CA ALA C 9 -15.78 -8.60 -80.77
C ALA C 9 -17.01 -7.84 -80.27
N SER C 10 -18.12 -7.97 -80.98
CA SER C 10 -19.37 -7.31 -80.60
C SER C 10 -20.54 -8.11 -81.19
N VAL C 11 -21.62 -8.21 -80.42
CA VAL C 11 -22.84 -8.90 -80.85
C VAL C 11 -24.04 -8.07 -80.40
N SER C 12 -25.12 -8.13 -81.19
CA SER C 12 -26.36 -7.45 -80.87
C SER C 12 -27.42 -8.47 -80.47
N GLY C 13 -28.52 -7.95 -79.94
CA GLY C 13 -29.60 -8.80 -79.50
C GLY C 13 -30.91 -8.06 -79.49
N SER C 14 -31.91 -8.69 -78.88
CA SER C 14 -33.26 -8.13 -78.81
C SER C 14 -33.93 -8.60 -77.53
N LEU C 15 -34.92 -7.82 -77.08
CA LEU C 15 -35.62 -8.13 -75.84
C LEU C 15 -36.29 -9.49 -75.92
N GLY C 16 -36.23 -10.23 -74.81
CA GLY C 16 -36.79 -11.56 -74.73
C GLY C 16 -35.91 -12.67 -75.28
N GLN C 17 -34.87 -12.34 -76.03
CA GLN C 17 -34.00 -13.33 -76.65
C GLN C 17 -32.74 -13.53 -75.82
N SER C 18 -31.90 -14.48 -76.26
CA SER C 18 -30.67 -14.81 -75.58
C SER C 18 -29.48 -14.57 -76.50
N VAL C 19 -28.37 -14.14 -75.92
CA VAL C 19 -27.14 -13.91 -76.67
C VAL C 19 -26.12 -14.98 -76.31
N THR C 20 -24.89 -14.84 -76.82
CA THR C 20 -23.80 -15.75 -76.45
C THR C 20 -22.48 -15.06 -76.77
N ILE C 21 -21.65 -14.87 -75.75
CA ILE C 21 -20.33 -14.27 -75.91
C ILE C 21 -19.30 -15.38 -75.90
N SER C 22 -18.38 -15.36 -76.85
CA SER C 22 -17.30 -16.31 -76.86
C SER C 22 -16.14 -15.79 -76.01
N CYS C 23 -15.18 -16.68 -75.76
CA CYS C 23 -13.96 -16.35 -75.04
C CYS C 23 -12.96 -17.49 -75.24
N THR C 24 -12.01 -17.30 -76.15
CA THR C 24 -11.06 -18.34 -76.49
C THR C 24 -9.67 -17.73 -76.62
N GLY C 25 -8.66 -18.59 -76.52
CA GLY C 25 -7.29 -18.17 -76.65
C GLY C 25 -6.39 -19.35 -76.90
N PRO C 26 -5.07 -19.13 -76.86
CA PRO C 26 -4.14 -20.25 -77.08
C PRO C 26 -4.19 -21.26 -75.95
N ASN C 27 -3.40 -22.34 -76.06
CA ASN C 27 -3.36 -23.34 -75.01
C ASN C 27 -2.70 -22.82 -73.73
N SER C 28 -2.09 -21.64 -73.78
CA SER C 28 -1.39 -21.10 -72.61
C SER C 28 -2.31 -20.39 -71.63
N VAL C 29 -3.53 -20.05 -72.04
CA VAL C 29 -4.44 -19.29 -71.18
C VAL C 29 -5.88 -19.78 -71.32
N CYS C 30 -6.06 -20.99 -71.86
CA CYS C 30 -7.38 -21.54 -72.13
C CYS C 30 -7.26 -22.94 -72.73
N CYS C 31 -8.15 -23.86 -72.34
CA CYS C 31 -9.21 -23.61 -71.36
C CYS C 31 -9.35 -24.72 -70.32
N SER C 32 -9.01 -25.94 -70.73
CA SER C 32 -9.25 -27.11 -69.87
C SER C 32 -8.47 -27.03 -68.56
N HIS C 33 -7.34 -26.33 -68.55
CA HIS C 33 -6.50 -26.22 -67.37
C HIS C 33 -6.62 -24.88 -66.67
N LYS C 34 -7.75 -24.20 -66.83
CA LYS C 34 -7.94 -22.89 -66.22
C LYS C 34 -9.43 -22.67 -65.95
N SER C 35 -9.71 -21.80 -64.99
CA SER C 35 -11.08 -21.40 -64.71
C SER C 35 -11.41 -20.11 -65.47
N ILE C 36 -12.70 -19.92 -65.72
CA ILE C 36 -13.19 -18.80 -66.52
C ILE C 36 -14.20 -18.02 -65.71
N SER C 37 -13.92 -16.74 -65.49
CA SER C 37 -14.84 -15.84 -64.80
C SER C 37 -15.35 -14.78 -65.77
N TRP C 38 -16.57 -14.32 -65.52
CA TRP C 38 -17.24 -13.35 -66.38
C TRP C 38 -17.63 -12.12 -65.56
N TYR C 39 -17.41 -10.94 -66.14
CA TYR C 39 -17.62 -9.67 -65.46
C TYR C 39 -18.44 -8.71 -66.32
N GLN C 40 -19.52 -8.19 -65.75
CA GLN C 40 -20.28 -7.10 -66.36
C GLN C 40 -19.61 -5.78 -65.99
N TRP C 41 -19.08 -5.09 -67.00
CA TRP C 41 -18.26 -3.90 -66.77
C TRP C 41 -18.85 -2.69 -67.48
N PRO C 42 -19.64 -1.88 -66.78
CA PRO C 42 -20.08 -0.60 -67.35
C PRO C 42 -18.88 0.28 -67.68
N PRO C 43 -19.05 1.28 -68.57
CA PRO C 43 -17.88 2.04 -69.06
C PRO C 43 -17.12 2.76 -67.94
N GLY C 44 -15.94 2.23 -67.61
CA GLY C 44 -15.08 2.84 -66.61
C GLY C 44 -15.72 3.02 -65.25
N ARG C 45 -16.56 2.08 -64.83
CA ARG C 45 -17.26 2.21 -63.56
C ARG C 45 -17.05 0.98 -62.67
N ALA C 46 -18.06 0.65 -61.87
CA ALA C 46 -17.96 -0.49 -60.96
C ALA C 46 -18.33 -1.77 -61.69
N PRO C 47 -17.43 -2.75 -61.80
CA PRO C 47 -17.77 -4.02 -62.45
C PRO C 47 -18.72 -4.86 -61.62
N THR C 48 -18.88 -6.12 -62.02
CA THR C 48 -19.79 -7.04 -61.33
C THR C 48 -19.42 -8.45 -61.74
N LEU C 49 -19.09 -9.29 -60.76
CA LEU C 49 -18.84 -10.69 -61.05
C LEU C 49 -20.14 -11.40 -61.33
N ILE C 50 -20.22 -12.08 -62.49
CA ILE C 50 -21.41 -12.78 -62.91
C ILE C 50 -21.27 -14.27 -62.70
N ILE C 51 -20.19 -14.86 -63.20
CA ILE C 51 -20.00 -16.30 -63.17
C ILE C 51 -18.53 -16.59 -62.93
N TYR C 52 -18.24 -17.38 -61.90
CA TYR C 52 -16.89 -17.86 -61.62
C TYR C 52 -16.83 -19.36 -61.82
N GLU C 53 -15.61 -19.89 -61.92
CA GLU C 53 -15.35 -21.31 -62.08
C GLU C 53 -16.23 -21.92 -63.17
N ASP C 54 -15.98 -21.47 -64.39
CA ASP C 54 -16.66 -21.94 -65.59
C ASP C 54 -18.16 -21.64 -65.55
N ASN C 55 -18.91 -22.35 -64.71
CA ASN C 55 -20.37 -22.28 -64.74
C ASN C 55 -21.02 -21.81 -63.45
N GLU C 56 -20.27 -21.62 -62.37
CA GLU C 56 -20.88 -21.25 -61.09
C GLU C 56 -21.18 -19.75 -61.04
N ARG C 57 -22.39 -19.41 -60.64
CA ARG C 57 -22.84 -18.02 -60.59
C ARG C 57 -22.56 -17.41 -59.23
N ALA C 58 -22.27 -16.10 -59.23
CA ALA C 58 -22.01 -15.36 -58.01
C ALA C 58 -23.32 -15.14 -57.25
N PRO C 59 -23.24 -14.72 -55.98
CA PRO C 59 -24.48 -14.46 -55.22
C PRO C 59 -25.26 -13.29 -55.80
N GLY C 60 -26.58 -13.46 -55.85
CA GLY C 60 -27.47 -12.44 -56.36
C GLY C 60 -27.58 -12.40 -57.88
N ILE C 61 -26.79 -13.18 -58.61
CA ILE C 61 -26.87 -13.20 -60.06
C ILE C 61 -28.14 -13.92 -60.48
N SER C 62 -28.89 -13.31 -61.40
CA SER C 62 -30.13 -13.90 -61.88
C SER C 62 -29.84 -15.21 -62.61
N PRO C 63 -30.72 -16.21 -62.52
CA PRO C 63 -30.51 -17.48 -63.23
C PRO C 63 -30.50 -17.36 -64.75
N ARG C 64 -30.71 -16.16 -65.29
CA ARG C 64 -30.62 -15.98 -66.74
C ARG C 64 -29.24 -16.33 -67.25
N PHE C 65 -28.20 -15.84 -66.56
CA PHE C 65 -26.83 -16.01 -67.01
C PHE C 65 -26.35 -17.43 -66.76
N SER C 66 -25.70 -18.02 -67.76
CA SER C 66 -25.19 -19.37 -67.67
C SER C 66 -23.83 -19.44 -68.34
N GLY C 67 -23.00 -20.39 -67.89
CA GLY C 67 -21.68 -20.55 -68.46
C GLY C 67 -21.43 -21.94 -69.00
N TYR C 68 -20.39 -22.07 -69.83
CA TYR C 68 -20.01 -23.36 -70.39
C TYR C 68 -18.61 -23.22 -70.95
N LYS C 69 -17.76 -24.21 -70.68
CA LYS C 69 -16.39 -24.20 -71.16
C LYS C 69 -16.12 -25.51 -71.89
N SER C 70 -15.59 -25.39 -73.10
CA SER C 70 -15.14 -26.53 -73.88
C SER C 70 -13.62 -26.57 -73.89
N TYR C 71 -13.08 -27.56 -74.61
CA TYR C 71 -11.63 -27.68 -74.71
C TYR C 71 -10.99 -26.53 -75.47
N TRP C 72 -11.79 -25.63 -76.06
CA TRP C 72 -11.24 -24.60 -76.94
C TRP C 72 -11.79 -23.22 -76.63
N SER C 73 -13.01 -23.14 -76.10
CA SER C 73 -13.65 -21.85 -75.91
C SER C 73 -14.66 -21.91 -74.77
N ALA C 74 -14.84 -20.76 -74.12
CA ALA C 74 -15.82 -20.59 -73.06
C ALA C 74 -16.94 -19.67 -73.54
N TYR C 75 -18.17 -19.98 -73.14
CA TYR C 75 -19.37 -19.30 -73.62
C TYR C 75 -20.17 -18.72 -72.47
N LEU C 76 -20.66 -17.50 -72.64
CA LEU C 76 -21.52 -16.83 -71.67
C LEU C 76 -22.84 -16.49 -72.36
N THR C 77 -23.92 -17.13 -71.92
CA THR C 77 -25.24 -16.89 -72.46
C THR C 77 -26.02 -15.94 -71.55
N ILE C 78 -26.90 -15.15 -72.16
CA ILE C 78 -27.72 -14.21 -71.41
C ILE C 78 -29.18 -14.44 -71.77
N SER C 79 -29.80 -15.44 -71.16
CA SER C 79 -31.17 -15.79 -71.47
C SER C 79 -32.13 -14.67 -71.07
N ASP C 80 -33.20 -14.52 -71.87
CA ASP C 80 -34.21 -13.50 -71.67
C ASP C 80 -33.59 -12.12 -71.47
N LEU C 81 -33.28 -11.44 -72.57
CA LEU C 81 -32.67 -10.12 -72.47
C LEU C 81 -33.63 -9.11 -71.86
N ARG C 82 -33.17 -8.43 -70.83
CA ARG C 82 -33.86 -7.32 -70.20
C ARG C 82 -33.23 -6.00 -70.63
N PRO C 83 -33.97 -4.89 -70.54
CA PRO C 83 -33.44 -3.63 -71.08
C PRO C 83 -32.15 -3.13 -70.45
N GLU C 84 -31.89 -3.47 -69.18
CA GLU C 84 -30.71 -2.99 -68.46
C GLU C 84 -29.46 -3.84 -68.72
N ASP C 85 -29.33 -4.42 -69.91
CA ASP C 85 -28.22 -5.34 -70.19
C ASP C 85 -27.13 -4.74 -71.08
N GLU C 86 -27.32 -3.54 -71.62
CA GLU C 86 -26.35 -2.96 -72.54
C GLU C 86 -25.10 -2.54 -71.77
N THR C 87 -24.03 -3.30 -71.95
CA THR C 87 -22.75 -3.04 -71.31
C THR C 87 -21.69 -3.92 -71.97
N THR C 88 -20.44 -3.75 -71.55
CA THR C 88 -19.32 -4.52 -72.07
C THR C 88 -19.03 -5.69 -71.13
N TYR C 89 -18.83 -6.87 -71.70
CA TYR C 89 -18.62 -8.10 -70.93
C TYR C 89 -17.21 -8.61 -71.16
N TYR C 90 -16.49 -8.86 -70.06
CA TYR C 90 -15.11 -9.32 -70.11
C TYR C 90 -14.99 -10.68 -69.45
N CYS C 91 -14.12 -11.52 -70.00
CA CYS C 91 -13.80 -12.82 -69.40
C CYS C 91 -12.38 -12.80 -68.87
N CYS C 92 -12.10 -13.72 -67.96
CA CYS C 92 -10.79 -13.84 -67.33
C CYS C 92 -10.45 -15.31 -67.12
N SER C 93 -9.20 -15.65 -67.43
CA SER C 93 -8.67 -17.00 -67.23
C SER C 93 -7.77 -17.00 -66.00
N TYR C 94 -8.01 -17.94 -65.09
CA TYR C 94 -7.27 -17.96 -63.83
C TYR C 94 -7.23 -19.37 -63.28
N THR C 95 -6.27 -19.60 -62.39
CA THR C 95 -6.20 -20.79 -61.56
C THR C 95 -6.27 -20.36 -60.10
N HIS C 96 -6.03 -21.29 -59.19
CA HIS C 96 -6.19 -21.00 -57.76
C HIS C 96 -5.11 -20.06 -57.26
N ASN C 97 -3.87 -20.21 -57.73
CA ASN C 97 -2.73 -19.45 -57.24
C ASN C 97 -2.16 -18.51 -58.31
N SER C 98 -3.04 -17.91 -59.12
CA SER C 98 -2.59 -17.06 -60.21
C SER C 98 -3.31 -15.72 -60.22
N GLY C 99 -3.50 -15.15 -61.42
CA GLY C 99 -4.18 -13.89 -61.58
C GLY C 99 -5.17 -13.95 -62.71
N CYS C 100 -5.81 -12.81 -62.95
CA CYS C 100 -6.84 -12.70 -63.98
C CYS C 100 -6.22 -12.23 -65.29
N VAL C 101 -6.29 -13.08 -66.31
CA VAL C 101 -5.85 -12.73 -67.66
C VAL C 101 -7.09 -12.29 -68.41
N PHE C 102 -7.39 -11.00 -68.34
CA PHE C 102 -8.62 -10.45 -68.90
C PHE C 102 -8.67 -10.63 -70.42
N GLY C 103 -9.86 -10.42 -70.97
CA GLY C 103 -10.10 -10.55 -72.39
C GLY C 103 -10.20 -9.19 -73.08
N THR C 104 -10.56 -9.25 -74.37
CA THR C 104 -10.61 -8.06 -75.20
C THR C 104 -11.94 -7.32 -75.13
N GLY C 105 -12.99 -7.93 -74.61
CA GLY C 105 -14.24 -7.23 -74.43
C GLY C 105 -15.28 -7.61 -75.47
N THR C 106 -16.55 -7.49 -75.09
CA THR C 106 -17.66 -7.76 -76.00
C THR C 106 -18.81 -6.84 -75.62
N LYS C 107 -19.08 -5.85 -76.46
CA LYS C 107 -20.23 -4.96 -76.24
C LYS C 107 -21.49 -5.65 -76.72
N VAL C 108 -22.56 -5.52 -75.93
CA VAL C 108 -23.83 -6.18 -76.21
C VAL C 108 -24.92 -5.12 -76.26
N SER C 109 -25.70 -5.12 -77.35
CA SER C 109 -26.77 -4.16 -77.56
C SER C 109 -28.13 -4.85 -77.46
N VAL C 110 -29.09 -4.17 -76.84
CA VAL C 110 -30.42 -4.71 -76.63
C VAL C 110 -31.49 -3.87 -77.33
N LEU C 111 -31.07 -2.87 -78.11
CA LEU C 111 -31.99 -1.96 -78.79
C LEU C 111 -33.14 -2.71 -79.48
N GLY C 112 -34.36 -2.52 -78.98
CA GLY C 112 -35.51 -3.20 -79.52
C GLY C 112 -36.82 -2.51 -79.20
N GLU D 2 -30.74 -26.12 -54.64
CA GLU D 2 -30.76 -27.39 -55.37
C GLU D 2 -31.08 -28.54 -54.42
N ASN D 3 -30.55 -29.72 -54.74
CA ASN D 3 -30.68 -30.87 -53.86
C ASN D 3 -29.88 -30.64 -52.59
N LEU D 4 -30.49 -29.98 -51.60
CA LEU D 4 -29.83 -29.66 -50.35
C LEU D 4 -30.65 -30.21 -49.20
N TRP D 5 -30.06 -31.14 -48.46
CA TRP D 5 -30.64 -31.65 -47.23
C TRP D 5 -29.76 -31.24 -46.06
N VAL D 6 -30.39 -30.96 -44.91
CA VAL D 6 -29.64 -30.60 -43.72
C VAL D 6 -28.85 -31.82 -43.24
N THR D 7 -27.68 -31.56 -42.66
CA THR D 7 -26.85 -32.61 -42.07
C THR D 7 -26.37 -32.16 -40.70
N VAL D 8 -26.30 -33.13 -39.78
CA VAL D 8 -25.99 -32.86 -38.39
C VAL D 8 -24.48 -32.99 -38.18
N TYR D 9 -23.89 -32.03 -37.46
CA TYR D 9 -22.48 -32.03 -37.15
C TYR D 9 -22.32 -31.91 -35.65
N TYR D 10 -21.57 -32.84 -35.04
CA TYR D 10 -21.37 -32.90 -33.60
C TYR D 10 -19.92 -32.56 -33.29
N GLY D 11 -19.70 -31.39 -32.70
CA GLY D 11 -18.35 -30.97 -32.34
C GLY D 11 -17.87 -29.76 -33.11
N VAL D 12 -18.73 -28.76 -33.28
CA VAL D 12 -18.44 -27.60 -34.11
C VAL D 12 -17.92 -26.47 -33.23
N PRO D 13 -16.84 -25.79 -33.62
CA PRO D 13 -16.30 -24.72 -32.77
C PRO D 13 -17.21 -23.52 -32.65
N VAL D 14 -18.24 -23.62 -31.79
CA VAL D 14 -19.16 -22.52 -31.56
C VAL D 14 -19.51 -22.50 -30.07
N TRP D 15 -19.74 -21.29 -29.56
CA TRP D 15 -19.97 -21.11 -28.13
C TRP D 15 -20.91 -19.93 -27.90
N LYS D 16 -21.39 -19.82 -26.67
CA LYS D 16 -22.25 -18.73 -26.25
C LYS D 16 -21.75 -18.17 -24.92
N ASP D 17 -22.07 -16.90 -24.67
CA ASP D 17 -21.77 -16.31 -23.38
C ASP D 17 -22.68 -16.90 -22.33
N ALA D 18 -22.11 -17.58 -21.35
CA ALA D 18 -22.88 -18.10 -20.23
C ALA D 18 -22.19 -17.79 -18.91
N GLU D 19 -22.76 -18.30 -17.82
CA GLU D 19 -22.11 -18.22 -16.53
C GLU D 19 -22.43 -19.49 -15.76
N THR D 20 -21.40 -20.24 -15.40
CA THR D 20 -21.52 -21.51 -14.70
C THR D 20 -20.78 -21.41 -13.37
N THR D 21 -20.85 -22.47 -12.58
CA THR D 21 -20.11 -22.54 -11.33
C THR D 21 -18.69 -23.03 -11.61
N LEU D 22 -17.72 -22.16 -11.34
CA LEU D 22 -16.31 -22.52 -11.49
C LEU D 22 -15.82 -23.23 -10.23
N PHE D 23 -14.70 -23.93 -10.37
CA PHE D 23 -14.07 -24.62 -9.24
C PHE D 23 -12.59 -24.31 -9.24
N CYS D 24 -11.96 -24.54 -8.09
CA CYS D 24 -10.62 -24.06 -7.82
C CYS D 24 -9.56 -25.12 -8.08
N ALA D 25 -8.32 -24.65 -8.22
CA ALA D 25 -7.18 -25.52 -8.44
C ALA D 25 -5.93 -24.83 -7.90
N SER D 26 -5.13 -25.57 -7.14
CA SER D 26 -3.90 -25.07 -6.56
C SER D 26 -2.76 -26.06 -6.83
N ASP D 27 -1.60 -25.76 -6.26
CA ASP D 27 -0.40 -26.52 -6.59
C ASP D 27 0.06 -27.39 -5.42
N LYS D 35 0.86 -25.12 6.53
CA LYS D 35 -0.39 -24.97 7.28
C LYS D 35 -1.57 -24.73 6.34
N HIS D 36 -2.78 -25.01 6.82
CA HIS D 36 -3.98 -24.73 6.03
C HIS D 36 -4.11 -23.21 5.90
N ASN D 37 -4.34 -22.74 4.69
CA ASN D 37 -4.62 -21.33 4.51
C ASN D 37 -6.12 -21.11 4.36
N VAL D 38 -6.57 -19.92 4.77
CA VAL D 38 -7.99 -19.58 4.82
C VAL D 38 -8.70 -19.95 3.53
N TRP D 39 -7.99 -19.92 2.40
CA TRP D 39 -8.55 -20.21 1.09
C TRP D 39 -8.55 -21.69 0.75
N ALA D 40 -8.52 -22.56 1.79
CA ALA D 40 -8.66 -24.02 1.69
C ALA D 40 -8.02 -24.60 0.43
N THR D 41 -6.92 -23.99 -0.01
CA THR D 41 -6.26 -24.43 -1.23
C THR D 41 -5.90 -25.91 -1.20
N HIS D 42 -5.93 -26.53 -0.02
CA HIS D 42 -5.68 -27.96 0.08
C HIS D 42 -6.88 -28.77 -0.41
N ALA D 43 -8.07 -28.18 -0.36
CA ALA D 43 -9.28 -28.84 -0.85
C ALA D 43 -9.47 -28.68 -2.36
N CYS D 44 -8.63 -27.89 -3.03
CA CYS D 44 -8.75 -27.71 -4.47
C CYS D 44 -8.05 -28.83 -5.22
N VAL D 45 -8.46 -29.03 -6.46
CA VAL D 45 -7.85 -30.05 -7.31
C VAL D 45 -6.43 -29.62 -7.67
N PRO D 46 -5.46 -30.53 -7.77
CA PRO D 46 -4.10 -30.11 -8.11
C PRO D 46 -4.03 -29.47 -9.50
N THR D 47 -3.36 -28.31 -9.56
CA THR D 47 -3.10 -27.66 -10.83
C THR D 47 -2.28 -28.58 -11.73
N ASP D 48 -2.75 -28.78 -12.96
CA ASP D 48 -2.07 -29.65 -13.88
C ASP D 48 -0.70 -29.07 -14.23
N PRO D 49 0.35 -29.88 -14.25
CA PRO D 49 1.69 -29.35 -14.58
C PRO D 49 1.85 -28.95 -16.03
N ASN D 50 1.02 -29.49 -16.93
CA ASN D 50 1.02 -29.14 -18.35
C ASN D 50 -0.20 -28.28 -18.63
N PRO D 51 -0.09 -26.95 -18.56
CA PRO D 51 -1.26 -26.09 -18.77
C PRO D 51 -1.49 -25.86 -20.26
N GLN D 52 -2.57 -26.44 -20.78
CA GLN D 52 -2.89 -26.35 -22.19
C GLN D 52 -3.54 -25.01 -22.49
N GLU D 53 -2.87 -24.19 -23.30
CA GLU D 53 -3.41 -22.93 -23.80
C GLU D 53 -3.49 -23.03 -25.31
N ILE D 54 -4.71 -23.03 -25.85
CA ILE D 54 -4.94 -23.14 -27.28
C ILE D 54 -5.24 -21.76 -27.83
N HIS D 55 -4.48 -21.35 -28.85
CA HIS D 55 -4.66 -20.03 -29.45
C HIS D 55 -5.70 -20.11 -30.55
N LEU D 56 -6.68 -19.21 -30.51
CA LEU D 56 -7.79 -19.19 -31.46
C LEU D 56 -7.43 -18.22 -32.57
N GLU D 57 -6.87 -18.77 -33.65
CA GLU D 57 -6.53 -17.95 -34.80
C GLU D 57 -7.79 -17.36 -35.43
N ASN D 58 -7.65 -16.15 -35.95
CA ASN D 58 -8.69 -15.46 -36.71
C ASN D 58 -9.88 -15.04 -35.85
N VAL D 59 -9.94 -15.51 -34.61
CA VAL D 59 -11.10 -15.26 -33.77
C VAL D 59 -11.01 -13.87 -33.16
N THR D 60 -12.17 -13.23 -33.01
CA THR D 60 -12.29 -11.90 -32.40
C THR D 60 -13.51 -11.91 -31.49
N GLU D 61 -13.28 -11.83 -30.18
CA GLU D 61 -14.36 -11.91 -29.21
C GLU D 61 -14.57 -10.57 -28.52
N GLU D 62 -15.82 -10.32 -28.13
CA GLU D 62 -16.16 -9.15 -27.34
C GLU D 62 -16.01 -9.47 -25.86
N PHE D 63 -15.29 -8.60 -25.14
CA PHE D 63 -15.15 -8.72 -23.70
C PHE D 63 -15.79 -7.52 -23.02
N ASN D 64 -16.04 -7.68 -21.71
CA ASN D 64 -16.57 -6.60 -20.90
C ASN D 64 -16.27 -6.89 -19.43
N MET D 65 -15.07 -6.48 -18.99
CA MET D 65 -14.62 -6.76 -17.64
C MET D 65 -15.56 -6.23 -16.58
N TRP D 66 -16.47 -5.34 -16.94
CA TRP D 66 -17.35 -4.70 -15.97
C TRP D 66 -18.68 -5.43 -15.83
N LYS D 67 -18.95 -6.44 -16.65
CA LYS D 67 -20.08 -7.33 -16.48
C LYS D 67 -19.65 -8.73 -16.08
N ASN D 68 -18.35 -8.99 -16.04
CA ASN D 68 -17.83 -10.33 -15.83
C ASN D 68 -18.39 -10.94 -14.56
N ASN D 69 -18.96 -12.14 -14.68
CA ASN D 69 -19.51 -12.83 -13.52
C ASN D 69 -18.46 -13.57 -12.72
N MET D 70 -17.31 -13.88 -13.33
CA MET D 70 -16.21 -14.48 -12.56
C MET D 70 -15.85 -13.61 -11.38
N VAL D 71 -15.87 -12.29 -11.57
CA VAL D 71 -15.59 -11.36 -10.48
C VAL D 71 -16.63 -11.52 -9.36
N GLU D 72 -17.91 -11.41 -9.72
CA GLU D 72 -18.97 -11.53 -8.72
C GLU D 72 -18.95 -12.90 -8.07
N GLN D 73 -18.44 -13.92 -8.76
CA GLN D 73 -18.39 -15.26 -8.19
C GLN D 73 -17.19 -15.42 -7.28
N MET D 74 -16.03 -14.91 -7.71
CA MET D 74 -14.85 -14.95 -6.86
C MET D 74 -15.09 -14.21 -5.55
N HIS D 75 -15.75 -13.06 -5.62
CA HIS D 75 -15.92 -12.24 -4.42
C HIS D 75 -16.75 -12.95 -3.37
N THR D 76 -17.78 -13.68 -3.78
CA THR D 76 -18.56 -14.43 -2.79
C THR D 76 -17.87 -15.73 -2.40
N ASP D 77 -16.97 -16.25 -3.24
CA ASP D 77 -16.21 -17.43 -2.86
C ASP D 77 -15.23 -17.12 -1.74
N ILE D 78 -14.53 -15.99 -1.82
CA ILE D 78 -13.61 -15.60 -0.76
C ILE D 78 -14.36 -15.41 0.54
N ILE D 79 -15.41 -14.57 0.50
CA ILE D 79 -16.31 -14.36 1.63
C ILE D 79 -16.76 -15.70 2.18
N SER D 80 -17.14 -16.62 1.28
CA SER D 80 -17.59 -17.93 1.72
C SER D 80 -16.47 -18.75 2.36
N LEU D 81 -15.24 -18.63 1.86
CA LEU D 81 -14.12 -19.34 2.47
C LEU D 81 -13.67 -18.66 3.75
N TRP D 82 -13.80 -17.33 3.84
CA TRP D 82 -13.50 -16.64 5.10
C TRP D 82 -14.41 -17.14 6.21
N ASP D 83 -15.72 -17.13 5.96
CA ASP D 83 -16.67 -17.60 6.96
C ASP D 83 -16.44 -19.07 7.32
N GLN D 84 -15.98 -19.87 6.35
CA GLN D 84 -15.74 -21.28 6.64
C GLN D 84 -14.58 -21.45 7.61
N SER D 85 -13.56 -20.61 7.49
CA SER D 85 -12.34 -20.75 8.26
C SER D 85 -12.43 -20.14 9.65
N LEU D 86 -13.61 -19.72 10.09
CA LEU D 86 -13.78 -19.15 11.42
C LEU D 86 -14.79 -19.90 12.28
N LYS D 87 -15.49 -20.91 11.73
CA LYS D 87 -16.44 -21.66 12.53
C LYS D 87 -15.78 -22.41 13.68
N PRO D 88 -14.73 -23.21 13.47
CA PRO D 88 -14.17 -23.99 14.60
C PRO D 88 -13.44 -23.15 15.64
N CYS D 89 -13.23 -21.87 15.38
CA CYS D 89 -12.34 -21.07 16.22
C CYS D 89 -13.07 -20.49 17.42
N VAL D 90 -12.29 -20.08 18.43
CA VAL D 90 -12.85 -19.73 19.72
C VAL D 90 -13.61 -18.41 19.62
N LYS D 91 -14.68 -18.30 20.41
CA LYS D 91 -15.49 -17.08 20.45
C LYS D 91 -15.00 -16.22 21.61
N LEU D 92 -14.64 -14.97 21.33
CA LEU D 92 -14.14 -14.07 22.35
C LEU D 92 -15.24 -13.21 22.96
N THR D 93 -16.44 -13.75 23.12
CA THR D 93 -17.51 -12.98 23.76
C THR D 93 -17.27 -12.79 25.27
N PRO D 94 -16.65 -13.72 26.00
CA PRO D 94 -16.27 -13.41 27.38
C PRO D 94 -15.29 -12.26 27.49
N LEU D 95 -14.60 -11.90 26.41
CA LEU D 95 -13.73 -10.74 26.43
C LEU D 95 -14.49 -9.42 26.46
N CYS D 96 -15.79 -9.42 26.14
CA CYS D 96 -16.59 -8.19 26.16
C CYS D 96 -16.96 -7.84 27.59
N VAL D 97 -15.93 -7.40 28.33
CA VAL D 97 -16.05 -7.05 29.74
C VAL D 97 -15.30 -5.73 29.93
N THR D 98 -15.58 -5.07 31.05
CA THR D 98 -14.97 -3.78 31.33
C THR D 98 -13.47 -3.91 31.53
N LEU D 99 -12.70 -3.06 30.85
CA LEU D 99 -11.24 -3.10 30.89
C LEU D 99 -10.71 -1.91 31.69
N GLN D 100 -9.64 -2.15 32.45
CA GLN D 100 -8.90 -1.10 33.15
C GLN D 100 -7.60 -0.88 32.42
N CYS D 101 -7.49 0.23 31.69
CA CYS D 101 -6.39 0.44 30.75
C CYS D 101 -5.54 1.63 31.17
N THR D 102 -4.23 1.49 30.98
CA THR D 102 -3.26 2.55 31.20
C THR D 102 -2.36 2.63 29.98
N ASN D 103 -1.80 3.82 29.72
CA ASN D 103 -0.83 3.96 28.65
C ASN D 103 0.39 3.07 28.93
N VAL D 104 1.15 2.80 27.88
CA VAL D 104 2.42 2.08 28.00
C VAL D 104 3.54 3.12 28.02
N THR D 105 4.56 2.86 28.83
CA THR D 105 5.67 3.81 29.00
C THR D 105 6.46 3.98 27.70
N ARG D 113 1.80 8.76 20.05
CA ARG D 113 1.96 8.76 21.51
C ARG D 113 0.64 8.43 22.19
N GLY D 114 0.67 7.43 23.08
CA GLY D 114 -0.54 6.94 23.69
C GLY D 114 -1.36 6.03 22.81
N GLU D 115 -0.75 5.45 21.78
CA GLU D 115 -1.46 4.57 20.85
C GLU D 115 -1.80 3.24 21.52
N LEU D 116 -0.79 2.43 21.83
CA LEU D 116 -1.06 1.12 22.41
C LEU D 116 -1.27 1.22 23.91
N LYS D 117 -2.25 0.47 24.40
CA LYS D 117 -2.69 0.50 25.79
C LYS D 117 -2.31 -0.79 26.50
N ASN D 118 -2.53 -0.80 27.82
CA ASN D 118 -2.19 -1.92 28.69
C ASN D 118 -3.40 -2.15 29.59
N CYS D 119 -4.16 -3.21 29.32
CA CYS D 119 -5.51 -3.37 29.83
C CYS D 119 -5.62 -4.65 30.65
N SER D 120 -6.09 -4.50 31.89
CA SER D 120 -6.32 -5.61 32.82
C SER D 120 -7.80 -5.77 33.09
N PHE D 121 -8.27 -7.01 33.10
CA PHE D 121 -9.68 -7.32 33.29
C PHE D 121 -9.82 -8.59 34.11
N ASN D 122 -11.02 -8.79 34.65
CA ASN D 122 -11.38 -10.05 35.30
C ASN D 122 -11.89 -11.02 34.23
N MET D 123 -11.30 -12.21 34.18
CA MET D 123 -11.59 -13.16 33.11
C MET D 123 -11.96 -14.51 33.71
N THR D 124 -12.77 -15.26 32.96
CA THR D 124 -13.20 -16.58 33.38
C THR D 124 -12.06 -17.58 33.20
N THR D 125 -11.91 -18.47 34.17
CA THR D 125 -10.89 -19.50 34.08
C THR D 125 -11.49 -20.77 33.48
N GLU D 126 -10.79 -21.89 33.64
CA GLU D 126 -11.33 -23.16 33.17
C GLU D 126 -12.42 -23.69 34.10
N LEU D 127 -12.46 -23.22 35.34
CA LEU D 127 -13.56 -23.49 36.25
C LEU D 127 -14.58 -22.36 36.17
N ARG D 128 -15.86 -22.73 36.19
CA ARG D 128 -16.93 -21.76 35.94
C ARG D 128 -17.23 -20.88 37.15
N ASP D 129 -16.62 -21.15 38.30
CA ASP D 129 -16.84 -20.36 39.50
C ASP D 129 -15.60 -19.61 39.94
N LYS D 130 -14.55 -19.58 39.13
CA LYS D 130 -13.30 -18.91 39.45
C LYS D 130 -12.99 -17.85 38.41
N LYS D 131 -12.48 -16.72 38.86
CA LYS D 131 -12.05 -15.65 37.98
C LYS D 131 -10.52 -15.57 37.98
N GLN D 132 -10.00 -14.67 37.16
CA GLN D 132 -8.57 -14.38 37.11
C GLN D 132 -8.38 -12.96 36.61
N LYS D 133 -7.47 -12.22 37.24
CA LYS D 133 -7.19 -10.85 36.84
C LYS D 133 -6.00 -10.88 35.91
N VAL D 134 -6.28 -10.99 34.60
CA VAL D 134 -5.25 -11.05 33.59
C VAL D 134 -5.13 -9.65 32.96
N TYR D 135 -4.00 -9.42 32.31
CA TYR D 135 -3.78 -8.18 31.56
C TYR D 135 -3.35 -8.52 30.15
N SER D 136 -3.70 -7.63 29.23
CA SER D 136 -3.32 -7.76 27.82
C SER D 136 -3.19 -6.38 27.22
N LEU D 137 -2.33 -6.27 26.23
CA LEU D 137 -2.13 -5.04 25.49
C LEU D 137 -3.10 -4.98 24.32
N PHE D 138 -3.59 -3.78 24.03
CA PHE D 138 -4.51 -3.57 22.92
C PHE D 138 -4.16 -2.26 22.23
N TYR D 139 -4.21 -2.27 20.89
CA TYR D 139 -4.05 -1.04 20.15
C TYR D 139 -5.24 -0.13 20.41
N ARG D 140 -5.03 1.18 20.21
CA ARG D 140 -6.08 2.16 20.49
C ARG D 140 -7.35 1.85 19.71
N LEU D 141 -7.20 1.50 18.43
CA LEU D 141 -8.33 1.34 17.52
C LEU D 141 -9.25 0.19 17.91
N ASP D 142 -8.91 -0.58 18.95
CA ASP D 142 -9.70 -1.73 19.33
C ASP D 142 -10.53 -1.50 20.58
N VAL D 143 -10.40 -0.34 21.24
CA VAL D 143 -11.06 -0.08 22.51
C VAL D 143 -11.80 1.25 22.44
N VAL D 144 -12.74 1.43 23.39
CA VAL D 144 -13.45 2.69 23.58
C VAL D 144 -13.73 2.87 25.07
N GLN D 145 -13.87 4.13 25.48
CA GLN D 145 -14.04 4.46 26.90
C GLN D 145 -15.50 4.28 27.34
N ILE D 146 -15.72 4.55 28.63
CA ILE D 146 -17.06 4.52 29.21
C ILE D 146 -17.39 5.87 29.84
N ASN D 158 -6.26 4.80 36.38
CA ASN D 158 -6.98 3.84 35.55
C ASN D 158 -8.23 4.47 34.94
N LYS D 159 -8.41 4.26 33.64
CA LYS D 159 -9.64 4.60 32.93
C LYS D 159 -10.30 3.32 32.44
N GLU D 160 -11.62 3.36 32.34
CA GLU D 160 -12.41 2.16 32.01
C GLU D 160 -12.70 2.12 30.52
N TYR D 161 -12.29 1.03 29.88
CA TYR D 161 -12.46 0.85 28.44
C TYR D 161 -13.26 -0.42 28.12
N ARG D 162 -13.28 -0.78 26.84
CA ARG D 162 -14.14 -1.83 26.31
C ARG D 162 -13.77 -2.07 24.86
N LEU D 163 -13.85 -3.32 24.42
CA LEU D 163 -13.54 -3.64 23.02
C LEU D 163 -14.55 -2.99 22.09
N ILE D 164 -14.09 -2.65 20.88
CA ILE D 164 -14.88 -1.81 19.99
C ILE D 164 -16.13 -2.52 19.52
N ASN D 165 -16.03 -3.84 19.30
CA ASN D 165 -17.11 -4.59 18.65
C ASN D 165 -18.29 -4.88 19.57
N CYS D 166 -18.12 -4.72 20.90
CA CYS D 166 -19.06 -5.33 21.83
C CYS D 166 -20.49 -4.86 21.63
N ASN D 167 -20.69 -3.59 21.24
CA ASN D 167 -22.04 -3.06 21.11
C ASN D 167 -22.63 -3.26 19.72
N THR D 168 -21.93 -3.95 18.83
CA THR D 168 -22.43 -4.17 17.49
C THR D 168 -22.49 -5.64 17.11
N SER D 169 -21.45 -6.41 17.41
CA SER D 169 -21.30 -7.73 16.84
C SER D 169 -20.55 -8.63 17.82
N ALA D 170 -20.87 -9.92 17.77
CA ALA D 170 -20.00 -10.91 18.39
C ALA D 170 -18.66 -10.94 17.65
N ILE D 171 -17.69 -11.61 18.26
CA ILE D 171 -16.32 -11.55 17.78
C ILE D 171 -15.73 -12.96 17.88
N THR D 172 -14.94 -13.34 16.88
CA THR D 172 -14.36 -14.67 16.80
C THR D 172 -12.86 -14.57 16.53
N GLN D 173 -12.07 -15.20 17.39
CA GLN D 173 -10.62 -15.19 17.24
C GLN D 173 -10.21 -16.08 16.08
N ALA D 174 -9.41 -15.53 15.16
CA ALA D 174 -8.88 -16.32 14.06
C ALA D 174 -8.03 -17.45 14.60
N CYS D 175 -8.29 -18.67 14.12
CA CYS D 175 -7.50 -19.82 14.53
C CYS D 175 -6.03 -19.56 14.21
N PRO D 176 -5.13 -19.73 15.17
CA PRO D 176 -3.74 -19.29 14.96
C PRO D 176 -2.91 -20.24 14.14
N LYS D 177 -3.54 -21.19 13.44
CA LYS D 177 -2.83 -22.09 12.56
C LYS D 177 -3.21 -21.92 11.09
N VAL D 178 -4.25 -21.15 10.78
CA VAL D 178 -4.58 -20.81 9.41
C VAL D 178 -3.81 -19.56 9.03
N SER D 179 -3.38 -19.49 7.77
CA SER D 179 -2.55 -18.40 7.29
C SER D 179 -3.36 -17.49 6.37
N PHE D 180 -3.16 -16.18 6.52
CA PHE D 180 -3.75 -15.18 5.64
C PHE D 180 -2.94 -14.99 4.36
N GLU D 181 -1.99 -15.88 4.10
CA GLU D 181 -1.12 -15.71 2.94
C GLU D 181 -1.91 -15.89 1.66
N PRO D 182 -1.91 -14.90 0.76
CA PRO D 182 -2.47 -15.13 -0.58
C PRO D 182 -1.73 -16.26 -1.27
N ILE D 183 -2.47 -17.32 -1.59
CA ILE D 183 -1.92 -18.44 -2.36
C ILE D 183 -2.51 -18.36 -3.76
N PRO D 184 -1.71 -18.58 -4.81
CA PRO D 184 -2.26 -18.56 -6.17
C PRO D 184 -3.40 -19.56 -6.34
N ILE D 185 -4.56 -19.03 -6.69
CA ILE D 185 -5.76 -19.83 -6.97
C ILE D 185 -6.04 -19.77 -8.47
N HIS D 186 -6.45 -20.90 -9.04
CA HIS D 186 -6.85 -20.99 -10.44
C HIS D 186 -8.33 -21.37 -10.51
N TYR D 187 -9.13 -20.53 -11.17
CA TYR D 187 -10.53 -20.85 -11.42
C TYR D 187 -10.64 -21.67 -12.71
N CYS D 188 -11.30 -22.81 -12.62
CA CYS D 188 -11.48 -23.70 -13.76
C CYS D 188 -12.95 -23.81 -14.12
N ALA D 189 -13.22 -23.93 -15.39
CA ALA D 189 -14.59 -24.11 -15.88
C ALA D 189 -14.89 -25.60 -16.04
N PRO D 190 -16.16 -26.00 -15.90
CA PRO D 190 -16.49 -27.43 -16.01
C PRO D 190 -16.25 -27.95 -17.42
N ALA D 191 -16.45 -29.25 -17.61
CA ALA D 191 -16.35 -29.81 -18.95
C ALA D 191 -17.53 -29.35 -19.80
N GLY D 192 -17.26 -29.01 -21.05
CA GLY D 192 -18.26 -28.43 -21.90
C GLY D 192 -18.33 -26.92 -21.84
N PHE D 193 -17.59 -26.29 -20.94
CA PHE D 193 -17.39 -24.85 -20.90
C PHE D 193 -15.92 -24.55 -21.18
N ALA D 194 -15.63 -23.28 -21.45
CA ALA D 194 -14.25 -22.86 -21.63
C ALA D 194 -14.09 -21.43 -21.12
N ILE D 195 -12.83 -21.04 -20.97
CA ILE D 195 -12.45 -19.68 -20.63
C ILE D 195 -11.66 -19.09 -21.78
N LEU D 196 -11.99 -17.86 -22.15
CA LEU D 196 -11.33 -17.19 -23.28
C LEU D 196 -10.44 -16.08 -22.73
N LYS D 197 -9.12 -16.24 -22.90
CA LYS D 197 -8.18 -15.22 -22.49
C LYS D 197 -8.25 -14.03 -23.44
N CYS D 198 -7.37 -13.05 -23.23
CA CYS D 198 -7.25 -11.92 -24.14
C CYS D 198 -5.77 -11.57 -24.24
N LYS D 199 -5.15 -11.91 -25.37
CA LYS D 199 -3.71 -11.72 -25.57
C LYS D 199 -3.33 -10.30 -25.96
N ASP D 200 -4.29 -9.37 -26.01
CA ASP D 200 -4.02 -8.03 -26.52
C ASP D 200 -3.24 -7.25 -25.48
N LYS D 201 -1.98 -6.92 -25.81
CA LYS D 201 -1.08 -6.31 -24.83
C LYS D 201 -1.57 -4.94 -24.39
N LYS D 202 -2.35 -4.25 -25.24
CA LYS D 202 -2.85 -2.92 -24.92
C LYS D 202 -4.36 -2.92 -24.76
N PHE D 203 -4.94 -4.07 -24.44
CA PHE D 203 -6.39 -4.20 -24.32
C PHE D 203 -6.89 -3.44 -23.09
N ASN D 204 -7.74 -2.44 -23.31
CA ASN D 204 -8.37 -1.78 -22.18
C ASN D 204 -9.56 -2.61 -21.72
N GLY D 205 -10.46 -2.00 -20.96
CA GLY D 205 -11.57 -2.71 -20.34
C GLY D 205 -12.44 -3.55 -21.27
N THR D 206 -13.14 -2.90 -22.17
CA THR D 206 -14.13 -3.53 -23.04
C THR D 206 -13.60 -3.57 -24.48
N GLY D 207 -14.45 -4.03 -25.39
CA GLY D 207 -14.12 -4.03 -26.80
C GLY D 207 -13.84 -5.42 -27.34
N PRO D 208 -13.51 -5.48 -28.64
CA PRO D 208 -13.26 -6.77 -29.27
C PRO D 208 -11.78 -7.16 -29.28
N CYS D 209 -11.42 -8.18 -28.51
CA CYS D 209 -10.04 -8.61 -28.38
C CYS D 209 -9.55 -9.19 -29.71
N PRO D 210 -8.55 -8.59 -30.37
CA PRO D 210 -8.09 -9.15 -31.66
C PRO D 210 -7.51 -10.55 -31.53
N SER D 211 -6.56 -10.75 -30.62
CA SER D 211 -5.96 -12.05 -30.38
C SER D 211 -6.61 -12.70 -29.16
N VAL D 212 -7.12 -13.91 -29.35
CA VAL D 212 -7.86 -14.63 -28.32
C VAL D 212 -7.33 -16.05 -28.24
N SER D 213 -7.29 -16.59 -27.01
CA SER D 213 -6.96 -17.99 -26.81
C SER D 213 -7.90 -18.58 -25.76
N THR D 214 -7.97 -19.90 -25.73
CA THR D 214 -8.84 -20.61 -24.80
C THR D 214 -8.00 -21.40 -23.80
N VAL D 215 -8.41 -21.33 -22.53
CA VAL D 215 -7.72 -22.00 -21.44
C VAL D 215 -8.77 -22.73 -20.60
N GLN D 216 -8.31 -23.74 -19.88
CA GLN D 216 -9.20 -24.48 -19.00
C GLN D 216 -9.31 -23.83 -17.62
N CYS D 217 -8.25 -23.19 -17.15
CA CYS D 217 -8.25 -22.49 -15.87
C CYS D 217 -7.54 -21.15 -16.04
N THR D 218 -7.74 -20.27 -15.07
CA THR D 218 -7.04 -18.99 -15.11
C THR D 218 -5.63 -19.15 -14.54
N HIS D 219 -4.83 -18.09 -14.72
CA HIS D 219 -3.49 -18.08 -14.16
C HIS D 219 -3.55 -18.05 -12.64
N GLY D 220 -2.37 -18.12 -12.02
CA GLY D 220 -2.28 -18.14 -10.57
C GLY D 220 -2.67 -16.82 -9.93
N ILE D 221 -3.94 -16.66 -9.57
CA ILE D 221 -4.44 -15.41 -9.02
C ILE D 221 -4.29 -15.44 -7.50
N LYS D 222 -3.55 -14.48 -6.97
CA LYS D 222 -3.38 -14.35 -5.53
C LYS D 222 -4.49 -13.47 -4.96
N PRO D 223 -5.31 -13.97 -4.06
CA PRO D 223 -6.43 -13.17 -3.52
C PRO D 223 -5.97 -12.15 -2.48
N VAL D 224 -5.21 -11.17 -2.92
CA VAL D 224 -4.66 -10.15 -2.03
C VAL D 224 -5.77 -9.15 -1.71
N VAL D 225 -6.16 -9.09 -0.44
CA VAL D 225 -7.09 -8.09 0.04
C VAL D 225 -6.31 -6.81 0.35
N SER D 226 -6.61 -5.74 -0.37
CA SER D 226 -5.84 -4.50 -0.27
C SER D 226 -6.77 -3.31 -0.45
N THR D 227 -6.20 -2.11 -0.28
CA THR D 227 -6.93 -0.87 -0.51
C THR D 227 -6.01 0.17 -1.14
N GLN D 228 -6.55 0.92 -2.11
CA GLN D 228 -5.87 2.03 -2.77
C GLN D 228 -4.71 1.55 -3.65
N LEU D 229 -3.83 0.72 -3.11
CA LEU D 229 -2.65 0.25 -3.82
C LEU D 229 -2.79 -1.24 -4.05
N LEU D 230 -2.88 -1.66 -5.30
CA LEU D 230 -3.02 -3.07 -5.62
C LEU D 230 -1.66 -3.76 -5.46
N LEU D 231 -1.59 -4.72 -4.55
CA LEU D 231 -0.33 -5.35 -4.19
C LEU D 231 -0.13 -6.68 -4.89
N ASN D 232 1.13 -7.03 -5.13
CA ASN D 232 1.57 -8.35 -5.58
C ASN D 232 0.81 -8.90 -6.78
N GLY D 233 0.08 -8.04 -7.50
CA GLY D 233 -0.73 -8.48 -8.62
C GLY D 233 0.07 -8.66 -9.89
N SER D 234 -0.67 -8.81 -10.99
CA SER D 234 -0.07 -9.02 -12.30
C SER D 234 0.09 -7.69 -13.02
N LEU D 235 1.26 -7.51 -13.64
CA LEU D 235 1.59 -6.25 -14.30
C LEU D 235 0.96 -6.19 -15.69
N ALA D 236 1.17 -5.06 -16.36
CA ALA D 236 0.75 -4.87 -17.73
C ALA D 236 1.99 -4.91 -18.62
N GLU D 237 1.90 -5.64 -19.73
CA GLU D 237 2.96 -5.59 -20.71
C GLU D 237 2.88 -4.29 -21.52
N GLU D 238 3.95 -4.00 -22.26
CA GLU D 238 4.06 -2.76 -23.03
C GLU D 238 3.91 -1.54 -22.13
N GLU D 239 2.79 -0.83 -22.26
CA GLU D 239 2.55 0.42 -21.56
C GLU D 239 1.68 0.20 -20.33
N VAL D 240 1.65 1.22 -19.48
CA VAL D 240 0.76 1.19 -18.32
C VAL D 240 -0.66 1.46 -18.79
N MET D 241 -1.57 0.56 -18.46
CA MET D 241 -2.96 0.69 -18.86
C MET D 241 -3.74 1.49 -17.82
N ILE D 242 -4.93 1.92 -18.22
CA ILE D 242 -5.91 2.53 -17.33
C ILE D 242 -7.29 2.08 -17.80
N ARG D 243 -8.10 1.57 -16.88
CA ARG D 243 -9.42 1.06 -17.22
C ARG D 243 -10.49 1.72 -16.37
N SER D 244 -11.68 1.83 -16.94
CA SER D 244 -12.86 2.34 -16.25
C SER D 244 -14.08 2.08 -17.13
N GLU D 245 -15.24 1.94 -16.48
CA GLU D 245 -16.50 1.88 -17.20
C GLU D 245 -16.69 3.17 -17.99
N ASN D 246 -17.13 4.21 -17.30
CA ASN D 246 -17.18 5.56 -17.86
C ASN D 246 -16.15 6.39 -17.10
N ILE D 247 -15.01 6.66 -17.74
CA ILE D 247 -14.01 7.51 -17.12
C ILE D 247 -14.52 8.94 -16.97
N THR D 248 -15.49 9.35 -17.78
CA THR D 248 -16.15 10.62 -17.59
C THR D 248 -17.08 10.61 -16.39
N ASN D 249 -17.42 9.43 -15.89
CA ASN D 249 -18.23 9.30 -14.67
C ASN D 249 -17.29 9.32 -13.47
N ASN D 250 -17.46 10.33 -12.61
CA ASN D 250 -16.61 10.47 -11.44
C ASN D 250 -16.88 9.40 -10.38
N ALA D 251 -18.07 8.80 -10.38
CA ALA D 251 -18.44 7.78 -9.41
C ALA D 251 -17.97 6.39 -9.80
N LYS D 252 -17.05 6.27 -10.76
CA LYS D 252 -16.50 4.98 -11.17
C LYS D 252 -15.01 4.98 -10.90
N ASN D 253 -14.57 4.05 -10.05
CA ASN D 253 -13.17 3.94 -9.72
C ASN D 253 -12.33 3.66 -10.96
N ILE D 254 -11.23 4.38 -11.09
CA ILE D 254 -10.28 4.14 -12.17
C ILE D 254 -9.34 3.02 -11.74
N LEU D 255 -9.22 1.99 -12.56
CA LEU D 255 -8.36 0.84 -12.26
C LEU D 255 -7.10 0.96 -13.11
N VAL D 256 -6.09 1.64 -12.58
CA VAL D 256 -4.83 1.81 -13.30
C VAL D 256 -3.92 0.66 -12.95
N GLN D 257 -3.30 0.07 -13.97
CA GLN D 257 -2.43 -1.09 -13.82
C GLN D 257 -1.03 -0.74 -14.28
N PHE D 258 -0.05 -0.91 -13.40
CA PHE D 258 1.32 -0.57 -13.74
C PHE D 258 1.92 -1.58 -14.69
N ASN D 259 3.01 -1.17 -15.34
CA ASN D 259 3.84 -2.05 -16.16
C ASN D 259 5.18 -2.37 -15.52
N THR D 260 5.70 -1.45 -14.71
CA THR D 260 6.88 -1.66 -13.90
C THR D 260 6.47 -1.59 -12.43
N PRO D 261 6.80 -2.59 -11.62
CA PRO D 261 6.40 -2.55 -10.22
C PRO D 261 7.28 -1.60 -9.43
N VAL D 262 6.63 -0.79 -8.58
CA VAL D 262 7.31 0.02 -7.58
C VAL D 262 7.28 -0.74 -6.26
N GLN D 263 8.46 -0.93 -5.67
CA GLN D 263 8.56 -1.77 -4.48
C GLN D 263 8.22 -0.99 -3.23
N ILE D 264 7.47 -1.63 -2.33
CA ILE D 264 7.09 -1.05 -1.05
C ILE D 264 7.50 -2.02 0.06
N ASN D 265 8.15 -1.49 1.09
CA ASN D 265 8.62 -2.28 2.24
C ASN D 265 7.90 -1.82 3.48
N CYS D 266 7.26 -2.75 4.18
CA CYS D 266 6.52 -2.44 5.38
C CYS D 266 7.07 -3.25 6.55
N THR D 267 7.03 -2.63 7.74
CA THR D 267 7.48 -3.31 8.95
C THR D 267 6.76 -2.74 10.16
N ARG D 268 6.31 -3.63 11.04
CA ARG D 268 6.08 -3.28 12.43
C ARG D 268 7.30 -3.69 13.23
N PRO D 269 8.04 -2.75 13.79
CA PRO D 269 9.34 -3.11 14.36
C PRO D 269 9.29 -3.53 15.82
N ASN D 270 8.18 -3.30 16.51
CA ASN D 270 8.03 -3.75 17.88
C ASN D 270 8.20 -5.27 17.96
N ASN D 271 8.87 -5.74 19.02
CA ASN D 271 9.06 -7.16 19.25
C ASN D 271 7.97 -7.63 20.20
N ASN D 272 6.80 -7.91 19.63
CA ASN D 272 5.63 -8.31 20.40
C ASN D 272 5.76 -9.76 20.89
N THR D 273 4.98 -10.09 21.91
CA THR D 273 4.94 -11.43 22.47
C THR D 273 3.51 -11.86 22.69
N ARG D 274 3.27 -13.15 22.49
CA ARG D 274 1.94 -13.75 22.58
C ARG D 274 1.79 -14.50 23.90
N LYS D 275 0.62 -14.34 24.53
CA LYS D 275 0.35 -14.89 25.85
C LYS D 275 -0.98 -15.61 25.84
N SER D 276 -0.96 -16.92 26.07
CA SER D 276 -2.20 -17.70 26.10
C SER D 276 -2.94 -17.49 27.43
N ILE D 277 -4.26 -17.36 27.34
CA ILE D 277 -5.12 -17.14 28.51
C ILE D 277 -6.26 -18.14 28.43
N ARG D 278 -6.24 -19.15 29.30
CA ARG D 278 -7.30 -20.14 29.31
C ARG D 278 -8.58 -19.50 29.82
N ILE D 279 -9.54 -19.26 28.93
CA ILE D 279 -10.80 -18.63 29.31
C ILE D 279 -11.93 -19.65 29.45
N GLY D 280 -11.66 -20.92 29.20
CA GLY D 280 -12.64 -21.97 29.37
C GLY D 280 -12.04 -23.32 29.05
N PRO D 281 -12.83 -24.37 29.17
CA PRO D 281 -12.34 -25.70 28.74
C PRO D 281 -12.02 -25.69 27.26
N GLY D 282 -10.74 -25.87 26.95
CA GLY D 282 -10.31 -25.95 25.56
C GLY D 282 -10.35 -24.62 24.85
N GLN D 283 -10.58 -23.53 25.59
CA GLN D 283 -10.74 -22.19 25.02
C GLN D 283 -9.59 -21.32 25.52
N ALA D 284 -8.68 -20.95 24.61
CA ALA D 284 -7.52 -20.14 24.94
C ALA D 284 -7.51 -18.88 24.09
N PHE D 285 -7.56 -17.72 24.74
CA PHE D 285 -7.44 -16.43 24.06
C PHE D 285 -5.99 -16.00 24.05
N TYR D 286 -5.46 -15.72 22.86
CA TYR D 286 -4.06 -15.32 22.71
C TYR D 286 -3.98 -13.80 22.84
N ALA D 287 -3.36 -13.34 23.92
CA ALA D 287 -3.26 -11.92 24.24
C ALA D 287 -1.85 -11.41 23.97
N THR D 288 -1.76 -10.11 23.71
CA THR D 288 -0.46 -9.47 23.50
C THR D 288 0.21 -9.28 24.86
N GLY D 289 1.29 -10.02 25.09
CA GLY D 289 1.96 -10.03 26.38
C GLY D 289 2.63 -8.71 26.75
N ASP D 290 3.77 -8.42 26.13
CA ASP D 290 4.45 -7.15 26.32
C ASP D 290 5.47 -6.98 25.21
N ILE D 291 5.92 -5.75 25.03
CA ILE D 291 6.89 -5.42 24.00
C ILE D 291 8.29 -5.63 24.56
N ILE D 292 9.12 -6.36 23.82
CA ILE D 292 10.47 -6.70 24.25
C ILE D 292 11.40 -5.74 23.52
N GLY D 293 11.72 -4.61 24.16
CA GLY D 293 12.69 -3.68 23.62
C GLY D 293 12.05 -2.34 23.25
N ASP D 294 12.52 -1.77 22.15
CA ASP D 294 12.08 -0.44 21.76
C ASP D 294 10.62 -0.42 21.32
N ILE D 295 9.93 0.66 21.63
CA ILE D 295 8.60 0.93 21.12
C ILE D 295 8.75 1.87 19.92
N ARG D 296 8.35 1.39 18.74
CA ARG D 296 8.56 2.15 17.51
C ARG D 296 7.28 2.18 16.67
N GLN D 297 7.31 2.98 15.61
CA GLN D 297 6.18 3.13 14.70
C GLN D 297 6.25 2.11 13.58
N ALA D 298 5.09 1.61 13.18
CA ALA D 298 4.99 0.82 11.95
C ALA D 298 4.83 1.75 10.76
N HIS D 299 5.39 1.34 9.62
CA HIS D 299 5.47 2.24 8.48
C HIS D 299 5.78 1.44 7.23
N CYS D 300 5.81 2.13 6.10
CA CYS D 300 6.19 1.55 4.81
C CYS D 300 7.06 2.53 4.04
N ASN D 301 8.04 1.98 3.32
CA ASN D 301 8.91 2.75 2.45
C ASN D 301 8.63 2.43 0.99
N VAL D 302 8.59 3.47 0.16
CA VAL D 302 8.66 3.33 -1.29
C VAL D 302 9.79 4.22 -1.79
N SER D 303 10.41 3.80 -2.89
CA SER D 303 11.44 4.62 -3.51
C SER D 303 10.80 5.87 -4.10
N LYS D 304 11.25 7.05 -3.63
CA LYS D 304 10.66 8.29 -4.12
C LYS D 304 10.96 8.51 -5.60
N ALA D 305 12.11 8.02 -6.07
CA ALA D 305 12.42 8.14 -7.49
C ALA D 305 11.51 7.23 -8.32
N THR D 306 11.45 5.95 -7.97
CA THR D 306 10.63 5.00 -8.73
C THR D 306 9.14 5.35 -8.64
N TRP D 307 8.70 5.92 -7.52
CA TRP D 307 7.32 6.36 -7.41
C TRP D 307 7.08 7.65 -8.19
N ASN D 308 8.12 8.46 -8.37
CA ASN D 308 7.99 9.66 -9.21
C ASN D 308 7.81 9.28 -10.68
N GLU D 309 8.65 8.36 -11.17
CA GLU D 309 8.57 7.97 -12.57
C GLU D 309 7.33 7.14 -12.86
N THR D 310 6.80 6.44 -11.85
CA THR D 310 5.57 5.67 -12.04
C THR D 310 4.35 6.58 -12.07
N LEU D 311 4.30 7.58 -11.18
CA LEU D 311 3.25 8.58 -11.26
C LEU D 311 3.29 9.31 -12.60
N GLY D 312 4.48 9.50 -13.16
CA GLY D 312 4.57 10.12 -14.48
C GLY D 312 3.97 9.26 -15.57
N LYS D 313 4.33 7.97 -15.58
CA LYS D 313 3.71 7.05 -16.54
C LYS D 313 2.20 7.05 -16.42
N VAL D 314 1.69 7.16 -15.19
CA VAL D 314 0.25 7.23 -14.99
C VAL D 314 -0.29 8.55 -15.51
N VAL D 315 0.39 9.65 -15.17
CA VAL D 315 -0.09 10.97 -15.57
C VAL D 315 -0.06 11.14 -17.08
N LYS D 316 0.80 10.38 -17.77
CA LYS D 316 0.84 10.43 -19.22
C LYS D 316 -0.44 9.86 -19.83
N GLN D 317 -0.77 8.62 -19.49
CA GLN D 317 -2.00 8.01 -20.00
C GLN D 317 -3.24 8.68 -19.45
N LEU D 318 -3.10 9.50 -18.41
CA LEU D 318 -4.25 10.25 -17.91
C LEU D 318 -4.60 11.41 -18.84
N ARG D 319 -3.63 11.90 -19.60
CA ARG D 319 -3.88 13.00 -20.53
C ARG D 319 -4.61 12.52 -21.78
N LYS D 320 -4.38 11.27 -22.20
CA LYS D 320 -5.04 10.74 -23.39
C LYS D 320 -6.55 10.79 -23.29
N HIS D 321 -7.10 10.92 -22.07
CA HIS D 321 -8.54 10.95 -21.86
C HIS D 321 -9.05 12.31 -21.42
N PHE D 322 -8.17 13.20 -20.96
CA PHE D 322 -8.59 14.47 -20.36
C PHE D 322 -8.00 15.71 -21.02
N GLY D 323 -6.94 15.58 -21.81
CA GLY D 323 -6.37 16.73 -22.47
C GLY D 323 -4.87 16.86 -22.31
N ASN D 324 -4.18 17.25 -23.37
CA ASN D 324 -2.74 17.43 -23.31
C ASN D 324 -2.33 18.68 -22.54
N ASN D 325 -3.26 19.62 -22.33
CA ASN D 325 -2.94 20.87 -21.66
C ASN D 325 -3.47 20.95 -20.23
N THR D 326 -4.53 20.20 -19.92
CA THR D 326 -5.07 20.23 -18.57
C THR D 326 -4.08 19.62 -17.58
N ILE D 327 -4.10 20.14 -16.35
CA ILE D 327 -3.15 19.74 -15.32
C ILE D 327 -3.78 18.66 -14.45
N ILE D 328 -2.98 17.65 -14.11
CA ILE D 328 -3.42 16.49 -13.37
C ILE D 328 -2.84 16.57 -11.96
N ARG D 329 -3.70 16.57 -10.96
CA ARG D 329 -3.31 16.78 -9.58
C ARG D 329 -3.73 15.56 -8.75
N PHE D 330 -2.86 15.16 -7.83
CA PHE D 330 -3.11 14.04 -6.92
C PHE D 330 -3.28 14.58 -5.51
N ALA D 331 -4.34 14.12 -4.84
CA ALA D 331 -4.60 14.48 -3.45
C ALA D 331 -4.83 13.21 -2.65
N ASN D 332 -4.83 13.34 -1.33
CA ASN D 332 -5.16 12.21 -0.48
C ASN D 332 -6.67 12.05 -0.41
N SER D 333 -7.14 11.05 0.35
CA SER D 333 -8.56 10.82 0.48
C SER D 333 -9.27 12.04 1.06
N SER D 334 -10.59 12.09 0.88
CA SER D 334 -11.39 13.21 1.34
C SER D 334 -12.35 12.82 2.46
N GLY D 335 -12.31 11.57 2.90
CA GLY D 335 -13.18 11.11 3.96
C GLY D 335 -13.48 9.63 3.81
N GLY D 336 -14.10 9.07 4.86
CA GLY D 336 -14.58 7.71 4.91
C GLY D 336 -14.04 6.99 6.11
N ASP D 337 -14.20 5.68 6.10
CA ASP D 337 -13.72 4.84 7.19
C ASP D 337 -12.24 4.52 6.98
N LEU D 338 -11.62 4.00 8.04
CA LEU D 338 -10.18 3.74 8.02
C LEU D 338 -9.79 2.85 6.85
N GLU D 339 -10.64 1.89 6.49
CA GLU D 339 -10.27 0.91 5.47
C GLU D 339 -10.07 1.56 4.10
N VAL D 340 -10.79 2.65 3.81
CA VAL D 340 -10.76 3.26 2.48
C VAL D 340 -9.92 4.53 2.44
N THR D 341 -9.72 5.20 3.58
CA THR D 341 -8.90 6.40 3.64
C THR D 341 -7.40 6.09 3.74
N THR D 342 -7.05 4.83 3.87
CA THR D 342 -5.67 4.42 4.08
C THR D 342 -5.36 3.19 3.25
N HIS D 343 -4.07 2.96 3.00
CA HIS D 343 -3.61 1.76 2.30
C HIS D 343 -3.79 0.59 3.25
N SER D 344 -5.00 0.05 3.25
CA SER D 344 -5.32 -1.09 4.09
C SER D 344 -4.83 -2.38 3.45
N PHE D 345 -4.19 -3.22 4.25
CA PHE D 345 -3.67 -4.51 3.79
C PHE D 345 -3.26 -5.32 5.02
N ASN D 346 -2.56 -6.43 4.76
CA ASN D 346 -2.14 -7.38 5.78
C ASN D 346 -0.70 -7.78 5.52
N CYS D 347 0.12 -7.79 6.57
CA CYS D 347 1.55 -8.02 6.47
C CYS D 347 1.97 -9.01 7.55
N GLY D 348 2.36 -10.21 7.13
CA GLY D 348 2.78 -11.22 8.08
C GLY D 348 1.74 -11.60 9.10
N GLY D 349 0.46 -11.28 8.85
CA GLY D 349 -0.61 -11.64 9.75
C GLY D 349 -1.22 -10.50 10.53
N GLU D 350 -0.70 -9.28 10.44
CA GLU D 350 -1.25 -8.14 11.18
C GLU D 350 -1.73 -7.08 10.20
N PHE D 351 -2.88 -6.50 10.50
CA PHE D 351 -3.62 -5.65 9.56
C PHE D 351 -3.16 -4.21 9.71
N PHE D 352 -2.38 -3.73 8.74
CA PHE D 352 -1.87 -2.37 8.73
C PHE D 352 -2.89 -1.42 8.11
N TYR D 353 -2.71 -0.14 8.40
CA TYR D 353 -3.56 0.92 7.84
C TYR D 353 -2.66 2.16 7.66
N CYS D 354 -2.12 2.30 6.45
CA CYS D 354 -1.07 3.27 6.18
C CYS D 354 -1.63 4.58 5.64
N ASN D 355 -1.20 5.68 6.23
CA ASN D 355 -1.46 7.00 5.67
C ASN D 355 -0.74 7.12 4.33
N THR D 356 -1.47 7.57 3.30
CA THR D 356 -0.93 7.65 1.96
C THR D 356 -0.75 9.09 1.47
N SER D 357 -0.98 10.08 2.33
CA SER D 357 -0.85 11.48 1.91
C SER D 357 0.50 11.77 1.29
N GLY D 358 1.52 10.99 1.64
CA GLY D 358 2.84 11.15 1.09
C GLY D 358 3.05 10.53 -0.28
N LEU D 359 2.02 9.90 -0.85
CA LEU D 359 2.11 9.34 -2.19
C LEU D 359 1.25 10.05 -3.22
N PHE D 360 0.18 10.72 -2.79
CA PHE D 360 -0.73 11.42 -3.67
C PHE D 360 -0.77 12.88 -3.25
N ASN D 361 0.34 13.59 -3.51
CA ASN D 361 0.51 15.00 -3.19
C ASN D 361 1.42 15.60 -4.27
N SER D 362 0.90 15.63 -5.49
CA SER D 362 1.63 16.15 -6.63
C SER D 362 0.66 16.82 -7.60
N THR D 363 1.12 17.89 -8.23
CA THR D 363 0.40 18.57 -9.30
C THR D 363 1.27 18.60 -10.54
N TRP D 364 0.76 18.09 -11.65
CA TRP D 364 1.53 17.89 -12.85
C TRP D 364 1.05 18.83 -13.94
N ILE D 365 2.00 19.55 -14.55
CA ILE D 365 1.70 20.56 -15.56
C ILE D 365 1.70 19.91 -16.93
N SER D 366 1.26 20.65 -17.96
CA SER D 366 1.15 20.10 -19.30
C SER D 366 2.49 19.59 -19.81
N ASN D 367 3.59 20.17 -19.34
CA ASN D 367 4.92 19.71 -19.70
C ASN D 367 5.96 20.20 -18.69
N ASN D 379 20.15 8.62 -1.49
CA ASN D 379 19.03 7.70 -1.57
C ASN D 379 17.72 8.40 -1.21
N ASP D 380 16.62 7.96 -1.82
CA ASP D 380 15.31 8.54 -1.59
C ASP D 380 14.37 7.49 -1.03
N SER D 381 13.45 7.94 -0.19
CA SER D 381 12.45 7.05 0.40
C SER D 381 11.27 7.89 0.88
N ILE D 382 10.07 7.50 0.49
CA ILE D 382 8.86 8.01 1.12
C ILE D 382 8.47 7.05 2.22
N THR D 383 8.04 7.59 3.37
CA THR D 383 7.68 6.80 4.53
C THR D 383 6.23 7.10 4.90
N LEU D 384 5.47 6.04 5.17
CA LEU D 384 4.05 6.16 5.47
C LEU D 384 3.79 5.77 6.91
N PRO D 385 3.16 6.62 7.71
CA PRO D 385 2.77 6.22 9.08
C PRO D 385 1.59 5.27 9.05
N CYS D 386 1.85 4.00 9.34
CA CYS D 386 0.82 2.98 9.38
C CYS D 386 0.43 2.68 10.82
N ARG D 387 -0.87 2.59 11.08
CA ARG D 387 -1.40 2.11 12.34
C ARG D 387 -1.71 0.63 12.24
N ILE D 388 -1.96 0.01 13.39
CA ILE D 388 -2.29 -1.41 13.44
C ILE D 388 -3.58 -1.58 14.22
N LYS D 389 -4.42 -2.50 13.76
CA LYS D 389 -5.68 -2.82 14.39
C LYS D 389 -5.72 -4.33 14.63
N GLN D 390 -6.69 -4.75 15.43
CA GLN D 390 -6.87 -6.20 15.64
C GLN D 390 -8.31 -6.64 15.49
N ILE D 391 -9.27 -5.84 15.96
CA ILE D 391 -10.68 -6.11 15.75
C ILE D 391 -11.01 -5.59 14.36
N ILE D 392 -11.07 -6.48 13.37
CA ILE D 392 -11.29 -6.11 11.98
C ILE D 392 -12.55 -6.78 11.47
N ASN D 393 -13.35 -6.03 10.69
CA ASN D 393 -14.58 -6.56 10.11
C ASN D 393 -14.37 -7.10 8.70
N MET D 394 -13.13 -7.13 8.23
CA MET D 394 -12.73 -7.73 6.96
C MET D 394 -13.46 -7.11 5.79
N TRP D 395 -14.56 -7.71 5.38
CA TRP D 395 -15.35 -7.19 4.26
C TRP D 395 -16.13 -5.96 4.72
N GLN D 396 -17.43 -5.90 4.46
CA GLN D 396 -18.25 -4.84 5.03
C GLN D 396 -19.31 -5.39 5.97
N ARG D 397 -19.23 -6.66 6.32
CA ARG D 397 -20.20 -7.29 7.21
C ARG D 397 -20.21 -6.59 8.57
N ILE D 398 -21.41 -6.24 9.03
CA ILE D 398 -21.64 -5.66 10.35
C ILE D 398 -22.35 -6.74 11.15
N GLY D 399 -21.59 -7.49 11.94
CA GLY D 399 -22.14 -8.61 12.68
C GLY D 399 -21.13 -9.72 12.85
N GLN D 400 -20.11 -9.74 11.99
CA GLN D 400 -19.07 -10.76 12.01
C GLN D 400 -17.72 -10.06 12.10
N ALA D 401 -17.27 -9.78 13.32
CA ALA D 401 -15.95 -9.24 13.55
C ALA D 401 -14.97 -10.36 13.85
N MET D 402 -13.69 -10.10 13.56
CA MET D 402 -12.63 -11.08 13.80
C MET D 402 -11.51 -10.44 14.60
N TYR D 403 -11.05 -11.13 15.64
CA TYR D 403 -9.85 -10.76 16.37
C TYR D 403 -8.67 -11.49 15.75
N ALA D 404 -7.73 -10.75 15.18
CA ALA D 404 -6.50 -11.33 14.68
C ALA D 404 -5.55 -11.51 15.85
N PRO D 405 -5.13 -12.74 16.17
CA PRO D 405 -4.20 -12.93 17.28
C PRO D 405 -2.88 -12.25 17.00
N PRO D 406 -2.16 -11.83 18.03
CA PRO D 406 -0.90 -11.11 17.82
C PRO D 406 0.20 -12.02 17.29
N ILE D 407 1.04 -11.45 16.43
CA ILE D 407 2.13 -12.18 15.77
C ILE D 407 3.40 -11.93 16.57
N GLN D 408 4.04 -13.01 17.02
CA GLN D 408 5.28 -12.88 17.75
C GLN D 408 6.42 -12.49 16.82
N GLY D 409 7.36 -11.71 17.35
CA GLY D 409 8.51 -11.30 16.60
C GLY D 409 8.37 -9.91 16.02
N VAL D 410 9.21 -9.62 15.04
CA VAL D 410 9.21 -8.36 14.31
C VAL D 410 8.67 -8.63 12.92
N ILE D 411 7.62 -7.91 12.55
CA ILE D 411 6.95 -8.12 11.28
C ILE D 411 7.58 -7.23 10.23
N ARG D 412 8.01 -7.82 9.12
CA ARG D 412 8.35 -7.05 7.93
C ARG D 412 8.06 -7.90 6.70
N CYS D 413 7.54 -7.24 5.66
CA CYS D 413 7.15 -7.89 4.41
C CYS D 413 7.55 -6.99 3.26
N VAL D 414 7.83 -7.60 2.12
CA VAL D 414 8.19 -6.86 0.91
C VAL D 414 7.23 -7.26 -0.20
N SER D 415 6.66 -6.27 -0.87
CA SER D 415 5.63 -6.50 -1.87
C SER D 415 5.69 -5.42 -2.93
N ASN D 416 5.19 -5.76 -4.12
CA ASN D 416 5.09 -4.82 -5.23
C ASN D 416 3.70 -4.20 -5.26
N ILE D 417 3.63 -2.89 -5.41
CA ILE D 417 2.36 -2.23 -5.76
C ILE D 417 2.30 -2.21 -7.28
N THR D 418 1.47 -3.11 -7.84
CA THR D 418 1.36 -3.27 -9.27
C THR D 418 0.13 -2.60 -9.86
N GLY D 419 -0.77 -2.08 -9.02
CA GLY D 419 -1.94 -1.39 -9.51
C GLY D 419 -2.34 -0.23 -8.63
N LEU D 420 -3.48 0.39 -8.93
CA LEU D 420 -3.92 1.59 -8.25
C LEU D 420 -5.42 1.71 -8.45
N ILE D 421 -6.10 2.37 -7.52
CA ILE D 421 -7.54 2.57 -7.57
C ILE D 421 -7.78 4.05 -7.26
N LEU D 422 -7.91 4.86 -8.30
CA LEU D 422 -8.07 6.30 -8.17
C LEU D 422 -9.54 6.68 -8.30
N THR D 423 -9.82 7.94 -8.03
CA THR D 423 -11.19 8.47 -8.07
C THR D 423 -11.11 9.97 -8.33
N ARG D 424 -11.48 10.38 -9.53
CA ARG D 424 -11.40 11.79 -9.89
C ARG D 424 -12.51 12.58 -9.22
N ASP D 425 -12.19 13.83 -8.89
CA ASP D 425 -13.15 14.68 -8.19
C ASP D 425 -14.25 15.15 -9.13
N GLY D 426 -15.50 14.96 -8.72
CA GLY D 426 -16.65 15.38 -9.49
C GLY D 426 -16.67 16.86 -9.81
N THR D 433 -8.27 21.62 -14.43
CA THR D 433 -7.82 20.80 -13.33
C THR D 433 -8.74 19.60 -13.06
N GLU D 434 -8.23 18.40 -13.31
CA GLU D 434 -8.90 17.17 -12.94
C GLU D 434 -8.05 16.47 -11.87
N THR D 435 -8.59 16.34 -10.67
CA THR D 435 -7.84 15.84 -9.54
C THR D 435 -8.24 14.39 -9.26
N PHE D 436 -7.24 13.53 -9.07
CA PHE D 436 -7.46 12.12 -8.78
C PHE D 436 -6.99 11.81 -7.37
N ARG D 437 -7.86 11.16 -6.59
CA ARG D 437 -7.56 10.78 -5.22
C ARG D 437 -7.76 9.28 -5.06
N PRO D 438 -6.93 8.61 -4.26
CA PRO D 438 -7.09 7.16 -4.07
C PRO D 438 -8.37 6.83 -3.33
N GLY D 439 -8.76 5.56 -3.45
CA GLY D 439 -9.96 5.09 -2.80
C GLY D 439 -10.15 3.61 -3.06
N GLY D 440 -11.29 3.10 -2.60
CA GLY D 440 -11.61 1.70 -2.78
C GLY D 440 -12.74 1.23 -1.88
N GLY D 441 -12.59 0.05 -1.29
CA GLY D 441 -13.61 -0.50 -0.42
C GLY D 441 -14.25 -1.75 -0.98
N ASP D 442 -14.93 -1.61 -2.12
CA ASP D 442 -15.52 -2.75 -2.80
C ASP D 442 -14.41 -3.70 -3.25
N MET D 443 -14.26 -4.84 -2.56
CA MET D 443 -13.14 -5.73 -2.81
C MET D 443 -13.20 -6.37 -4.18
N ARG D 444 -14.32 -6.29 -4.89
CA ARG D 444 -14.41 -6.95 -6.19
C ARG D 444 -13.66 -6.21 -7.28
N ASP D 445 -13.33 -4.94 -7.06
CA ASP D 445 -12.43 -4.27 -8.00
C ASP D 445 -11.04 -4.88 -7.96
N ASN D 446 -10.62 -5.38 -6.79
CA ASN D 446 -9.36 -6.11 -6.73
C ASN D 446 -9.42 -7.35 -7.62
N TRP D 447 -10.50 -8.13 -7.52
CA TRP D 447 -10.63 -9.31 -8.36
C TRP D 447 -10.80 -8.93 -9.82
N ARG D 448 -11.49 -7.82 -10.09
CA ARG D 448 -11.68 -7.39 -11.47
C ARG D 448 -10.36 -6.98 -12.10
N SER D 449 -9.39 -6.54 -11.30
CA SER D 449 -8.10 -6.13 -11.83
C SER D 449 -7.27 -7.31 -12.34
N GLU D 450 -7.65 -8.53 -11.98
CA GLU D 450 -6.96 -9.72 -12.46
C GLU D 450 -7.84 -10.61 -13.33
N LEU D 451 -9.14 -10.39 -13.35
CA LEU D 451 -10.08 -11.19 -14.13
C LEU D 451 -10.54 -10.50 -15.42
N TYR D 452 -9.96 -9.35 -15.75
CA TYR D 452 -10.33 -8.67 -16.99
C TYR D 452 -9.99 -9.53 -18.21
N LYS D 453 -8.86 -10.23 -18.17
CA LYS D 453 -8.39 -11.02 -19.30
C LYS D 453 -9.31 -12.19 -19.67
N TYR D 454 -10.25 -12.55 -18.80
CA TYR D 454 -10.95 -13.82 -18.95
C TYR D 454 -12.44 -13.61 -19.13
N LYS D 455 -13.08 -14.66 -19.64
CA LYS D 455 -14.50 -14.70 -19.96
C LYS D 455 -14.94 -16.15 -20.02
N VAL D 456 -16.16 -16.42 -19.55
CA VAL D 456 -16.71 -17.78 -19.48
C VAL D 456 -17.69 -17.98 -20.63
N VAL D 457 -17.47 -19.01 -21.43
CA VAL D 457 -18.33 -19.32 -22.56
C VAL D 457 -18.78 -20.77 -22.48
N LYS D 458 -19.93 -21.04 -23.09
CA LYS D 458 -20.56 -22.34 -23.08
C LYS D 458 -20.46 -22.96 -24.46
N ILE D 459 -19.83 -24.13 -24.55
CA ILE D 459 -19.66 -24.81 -25.83
C ILE D 459 -20.98 -25.47 -26.22
N GLU D 460 -21.43 -25.23 -27.46
CA GLU D 460 -22.66 -25.78 -27.99
C GLU D 460 -22.35 -26.54 -29.27
N PRO D 461 -21.97 -27.82 -29.19
CA PRO D 461 -21.32 -28.48 -30.32
C PRO D 461 -22.24 -29.02 -31.40
N LEU D 462 -23.55 -28.87 -31.28
CA LEU D 462 -24.46 -29.37 -32.31
C LEU D 462 -24.67 -28.29 -33.37
N GLY D 463 -24.41 -28.64 -34.62
CA GLY D 463 -24.60 -27.71 -35.71
C GLY D 463 -25.28 -28.35 -36.90
N VAL D 464 -26.33 -27.70 -37.42
CA VAL D 464 -27.07 -28.18 -38.57
C VAL D 464 -26.77 -27.26 -39.75
N ALA D 465 -26.38 -27.86 -40.87
CA ALA D 465 -25.98 -27.10 -42.06
C ALA D 465 -26.27 -27.94 -43.29
N PRO D 466 -26.60 -27.31 -44.41
CA PRO D 466 -27.02 -28.07 -45.60
C PRO D 466 -25.86 -28.53 -46.48
N THR D 467 -26.01 -29.75 -46.98
CA THR D 467 -25.16 -30.25 -48.06
C THR D 467 -25.99 -31.16 -48.95
N ARG D 468 -25.42 -31.57 -50.07
CA ARG D 468 -26.09 -32.46 -51.02
C ARG D 468 -25.91 -33.91 -50.59
N CYS D 469 -26.34 -34.20 -49.38
CA CYS D 469 -26.21 -35.52 -48.78
C CYS D 469 -27.57 -36.00 -48.28
N LYS D 470 -27.83 -37.29 -48.43
CA LYS D 470 -29.06 -37.89 -47.95
C LYS D 470 -28.78 -39.34 -47.61
N ARG D 471 -29.50 -39.87 -46.63
CA ARG D 471 -29.31 -41.26 -46.25
C ARG D 471 -30.20 -42.18 -47.09
N ARG D 472 -29.95 -43.48 -46.98
CA ARG D 472 -30.57 -44.48 -47.85
C ARG D 472 -31.92 -44.93 -47.28
N VAL D 473 -32.49 -45.99 -47.87
CA VAL D 473 -33.78 -46.51 -47.46
C VAL D 473 -33.62 -47.92 -46.89
N GLN E 1 43.64 22.76 28.82
CA GLN E 1 42.32 22.38 28.34
C GLN E 1 41.25 23.15 29.10
N VAL E 2 40.32 22.42 29.69
CA VAL E 2 39.24 22.99 30.49
C VAL E 2 39.36 22.43 31.91
N GLN E 3 39.40 23.32 32.90
CA GLN E 3 39.42 22.95 34.30
C GLN E 3 38.49 23.89 35.06
N LEU E 4 37.97 23.39 36.18
CA LEU E 4 37.05 24.15 37.01
C LEU E 4 37.59 24.24 38.44
N GLN E 5 37.05 25.20 39.17
CA GLN E 5 37.35 25.34 40.59
C GLN E 5 36.15 25.98 41.28
N GLU E 6 35.67 25.35 42.34
CA GLU E 6 34.53 25.86 43.09
C GLU E 6 35.01 26.72 44.25
N SER E 7 34.06 27.43 44.85
CA SER E 7 34.34 28.23 46.04
C SER E 7 33.01 28.62 46.68
N GLY E 8 32.96 28.55 48.01
CA GLY E 8 31.74 28.86 48.72
C GLY E 8 31.95 29.03 50.20
N PRO E 9 30.88 29.39 50.92
CA PRO E 9 30.99 29.58 52.38
C PRO E 9 31.69 28.45 53.12
N GLY E 10 31.39 27.20 52.80
CA GLY E 10 31.85 26.08 53.58
C GLY E 10 31.05 25.80 54.83
N LEU E 11 30.33 26.80 55.34
CA LEU E 11 29.46 26.65 56.50
C LEU E 11 28.26 27.55 56.30
N VAL E 12 27.06 26.99 56.43
CA VAL E 12 25.80 27.72 56.28
C VAL E 12 24.86 27.25 57.37
N LYS E 13 24.23 28.19 58.08
CA LYS E 13 23.29 27.85 59.13
C LYS E 13 22.06 27.15 58.55
N PRO E 14 21.38 26.33 59.36
CA PRO E 14 20.16 25.68 58.88
C PRO E 14 19.08 26.72 58.56
N SER E 15 18.24 26.37 57.58
CA SER E 15 17.17 27.24 57.08
C SER E 15 17.76 28.57 56.58
N GLU E 16 18.44 28.48 55.44
CA GLU E 16 19.14 29.61 54.87
C GLU E 16 19.43 29.31 53.41
N THR E 17 20.11 30.24 52.73
CA THR E 17 20.47 30.09 51.33
C THR E 17 21.93 29.65 51.22
N LEU E 18 22.15 28.51 50.58
CA LEU E 18 23.50 27.98 50.37
C LEU E 18 24.00 28.48 49.02
N SER E 19 24.78 29.56 49.04
CA SER E 19 25.37 30.07 47.82
C SER E 19 26.64 29.30 47.46
N LEU E 20 26.92 29.23 46.16
CA LEU E 20 28.11 28.56 45.66
C LEU E 20 28.39 29.08 44.25
N THR E 21 29.66 29.00 43.87
CA THR E 21 30.11 29.46 42.56
C THR E 21 31.16 28.49 42.04
N CYS E 22 31.43 28.58 40.73
CA CYS E 22 32.37 27.68 40.07
C CYS E 22 32.93 28.40 38.85
N THR E 23 34.22 28.71 38.89
CA THR E 23 34.91 29.36 37.78
C THR E 23 35.63 28.31 36.95
N VAL E 24 35.33 28.29 35.66
CA VAL E 24 35.93 27.34 34.73
C VAL E 24 37.05 28.04 33.99
N SER E 25 38.11 27.30 33.67
CA SER E 25 39.32 27.86 33.08
C SER E 25 39.65 27.12 31.79
N GLY E 26 39.80 27.87 30.70
CA GLY E 26 40.24 27.31 29.44
C GLY E 26 39.15 27.03 28.43
N GLY E 27 37.98 27.62 28.57
CA GLY E 27 36.91 27.40 27.62
C GLY E 27 35.77 28.37 27.85
N SER E 28 34.95 28.52 26.81
CA SER E 28 33.81 29.42 26.88
C SER E 28 32.70 28.80 27.71
N ILE E 29 32.00 29.65 28.46
CA ILE E 29 30.96 29.16 29.36
C ILE E 29 29.62 28.95 28.65
N SER E 30 29.38 29.64 27.54
CA SER E 30 28.08 29.62 26.88
C SER E 30 28.06 28.72 25.64
N ASN E 31 28.86 27.65 25.63
CA ASN E 31 28.77 26.67 24.55
C ASN E 31 28.93 25.25 25.08
N TYR E 32 28.62 25.02 26.36
CA TYR E 32 28.64 23.68 26.93
C TYR E 32 27.52 23.57 27.97
N TYR E 33 27.20 22.34 28.34
CA TYR E 33 26.26 22.07 29.42
C TYR E 33 27.03 21.92 30.72
N TRP E 34 26.48 22.47 31.80
CA TRP E 34 27.12 22.43 33.11
C TRP E 34 26.17 21.80 34.12
N SER E 35 26.74 21.00 35.03
CA SER E 35 25.95 20.18 35.93
C SER E 35 26.53 20.21 37.33
N TRP E 36 25.66 20.22 38.33
CA TRP E 36 26.04 20.21 39.73
C TRP E 36 25.74 18.84 40.34
N ILE E 37 26.71 18.29 41.07
CA ILE E 37 26.59 16.99 41.72
C ILE E 37 27.16 17.10 43.12
N ARG E 38 26.42 16.58 44.10
CA ARG E 38 26.87 16.53 45.48
C ARG E 38 26.98 15.08 45.94
N GLN E 39 27.79 14.85 46.98
CA GLN E 39 28.05 13.50 47.48
C GLN E 39 28.06 13.57 49.02
N SER E 40 26.93 13.24 49.63
CA SER E 40 26.86 13.24 51.08
C SER E 40 27.59 12.02 51.66
N PRO E 41 28.06 12.11 52.89
CA PRO E 41 28.71 10.94 53.52
C PRO E 41 27.70 9.81 53.72
N GLY E 42 28.04 8.63 53.22
CA GLY E 42 27.21 7.45 53.31
C GLY E 42 26.20 7.31 52.18
N LYS E 43 25.66 8.43 51.73
CA LYS E 43 24.76 8.42 50.59
C LYS E 43 25.56 8.37 49.29
N GLY E 44 24.85 8.17 48.18
CA GLY E 44 25.46 8.09 46.88
C GLY E 44 25.66 9.44 46.24
N LEU E 45 26.04 9.42 44.96
CA LEU E 45 26.15 10.64 44.18
C LEU E 45 24.75 11.11 43.79
N GLU E 46 24.43 12.35 44.12
CA GLU E 46 23.12 12.92 43.82
C GLU E 46 23.28 14.04 42.79
N TRP E 47 22.63 13.87 41.65
CA TRP E 47 22.68 14.87 40.59
C TRP E 47 21.71 16.00 40.92
N ILE E 48 22.23 17.22 41.09
CA ILE E 48 21.43 18.37 41.47
C ILE E 48 20.58 18.84 40.30
N GLY E 49 21.24 19.42 39.30
CA GLY E 49 20.56 19.88 38.11
C GLY E 49 21.58 20.11 37.01
N TYR E 50 21.15 20.80 35.97
CA TYR E 50 22.06 21.14 34.89
C TYR E 50 21.52 22.33 34.11
N ILE E 51 22.43 23.12 33.56
CA ILE E 51 22.09 24.27 32.73
C ILE E 51 22.74 24.07 31.37
N SER E 52 21.96 24.30 30.32
CA SER E 52 22.41 24.09 28.95
C SER E 52 23.23 25.28 28.47
N ASP E 53 23.83 25.11 27.28
CA ASP E 53 24.49 26.22 26.61
C ASP E 53 23.50 27.28 26.13
N SER E 54 22.20 26.95 26.10
CA SER E 54 21.14 27.91 25.83
C SER E 54 20.55 28.49 27.11
N GLU E 55 21.17 28.22 28.26
CA GLU E 55 20.73 28.72 29.56
C GLU E 55 19.30 28.28 29.86
N SER E 56 19.12 26.97 29.97
CA SER E 56 17.82 26.37 30.26
C SER E 56 17.88 25.63 31.59
N THR E 57 16.88 25.84 32.44
CA THR E 57 16.85 25.28 33.77
C THR E 57 16.14 23.93 33.77
N ASN E 58 16.77 22.93 34.37
CA ASN E 58 16.16 21.61 34.55
C ASN E 58 16.80 20.98 35.78
N TYR E 59 15.99 20.71 36.79
CA TYR E 59 16.49 20.29 38.10
C TYR E 59 15.96 18.91 38.47
N ASN E 60 16.70 18.25 39.37
CA ASN E 60 16.24 17.00 39.93
C ASN E 60 14.94 17.24 40.71
N PRO E 61 13.88 16.47 40.44
CA PRO E 61 12.65 16.63 41.24
C PRO E 61 12.81 16.26 42.71
N SER E 62 13.90 15.61 43.08
CA SER E 62 14.19 15.41 44.50
C SER E 62 14.40 16.74 45.22
N LEU E 63 14.95 17.74 44.53
CA LEU E 63 15.13 19.06 45.11
C LEU E 63 14.21 20.02 44.38
N LYS E 64 14.63 20.62 43.27
CA LYS E 64 13.78 21.46 42.42
C LYS E 64 13.18 22.63 43.19
N SER E 65 12.29 22.32 44.15
CA SER E 65 11.63 23.32 44.97
C SER E 65 12.60 24.15 45.82
N ARG E 66 13.91 23.88 45.77
CA ARG E 66 14.89 24.66 46.50
C ARG E 66 16.08 25.09 45.65
N VAL E 67 16.20 24.59 44.42
CA VAL E 67 17.36 24.83 43.57
C VAL E 67 17.03 25.91 42.56
N ILE E 68 18.03 26.73 42.24
CA ILE E 68 17.96 27.69 41.15
C ILE E 68 19.38 27.95 40.67
N ILE E 69 19.77 27.28 39.59
CA ILE E 69 21.12 27.39 39.05
C ILE E 69 21.16 28.57 38.09
N SER E 70 22.15 29.44 38.26
CA SER E 70 22.34 30.62 37.42
C SER E 70 23.68 30.52 36.69
N VAL E 71 23.96 31.53 35.86
CA VAL E 71 25.17 31.56 35.07
C VAL E 71 25.41 32.97 34.54
N ASP E 72 26.62 33.49 34.73
CA ASP E 72 27.00 34.81 34.24
C ASP E 72 28.11 34.63 33.22
N THR E 73 27.85 35.05 31.98
CA THR E 73 28.82 34.87 30.90
C THR E 73 29.88 35.96 30.84
N SER E 74 29.71 37.06 31.58
CA SER E 74 30.77 38.06 31.66
C SER E 74 32.07 37.44 32.15
N LYS E 75 31.98 36.53 33.11
CA LYS E 75 33.07 35.66 33.50
C LYS E 75 32.77 34.25 33.01
N ASN E 76 33.68 33.33 33.34
CA ASN E 76 33.44 31.90 33.11
C ASN E 76 32.92 31.24 34.38
N GLN E 77 31.90 31.85 34.99
CA GLN E 77 31.46 31.50 36.34
C GLN E 77 29.96 31.30 36.37
N LEU E 78 29.53 30.24 37.04
CA LEU E 78 28.10 29.94 37.21
C LEU E 78 27.86 29.56 38.66
N SER E 79 26.62 29.79 39.12
CA SER E 79 26.30 29.72 40.54
C SER E 79 25.38 28.54 40.84
N LEU E 80 24.84 28.53 42.06
CA LEU E 80 24.00 27.47 42.58
C LEU E 80 23.42 27.93 43.92
N LYS E 81 22.09 28.03 44.02
CA LYS E 81 21.43 28.67 45.16
C LYS E 81 20.40 27.72 45.77
N LEU E 82 20.88 26.78 46.59
CA LEU E 82 19.98 25.93 47.37
C LEU E 82 19.56 26.68 48.63
N ASN E 83 18.25 26.76 48.85
CA ASN E 83 17.69 27.48 49.99
C ASN E 83 16.96 26.53 50.91
N SER E 84 16.62 27.03 52.11
CA SER E 84 15.93 26.25 53.14
C SER E 84 16.71 24.98 53.48
N VAL E 85 18.03 25.13 53.63
CA VAL E 85 18.87 23.97 53.87
C VAL E 85 18.52 23.34 55.22
N THR E 86 18.76 22.03 55.32
CA THR E 86 18.58 21.30 56.57
C THR E 86 19.90 20.65 56.96
N ALA E 87 19.85 19.67 57.86
CA ALA E 87 21.08 19.01 58.30
C ALA E 87 21.64 18.10 57.22
N ALA E 88 20.77 17.47 56.43
CA ALA E 88 21.21 16.48 55.45
C ALA E 88 21.94 17.10 54.26
N ASP E 89 21.91 18.42 54.11
CA ASP E 89 22.51 19.08 52.94
C ASP E 89 24.03 19.14 53.00
N SER E 90 24.67 18.56 54.01
CA SER E 90 26.13 18.54 54.07
C SER E 90 26.67 17.55 53.05
N ALA E 91 27.50 18.03 52.13
CA ALA E 91 28.06 17.17 51.09
C ALA E 91 29.22 17.90 50.42
N ILE E 92 30.01 17.15 49.68
CA ILE E 92 31.07 17.70 48.85
C ILE E 92 30.44 18.07 47.51
N TYR E 93 30.39 19.36 47.20
CA TYR E 93 29.73 19.84 45.99
C TYR E 93 30.75 19.92 44.86
N TYR E 94 30.46 19.23 43.75
CA TYR E 94 31.35 19.15 42.60
C TYR E 94 30.77 19.91 41.42
N CYS E 95 31.66 20.38 40.56
CA CYS E 95 31.30 21.17 39.38
C CYS E 95 31.85 20.47 38.15
N ALA E 96 30.96 19.97 37.29
CA ALA E 96 31.36 19.15 36.17
C ALA E 96 30.67 19.62 34.88
N ARG E 97 31.40 19.57 33.77
CA ARG E 97 30.85 19.94 32.47
C ARG E 97 30.10 18.76 31.87
N ALA E 98 28.84 18.98 31.53
CA ALA E 98 28.04 17.96 30.87
C ALA E 98 28.11 18.15 29.36
N GLN E 99 28.14 17.03 28.64
CA GLN E 99 28.06 17.03 27.18
C GLN E 99 26.83 16.25 26.75
N GLN E 100 26.17 16.73 25.70
CA GLN E 100 24.94 16.12 25.24
C GLN E 100 25.24 15.02 24.23
N GLY E 101 24.63 13.87 24.44
CA GLY E 101 24.63 12.81 23.45
C GLY E 101 23.20 12.54 23.01
N LYS E 102 23.02 12.26 21.73
CA LYS E 102 21.73 11.85 21.19
C LYS E 102 21.82 10.37 20.84
N ARG E 103 21.05 9.55 21.55
CA ARG E 103 20.96 8.12 21.29
C ARG E 103 19.78 7.87 20.37
N ILE E 104 20.06 7.58 19.11
CA ILE E 104 19.04 7.25 18.12
C ILE E 104 18.98 5.74 18.00
N TYR E 105 17.78 5.19 18.07
CA TYR E 105 17.54 3.76 17.90
C TYR E 105 16.60 3.44 16.76
N GLY E 106 15.67 4.33 16.44
CA GLY E 106 14.76 4.09 15.34
C GLY E 106 14.87 5.11 14.23
N MET E 107 13.81 5.86 13.97
CA MET E 107 13.77 6.87 12.92
C MET E 107 13.84 8.25 13.57
N VAL E 108 14.90 9.00 13.26
CA VAL E 108 15.01 10.38 13.73
C VAL E 108 13.77 11.18 13.37
N SER E 109 13.08 10.79 12.30
CA SER E 109 11.92 11.53 11.83
C SER E 109 10.73 11.35 12.76
N PHE E 110 10.53 10.13 13.26
CA PHE E 110 9.48 9.89 14.25
C PHE E 110 9.90 10.24 15.67
N GLY E 111 11.11 10.75 15.86
CA GLY E 111 11.58 11.04 17.20
C GLY E 111 12.03 9.85 18.00
N GLU E 112 12.42 8.76 17.35
CA GLU E 112 12.82 7.53 18.04
C GLU E 112 14.27 7.67 18.50
N PHE E 113 14.45 8.58 19.45
CA PHE E 113 15.73 8.85 20.07
C PHE E 113 15.49 9.39 21.47
N PHE E 114 16.54 9.40 22.27
CA PHE E 114 16.53 10.06 23.58
C PHE E 114 17.89 10.68 23.83
N TYR E 115 17.89 11.69 24.69
CA TYR E 115 19.09 12.45 25.02
C TYR E 115 19.69 11.95 26.34
N TYR E 116 20.99 11.67 26.32
CA TYR E 116 21.73 11.28 27.52
C TYR E 116 22.88 12.25 27.73
N TYR E 117 23.12 12.60 28.99
CA TYR E 117 24.20 13.51 29.36
C TYR E 117 25.29 12.74 30.10
N TYR E 118 26.54 13.15 29.86
CA TYR E 118 27.68 12.56 30.53
C TYR E 118 28.67 13.66 30.91
N MET E 119 29.16 13.63 32.15
CA MET E 119 30.10 14.62 32.65
C MET E 119 31.52 14.07 32.50
N ASP E 120 32.38 14.83 31.82
CA ASP E 120 33.72 14.36 31.53
C ASP E 120 34.80 15.02 32.37
N VAL E 121 34.69 16.31 32.64
CA VAL E 121 35.66 17.04 33.46
C VAL E 121 34.96 17.56 34.70
N TRP E 122 35.64 17.48 35.85
CA TRP E 122 35.04 17.75 37.14
C TRP E 122 35.83 18.81 37.89
N GLY E 123 35.11 19.56 38.72
CA GLY E 123 35.75 20.41 39.70
C GLY E 123 36.33 19.60 40.85
N LYS E 124 37.25 20.23 41.57
CA LYS E 124 37.96 19.53 42.63
C LYS E 124 37.05 19.20 43.81
N GLY E 125 36.06 20.05 44.07
CA GLY E 125 35.12 19.87 45.16
C GLY E 125 35.18 20.99 46.17
N THR E 126 34.07 21.22 46.86
CA THR E 126 34.00 22.21 47.92
C THR E 126 33.16 21.65 49.06
N THR E 127 33.79 21.48 50.22
CA THR E 127 33.06 20.96 51.37
C THR E 127 32.13 22.04 51.92
N VAL E 128 30.90 21.63 52.26
CA VAL E 128 29.91 22.52 52.82
C VAL E 128 29.26 21.82 54.00
N THR E 129 29.31 22.46 55.17
CA THR E 129 28.70 21.93 56.39
C THR E 129 27.53 22.80 56.79
N VAL E 130 26.52 22.18 57.37
CA VAL E 130 25.35 22.88 57.91
C VAL E 130 25.32 22.62 59.41
N SER E 131 25.39 23.70 60.19
CA SER E 131 25.36 23.61 61.64
C SER E 131 25.07 24.99 62.20
N SER E 132 24.20 25.05 63.20
CA SER E 132 23.95 26.30 63.91
C SER E 132 25.16 26.79 64.68
N ALA E 133 26.16 25.93 64.93
CA ALA E 133 27.36 26.34 65.64
C ALA E 133 28.18 27.30 64.79
N SER E 134 28.75 28.31 65.45
CA SER E 134 29.53 29.32 64.75
C SER E 134 30.88 28.74 64.31
N THR E 135 31.54 29.47 63.42
CA THR E 135 32.88 29.11 63.00
C THR E 135 33.88 29.37 64.12
N LYS E 136 35.03 28.73 64.04
CA LYS E 136 36.08 28.94 65.02
C LYS E 136 37.43 28.59 64.40
N GLY E 137 38.39 29.49 64.52
CA GLY E 137 39.72 29.26 64.02
C GLY E 137 40.50 28.29 64.88
N PRO E 138 41.53 27.67 64.30
CA PRO E 138 42.32 26.70 65.07
C PRO E 138 43.41 27.38 65.89
N SER E 139 44.49 26.62 66.16
CA SER E 139 45.69 27.14 66.81
C SER E 139 46.83 26.15 66.63
N VAL E 140 47.86 26.53 65.90
CA VAL E 140 48.93 25.61 65.53
C VAL E 140 49.96 25.52 66.65
N PHE E 141 50.25 24.30 67.07
CA PHE E 141 51.26 24.02 68.08
C PHE E 141 52.36 23.16 67.47
N PRO E 142 53.63 23.48 67.66
CA PRO E 142 54.69 22.81 66.91
C PRO E 142 55.12 21.49 67.56
N LEU E 143 55.36 20.49 66.72
CA LEU E 143 55.83 19.17 67.15
C LEU E 143 57.30 19.07 66.77
N ALA E 144 58.18 19.19 67.77
CA ALA E 144 59.62 19.22 67.52
C ALA E 144 60.18 17.81 67.35
N PRO E 145 61.18 17.64 66.48
CA PRO E 145 61.76 16.30 66.28
C PRO E 145 62.65 15.86 67.44
N SER E 146 63.56 14.93 67.18
CA SER E 146 64.48 14.45 68.22
C SER E 146 65.79 13.98 67.61
N GLY E 153 70.20 9.66 60.98
CA GLY E 153 69.79 9.27 59.63
C GLY E 153 68.53 9.98 59.16
N THR E 154 67.43 9.76 59.88
CA THR E 154 66.14 10.35 59.53
C THR E 154 65.43 10.82 60.79
N ALA E 155 64.64 11.89 60.66
CA ALA E 155 63.88 12.45 61.76
C ALA E 155 62.52 12.90 61.26
N ALA E 156 61.65 13.26 62.20
CA ALA E 156 60.27 13.60 61.86
C ALA E 156 59.78 14.77 62.71
N LEU E 157 59.24 15.78 62.05
CA LEU E 157 58.70 16.96 62.72
C LEU E 157 57.38 17.35 62.07
N GLY E 158 56.51 17.99 62.84
CA GLY E 158 55.22 18.36 62.31
C GLY E 158 54.53 19.51 63.02
N CYS E 159 53.24 19.69 62.74
CA CYS E 159 52.45 20.76 63.32
C CYS E 159 51.11 20.21 63.76
N LEU E 160 50.70 20.56 64.99
CA LEU E 160 49.40 20.15 65.51
C LEU E 160 48.40 21.30 65.34
N VAL E 161 47.31 21.03 64.63
CA VAL E 161 46.27 22.03 64.38
C VAL E 161 45.09 21.64 65.25
N LYS E 162 44.97 22.27 66.42
CA LYS E 162 43.94 21.88 67.37
C LYS E 162 42.57 22.44 67.01
N ASP E 163 41.71 22.58 68.02
CA ASP E 163 40.26 22.70 67.84
C ASP E 163 39.87 23.78 66.84
N TYR E 164 39.21 23.35 65.75
CA TYR E 164 38.70 24.26 64.73
C TYR E 164 37.38 23.71 64.19
N PHE E 165 36.65 24.58 63.48
CA PHE E 165 35.35 24.20 62.91
C PHE E 165 34.95 25.21 61.85
N PRO E 166 34.44 24.76 60.69
CA PRO E 166 34.36 23.35 60.32
C PRO E 166 35.45 22.94 59.34
N GLU E 167 35.28 21.76 58.75
CA GLU E 167 36.23 21.25 57.78
C GLU E 167 36.23 22.15 56.53
N PRO E 168 37.38 22.31 55.85
CA PRO E 168 38.69 21.76 56.14
C PRO E 168 39.74 22.80 56.51
N VAL E 169 40.99 22.35 56.56
CA VAL E 169 42.16 23.21 56.70
C VAL E 169 43.23 22.73 55.72
N THR E 170 43.98 23.68 55.18
CA THR E 170 45.04 23.39 54.21
C THR E 170 46.39 23.65 54.87
N VAL E 171 47.32 22.70 54.69
CA VAL E 171 48.63 22.75 55.33
C VAL E 171 49.69 22.76 54.25
N SER E 172 50.55 23.79 54.26
CA SER E 172 51.70 23.89 53.37
C SER E 172 52.95 24.11 54.19
N TRP E 173 54.07 23.60 53.69
CA TRP E 173 55.37 23.72 54.36
C TRP E 173 56.29 24.59 53.52
N ASN E 174 56.87 25.61 54.16
CA ASN E 174 57.73 26.57 53.47
C ASN E 174 56.99 27.25 52.32
N SER E 175 55.73 27.61 52.55
CA SER E 175 54.88 28.30 51.59
C SER E 175 54.73 27.55 50.28
N GLY E 176 55.10 26.27 50.25
CA GLY E 176 55.05 25.46 49.05
C GLY E 176 56.39 24.90 48.60
N ALA E 177 57.51 25.29 49.23
CA ALA E 177 58.82 24.81 48.81
C ALA E 177 59.06 23.37 49.27
N LEU E 178 58.75 23.08 50.53
CA LEU E 178 58.91 21.74 51.08
C LEU E 178 57.70 20.89 50.72
N THR E 179 57.88 19.97 49.77
CA THR E 179 56.78 19.14 49.30
C THR E 179 57.11 17.66 49.37
N SER E 180 58.40 17.32 49.28
CA SER E 180 58.81 15.92 49.40
C SER E 180 58.81 15.51 50.86
N GLY E 181 58.20 14.35 51.14
CA GLY E 181 58.15 13.81 52.49
C GLY E 181 57.00 14.28 53.33
N VAL E 182 56.20 15.25 52.85
CA VAL E 182 55.07 15.72 53.62
C VAL E 182 53.99 14.65 53.67
N HIS E 183 53.20 14.67 54.74
CA HIS E 183 52.17 13.65 54.96
C HIS E 183 51.18 14.23 55.98
N THR E 184 50.16 14.91 55.47
CA THR E 184 49.10 15.43 56.33
C THR E 184 48.08 14.33 56.60
N PHE E 185 47.60 14.29 57.82
CA PHE E 185 46.70 13.23 58.25
C PHE E 185 45.26 13.73 58.27
N PRO E 186 44.29 12.83 58.09
CA PRO E 186 42.89 13.23 58.19
C PRO E 186 42.59 13.78 59.58
N ALA E 187 41.63 14.71 59.64
CA ALA E 187 41.28 15.35 60.90
C ALA E 187 40.68 14.34 61.87
N VAL E 188 40.29 14.84 63.04
CA VAL E 188 39.65 14.04 64.08
C VAL E 188 38.60 14.89 64.76
N LEU E 189 37.35 14.46 64.72
CA LEU E 189 36.25 15.18 65.34
C LEU E 189 36.18 14.76 66.81
N GLN E 190 36.54 15.68 67.70
CA GLN E 190 36.44 15.43 69.12
C GLN E 190 34.98 15.49 69.57
N SER E 191 34.73 14.93 70.75
CA SER E 191 33.38 14.98 71.32
C SER E 191 32.94 16.41 71.61
N SER E 192 33.87 17.36 71.65
CA SER E 192 33.51 18.77 71.81
C SER E 192 32.87 19.35 70.56
N GLY E 193 33.07 18.71 69.41
CA GLY E 193 32.52 19.19 68.17
C GLY E 193 33.48 19.95 67.28
N LEU E 194 34.79 19.80 67.49
CA LEU E 194 35.78 20.50 66.68
C LEU E 194 36.80 19.50 66.15
N TYR E 195 37.23 19.73 64.91
CA TYR E 195 38.21 18.85 64.28
C TYR E 195 39.62 19.22 64.71
N SER E 196 40.48 18.22 64.78
CA SER E 196 41.89 18.42 65.12
C SER E 196 42.73 17.67 64.10
N LEU E 197 43.55 18.40 63.36
CA LEU E 197 44.36 17.85 62.29
C LEU E 197 45.84 17.96 62.64
N SER E 198 46.64 17.08 62.06
CA SER E 198 48.08 17.08 62.31
C SER E 198 48.82 16.72 61.04
N SER E 199 49.83 17.52 60.70
CA SER E 199 50.73 17.25 59.59
C SER E 199 52.12 16.93 60.12
N VAL E 200 52.91 16.25 59.28
CA VAL E 200 54.24 15.83 59.67
C VAL E 200 55.09 15.69 58.41
N VAL E 201 56.36 16.07 58.50
CA VAL E 201 57.29 16.03 57.38
C VAL E 201 58.51 15.24 57.83
N THR E 202 58.75 14.09 57.18
CA THR E 202 60.00 13.37 57.36
C THR E 202 61.14 14.21 56.79
N VAL E 203 62.22 14.31 57.56
CA VAL E 203 63.30 15.25 57.24
C VAL E 203 64.64 14.55 57.45
N PRO E 204 65.62 14.72 56.56
CA PRO E 204 66.95 14.15 56.81
C PRO E 204 67.58 14.74 58.06
N SER E 205 68.35 13.90 58.78
CA SER E 205 68.78 14.25 60.13
C SER E 205 69.83 15.37 60.14
N SER E 206 70.66 15.46 59.10
CA SER E 206 71.72 16.47 59.10
C SER E 206 71.17 17.88 58.93
N SER E 207 70.07 18.03 58.19
CA SER E 207 69.49 19.34 57.90
C SER E 207 68.59 19.86 59.02
N LEU E 208 68.60 19.22 60.19
CA LEU E 208 67.71 19.65 61.27
C LEU E 208 68.13 21.01 61.84
N GLY E 209 69.42 21.23 61.99
CA GLY E 209 69.92 22.47 62.55
C GLY E 209 70.19 23.57 61.56
N THR E 210 70.14 23.28 60.27
CA THR E 210 70.47 24.27 59.25
C THR E 210 69.22 24.84 58.58
N GLN E 211 68.49 24.01 57.85
CA GLN E 211 67.32 24.47 57.11
C GLN E 211 66.20 24.85 58.08
N THR E 212 65.37 25.80 57.64
CA THR E 212 64.24 26.29 58.42
C THR E 212 62.94 25.68 57.90
N TYR E 213 62.03 25.38 58.84
CA TYR E 213 60.79 24.68 58.53
C TYR E 213 59.61 25.43 59.14
N ILE E 214 58.70 25.90 58.29
CA ILE E 214 57.50 26.63 58.71
C ILE E 214 56.30 26.03 58.00
N CYS E 215 55.29 25.63 58.79
CA CYS E 215 54.06 25.08 58.23
C CYS E 215 53.02 26.19 58.10
N ASN E 216 52.43 26.30 56.92
CA ASN E 216 51.43 27.33 56.64
C ASN E 216 50.04 26.71 56.77
N VAL E 217 49.31 27.09 57.81
CA VAL E 217 47.99 26.55 58.10
C VAL E 217 46.95 27.62 57.79
N ASN E 218 45.91 27.23 57.05
CA ASN E 218 44.85 28.14 56.65
C ASN E 218 43.49 27.50 56.90
N HIS E 219 42.60 28.25 57.54
CA HIS E 219 41.23 27.83 57.80
C HIS E 219 40.31 28.88 57.18
N LYS E 220 39.72 28.54 56.04
CA LYS E 220 38.96 29.52 55.27
C LYS E 220 37.72 30.05 55.98
N PRO E 221 36.90 29.25 56.67
CA PRO E 221 35.69 29.82 57.30
C PRO E 221 35.98 30.82 58.41
N SER E 222 37.22 30.93 58.87
CA SER E 222 37.59 31.89 59.91
C SER E 222 38.53 32.98 59.41
N ASN E 223 38.91 32.95 58.13
CA ASN E 223 39.78 33.97 57.53
C ASN E 223 41.14 34.05 58.22
N THR E 224 41.61 32.93 58.77
CA THR E 224 42.82 32.90 59.57
C THR E 224 43.96 32.25 58.79
N LYS E 225 45.09 32.95 58.73
CA LYS E 225 46.32 32.44 58.13
C LYS E 225 47.42 32.56 59.19
N VAL E 226 47.89 31.41 59.68
CA VAL E 226 48.86 31.38 60.77
C VAL E 226 50.02 30.48 60.38
N ASP E 227 51.21 30.82 60.88
CA ASP E 227 52.44 30.06 60.66
C ASP E 227 53.09 29.77 62.00
N LYS E 228 54.05 28.84 61.99
CA LYS E 228 54.80 28.51 63.19
C LYS E 228 56.10 27.83 62.78
N LYS E 229 57.05 27.81 63.72
CA LYS E 229 58.39 27.28 63.48
C LYS E 229 58.59 26.02 64.31
N VAL E 230 59.34 25.07 63.76
CA VAL E 230 59.64 23.81 64.44
C VAL E 230 61.15 23.70 64.61
N GLU E 231 61.60 23.45 65.84
CA GLU E 231 63.01 23.36 66.16
C GLU E 231 63.20 22.74 67.55
N PRO E 232 64.14 21.79 67.69
CA PRO E 232 64.43 21.10 68.95
C PRO E 232 64.76 22.06 70.09
N TYR F 5 22.37 2.33 47.90
CA TYR F 5 23.19 1.59 48.83
C TYR F 5 24.44 1.06 48.13
N VAL F 6 25.12 0.09 48.75
CA VAL F 6 26.43 -0.37 48.28
C VAL F 6 26.37 -1.86 48.00
N ARG F 7 27.01 -2.27 46.91
CA ARG F 7 27.13 -3.67 46.52
C ARG F 7 28.56 -4.13 46.71
N PRO F 8 28.83 -5.15 47.53
CA PRO F 8 30.20 -5.62 47.69
C PRO F 8 30.63 -6.52 46.53
N LEU F 9 31.89 -6.36 46.12
CA LEU F 9 32.49 -7.19 45.09
C LEU F 9 33.97 -7.31 45.40
N SER F 10 34.53 -8.51 45.17
CA SER F 10 35.92 -8.79 45.49
C SER F 10 36.57 -9.52 44.34
N VAL F 11 37.65 -8.96 43.81
CA VAL F 11 38.47 -9.62 42.80
C VAL F 11 39.89 -9.77 43.35
N ALA F 12 40.69 -10.55 42.65
CA ALA F 12 42.10 -10.71 43.00
C ALA F 12 42.95 -9.74 42.20
N LEU F 13 44.14 -9.47 42.73
CA LEU F 13 45.06 -8.55 42.07
C LEU F 13 45.48 -9.11 40.72
N GLY F 14 45.34 -8.29 39.67
CA GLY F 14 45.72 -8.67 38.34
C GLY F 14 44.76 -9.56 37.60
N GLU F 15 43.55 -9.78 38.13
CA GLU F 15 42.56 -10.61 37.45
C GLU F 15 41.64 -9.71 36.62
N THR F 16 40.45 -10.20 36.28
CA THR F 16 39.48 -9.44 35.51
C THR F 16 38.22 -9.24 36.36
N ALA F 17 37.72 -8.00 36.39
CA ALA F 17 36.55 -7.65 37.16
C ALA F 17 35.34 -7.54 36.25
N SER F 18 34.20 -8.08 36.72
CA SER F 18 32.95 -8.09 35.96
C SER F 18 31.89 -7.39 36.81
N ILE F 19 31.80 -6.07 36.66
CA ILE F 19 30.86 -5.26 37.44
C ILE F 19 29.57 -5.16 36.65
N SER F 20 28.55 -5.88 37.09
CA SER F 20 27.25 -5.84 36.43
C SER F 20 26.49 -4.58 36.83
N CYS F 21 25.77 -3.99 35.86
CA CYS F 21 25.01 -2.79 36.13
C CYS F 21 23.85 -3.08 37.08
N GLY F 22 23.50 -2.07 37.87
CA GLY F 22 22.47 -2.26 38.89
C GLY F 22 21.08 -2.39 38.32
N ARG F 23 20.73 -1.56 37.34
CA ARG F 23 19.43 -1.58 36.69
C ARG F 23 19.60 -1.95 35.23
N GLN F 24 18.90 -3.00 34.79
CA GLN F 24 18.99 -3.45 33.42
C GLN F 24 17.96 -2.73 32.55
N ALA F 25 18.38 -2.36 31.34
CA ALA F 25 17.57 -1.48 30.50
C ALA F 25 16.40 -2.23 29.87
N LEU F 26 15.36 -1.47 29.51
CA LEU F 26 14.21 -2.01 28.82
C LEU F 26 14.31 -1.87 27.30
N GLY F 27 14.92 -0.79 26.81
CA GLY F 27 15.08 -0.59 25.39
C GLY F 27 16.54 -0.44 24.99
N SER F 28 16.79 0.27 23.89
CA SER F 28 18.15 0.65 23.55
C SER F 28 18.69 1.57 24.64
N ARG F 29 19.95 1.39 24.99
CA ARG F 29 20.52 2.03 26.16
C ARG F 29 21.73 2.90 25.81
N ALA F 30 22.00 3.86 26.69
CA ALA F 30 23.23 4.66 26.66
C ALA F 30 23.72 4.73 28.10
N VAL F 31 24.70 3.88 28.44
CA VAL F 31 25.17 3.72 29.80
C VAL F 31 26.52 4.42 29.97
N GLN F 32 26.63 5.21 31.03
CA GLN F 32 27.89 5.81 31.45
C GLN F 32 28.40 5.09 32.70
N TRP F 33 29.72 4.92 32.79
CA TRP F 33 30.35 4.35 33.97
C TRP F 33 31.19 5.41 34.65
N TYR F 34 31.09 5.49 35.98
CA TYR F 34 31.88 6.42 36.77
C TYR F 34 32.68 5.67 37.82
N GLN F 35 33.90 6.14 38.06
CA GLN F 35 34.75 5.67 39.13
C GLN F 35 34.84 6.77 40.17
N HIS F 36 34.46 6.47 41.40
CA HIS F 36 34.42 7.46 42.47
C HIS F 36 35.10 6.90 43.71
N ARG F 37 36.26 7.44 44.04
CA ARG F 37 36.85 7.14 45.35
C ARG F 37 36.30 8.13 46.38
N PRO F 38 35.95 7.65 47.58
CA PRO F 38 35.30 8.54 48.55
C PRO F 38 36.18 9.71 48.93
N GLY F 39 35.58 10.89 49.01
CA GLY F 39 36.31 12.11 49.27
C GLY F 39 37.24 12.48 48.13
N GLN F 40 36.73 12.40 46.90
CA GLN F 40 37.52 12.69 45.71
C GLN F 40 36.57 12.98 44.56
N ALA F 41 37.14 13.49 43.48
CA ALA F 41 36.32 13.82 42.31
C ALA F 41 36.02 12.56 41.50
N PRO F 42 34.77 12.37 41.08
CA PRO F 42 34.43 11.22 40.23
C PRO F 42 35.18 11.25 38.90
N ILE F 43 35.47 10.06 38.39
CA ILE F 43 36.23 9.86 37.16
C ILE F 43 35.32 9.18 36.14
N LEU F 44 35.12 9.82 34.99
CA LEU F 44 34.32 9.22 33.93
C LEU F 44 35.16 8.19 33.18
N LEU F 45 34.74 6.93 33.23
CA LEU F 45 35.46 5.83 32.62
C LEU F 45 34.96 5.51 31.22
N ILE F 46 33.65 5.51 31.03
CA ILE F 46 32.99 5.13 29.79
C ILE F 46 31.68 5.90 29.70
N TYR F 47 31.48 6.66 28.62
CA TYR F 47 30.28 7.50 28.49
C TYR F 47 29.25 6.91 27.54
N ASN F 48 29.60 6.62 26.30
CA ASN F 48 28.74 5.79 25.47
C ASN F 48 29.05 4.33 25.78
N ASN F 49 28.02 3.48 25.74
CA ASN F 49 28.08 2.08 26.16
C ASN F 49 29.45 1.42 26.07
N GLN F 50 30.28 1.87 25.12
CA GLN F 50 31.61 1.31 24.90
C GLN F 50 32.70 2.37 24.71
N ASP F 51 32.34 3.64 24.51
CA ASP F 51 33.33 4.69 24.29
C ASP F 51 33.91 5.17 25.62
N ARG F 52 35.27 5.22 25.70
CA ARG F 52 36.02 5.75 26.84
C ARG F 52 36.60 7.12 26.50
N PRO F 53 36.68 8.01 27.48
CA PRO F 53 37.29 9.32 27.22
C PRO F 53 38.80 9.23 27.06
N SER F 54 39.44 10.38 26.85
CA SER F 54 40.88 10.45 26.69
C SER F 54 41.56 10.36 28.05
N GLY F 55 42.36 9.33 28.25
CA GLY F 55 43.10 9.18 29.49
C GLY F 55 42.58 8.07 30.39
N ILE F 56 41.98 7.05 29.80
CA ILE F 56 41.47 5.90 30.53
C ILE F 56 42.16 4.66 29.97
N PRO F 57 42.69 3.77 30.81
CA PRO F 57 43.40 2.60 30.28
C PRO F 57 42.49 1.69 29.48
N GLU F 58 43.08 1.00 28.50
CA GLU F 58 42.33 0.09 27.65
C GLU F 58 41.75 -1.08 28.45
N ARG F 59 42.33 -1.40 29.61
CA ARG F 59 41.84 -2.50 30.43
C ARG F 59 40.43 -2.24 30.95
N PHE F 60 39.93 -1.02 30.84
CA PHE F 60 38.53 -0.72 31.12
C PHE F 60 37.73 -0.82 29.82
N SER F 61 36.60 -1.51 29.88
CA SER F 61 35.82 -1.73 28.67
C SER F 61 34.37 -2.06 29.04
N GLY F 62 33.44 -1.31 28.46
CA GLY F 62 32.02 -1.55 28.66
C GLY F 62 31.41 -2.20 27.43
N THR F 63 30.32 -2.94 27.65
CA THR F 63 29.70 -3.67 26.57
C THR F 63 28.74 -2.78 25.79
N PRO F 64 28.80 -2.77 24.46
CA PRO F 64 27.80 -2.04 23.67
C PRO F 64 26.61 -2.92 23.32
N ASP F 65 25.47 -2.27 23.06
CA ASP F 65 24.25 -3.00 22.73
C ASP F 65 24.10 -3.02 21.20
N ILE F 66 24.81 -3.97 20.58
CA ILE F 66 24.59 -4.25 19.17
C ILE F 66 23.30 -5.02 18.99
N ASN F 67 23.12 -6.10 19.76
CA ASN F 67 21.86 -6.80 19.86
C ASN F 67 21.29 -6.63 21.26
N PHE F 68 19.97 -6.42 21.33
CA PHE F 68 19.30 -6.27 22.62
C PHE F 68 19.40 -7.58 23.40
N GLY F 69 19.35 -7.46 24.73
CA GLY F 69 19.46 -8.61 25.61
C GLY F 69 20.74 -8.61 26.41
N THR F 70 21.84 -8.27 25.76
CA THR F 70 23.14 -8.20 26.41
C THR F 70 23.14 -7.06 27.41
N ARG F 71 23.24 -7.38 28.70
CA ARG F 71 23.22 -6.36 29.73
C ARG F 71 24.57 -5.64 29.79
N ALA F 72 24.54 -4.42 30.33
CA ALA F 72 25.73 -3.59 30.41
C ALA F 72 26.58 -4.03 31.59
N THR F 73 27.85 -4.36 31.33
CA THR F 73 28.79 -4.75 32.36
C THR F 73 30.11 -4.01 32.15
N LEU F 74 30.68 -3.51 33.24
CA LEU F 74 31.99 -2.86 33.21
C LEU F 74 33.08 -3.89 33.47
N THR F 75 34.01 -4.00 32.54
CA THR F 75 35.10 -4.98 32.63
C THR F 75 36.41 -4.27 32.95
N ILE F 76 37.07 -4.72 34.00
CA ILE F 76 38.37 -4.21 34.42
C ILE F 76 39.35 -5.37 34.40
N SER F 77 40.23 -5.40 33.41
CA SER F 77 41.23 -6.44 33.31
C SER F 77 42.53 -6.00 33.96
N GLY F 78 43.24 -6.95 34.55
CA GLY F 78 44.44 -6.65 35.31
C GLY F 78 44.16 -5.63 36.40
N VAL F 79 43.34 -6.00 37.36
CA VAL F 79 42.92 -5.09 38.41
C VAL F 79 44.12 -4.72 39.27
N GLU F 80 44.42 -3.44 39.35
CA GLU F 80 45.45 -2.93 40.24
C GLU F 80 44.84 -2.68 41.63
N ALA F 81 45.72 -2.45 42.61
CA ALA F 81 45.24 -2.03 43.92
C ALA F 81 44.61 -0.65 43.87
N GLY F 82 45.03 0.19 42.92
CA GLY F 82 44.44 1.51 42.78
C GLY F 82 43.05 1.50 42.17
N ASP F 83 42.55 0.34 41.74
CA ASP F 83 41.22 0.22 41.18
C ASP F 83 40.15 0.03 42.26
N GLU F 84 40.50 0.21 43.53
CA GLU F 84 39.53 0.13 44.62
C GLU F 84 38.80 1.46 44.73
N ALA F 85 37.52 1.46 44.41
CA ALA F 85 36.66 2.64 44.52
C ALA F 85 35.23 2.18 44.34
N ASP F 86 34.30 3.13 44.31
CA ASP F 86 32.92 2.86 43.96
C ASP F 86 32.73 3.03 42.46
N TYR F 87 31.94 2.14 41.85
CA TYR F 87 31.67 2.17 40.43
C TYR F 87 30.17 2.29 40.21
N TYR F 88 29.74 3.40 39.61
CA TYR F 88 28.34 3.67 39.32
C TYR F 88 28.03 3.37 37.86
N CYS F 89 26.78 2.96 37.62
CA CYS F 89 26.29 2.66 36.27
C CYS F 89 25.13 3.63 35.98
N HIS F 90 25.42 4.67 35.20
CA HIS F 90 24.40 5.67 34.85
C HIS F 90 23.63 5.15 33.63
N MET F 91 22.45 4.58 33.88
CA MET F 91 21.68 3.90 32.85
C MET F 91 20.62 4.82 32.27
N TRP F 92 20.67 5.02 30.95
CA TRP F 92 19.61 5.66 30.19
C TRP F 92 19.08 4.66 29.17
N ASP F 93 17.77 4.70 28.92
CA ASP F 93 17.20 3.82 27.90
C ASP F 93 15.93 4.46 27.34
N SER F 94 15.50 3.92 26.20
CA SER F 94 14.38 4.50 25.46
C SER F 94 13.06 4.37 26.21
N ARG F 95 12.90 3.32 27.02
CA ARG F 95 11.63 3.07 27.71
C ARG F 95 11.49 3.88 28.99
N SER F 96 12.48 3.81 29.89
CA SER F 96 12.42 4.60 31.10
C SER F 96 12.71 6.06 30.80
N GLY F 97 12.26 6.94 31.69
CA GLY F 97 12.37 8.37 31.44
C GLY F 97 13.75 8.96 31.62
N PHE F 98 13.81 10.14 32.25
CA PHE F 98 15.08 10.83 32.49
C PHE F 98 15.70 10.26 33.77
N SER F 99 16.83 9.58 33.63
CA SER F 99 17.46 8.91 34.76
C SER F 99 18.29 9.93 35.53
N TRP F 100 17.74 10.44 36.63
CA TRP F 100 18.44 11.42 37.43
C TRP F 100 19.49 10.79 38.32
N SER F 101 19.11 9.76 39.06
CA SER F 101 20.04 9.14 39.99
C SER F 101 21.08 8.32 39.24
N PHE F 102 22.28 8.25 39.81
CA PHE F 102 23.31 7.39 39.28
C PHE F 102 23.02 5.95 39.71
N GLY F 103 23.94 5.04 39.45
CA GLY F 103 23.74 3.65 39.77
C GLY F 103 23.83 3.35 41.26
N GLY F 104 23.70 2.06 41.58
CA GLY F 104 24.03 1.56 42.89
C GLY F 104 25.52 1.37 43.00
N ALA F 105 26.15 1.99 43.99
CA ALA F 105 27.60 1.94 44.11
C ALA F 105 28.06 0.51 44.30
N THR F 106 28.91 0.02 43.39
CA THR F 106 29.58 -1.26 43.54
C THR F 106 30.98 -0.97 44.09
N ARG F 107 31.23 -1.40 45.32
CA ARG F 107 32.48 -1.09 46.02
C ARG F 107 33.46 -2.24 45.78
N LEU F 108 34.39 -2.05 44.86
CA LEU F 108 35.35 -3.07 44.50
C LEU F 108 36.51 -3.08 45.50
N THR F 109 36.81 -4.25 46.05
CA THR F 109 37.94 -4.44 46.95
C THR F 109 38.86 -5.50 46.35
N VAL F 110 40.12 -5.13 46.13
CA VAL F 110 41.09 -6.02 45.51
C VAL F 110 41.73 -6.88 46.59
N LEU F 111 41.70 -8.19 46.39
CA LEU F 111 42.28 -9.13 47.33
C LEU F 111 43.73 -9.45 46.96
N GLY F 112 44.46 -9.95 47.95
CA GLY F 112 45.84 -10.36 47.72
C GLY F 112 46.83 -9.22 47.55
N GLN F 113 46.59 -8.10 48.20
CA GLN F 113 47.55 -6.99 48.15
C GLN F 113 48.69 -7.25 49.13
N PRO F 114 49.83 -6.60 48.93
CA PRO F 114 50.96 -6.79 49.85
C PRO F 114 50.62 -6.30 51.25
N LYS F 115 50.88 -7.16 52.24
CA LYS F 115 50.60 -6.85 53.64
C LYS F 115 51.74 -6.01 54.21
N ALA F 116 51.47 -4.73 54.45
CA ALA F 116 52.47 -3.78 54.92
C ALA F 116 52.23 -3.42 56.37
N ALA F 117 53.31 -3.24 57.09
CA ALA F 117 53.42 -2.99 58.52
C ALA F 117 53.35 -1.49 58.81
N PRO F 118 52.72 -1.10 59.92
CA PRO F 118 52.50 0.32 60.17
C PRO F 118 53.78 1.05 60.58
N SER F 119 53.70 2.38 60.52
CA SER F 119 54.80 3.26 60.89
C SER F 119 54.29 4.20 61.98
N VAL F 120 54.67 3.93 63.22
CA VAL F 120 54.19 4.65 64.39
C VAL F 120 55.16 5.76 64.74
N THR F 121 54.63 6.96 65.00
CA THR F 121 55.44 8.12 65.36
C THR F 121 54.70 8.89 66.46
N LEU F 122 55.23 8.86 67.67
CA LEU F 122 54.61 9.49 68.83
C LEU F 122 55.35 10.78 69.18
N PHE F 123 54.59 11.88 69.30
CA PHE F 123 55.10 13.20 69.66
C PHE F 123 54.66 13.58 71.08
N PRO F 124 55.54 14.17 71.87
CA PRO F 124 55.14 14.65 73.20
C PRO F 124 54.38 15.96 73.10
N PRO F 125 53.76 16.40 74.18
CA PRO F 125 53.08 17.71 74.14
C PRO F 125 54.05 18.84 73.87
N SER F 126 53.61 19.78 73.05
CA SER F 126 54.45 20.92 72.70
C SER F 126 54.58 21.89 73.87
N SER F 127 55.65 22.70 73.82
CA SER F 127 55.89 23.65 74.89
C SER F 127 54.87 24.78 74.89
N GLU F 128 54.34 25.14 73.73
CA GLU F 128 53.34 26.21 73.67
C GLU F 128 52.02 25.77 74.29
N GLU F 129 51.57 24.55 74.00
CA GLU F 129 50.31 24.10 74.58
C GLU F 129 50.47 23.70 76.05
N LEU F 130 51.65 23.19 76.43
CA LEU F 130 51.92 22.99 77.85
C LEU F 130 51.88 24.31 78.59
N GLN F 131 52.47 25.36 78.01
CA GLN F 131 52.35 26.71 78.56
C GLN F 131 50.94 27.25 78.46
N ALA F 132 50.08 26.64 77.64
CA ALA F 132 48.68 26.99 77.54
C ALA F 132 47.79 26.11 78.42
N ASN F 133 48.39 25.34 79.35
CA ASN F 133 47.66 24.57 80.36
C ASN F 133 46.84 23.44 79.73
N LYS F 134 47.40 22.78 78.71
CA LYS F 134 46.73 21.65 78.08
C LYS F 134 47.77 20.77 77.40
N ALA F 135 47.65 19.45 77.59
CA ALA F 135 48.56 18.50 77.01
C ALA F 135 47.84 17.63 75.98
N THR F 136 48.58 17.23 74.95
CA THR F 136 48.02 16.42 73.87
C THR F 136 49.11 15.56 73.26
N LEU F 137 48.97 14.24 73.38
CA LEU F 137 49.82 13.29 72.67
C LEU F 137 49.22 13.03 71.30
N VAL F 138 50.08 12.85 70.30
CA VAL F 138 49.65 12.57 68.93
C VAL F 138 50.45 11.39 68.40
N CYS F 139 49.77 10.30 68.09
CA CYS F 139 50.39 9.04 67.67
C CYS F 139 50.00 8.79 66.22
N LEU F 140 50.91 9.07 65.30
CA LEU F 140 50.63 9.03 63.87
C LEU F 140 50.99 7.66 63.30
N ILE F 141 50.02 6.99 62.68
CA ILE F 141 50.20 5.67 62.09
C ILE F 141 49.96 5.78 60.59
N SER F 142 50.81 5.13 59.81
CA SER F 142 50.74 5.27 58.36
C SER F 142 51.36 4.08 57.66
N ASP F 143 50.98 3.89 56.39
CA ASP F 143 51.57 2.90 55.49
C ASP F 143 51.30 1.46 55.95
N PHE F 144 50.07 1.19 56.40
CA PHE F 144 49.70 -0.17 56.78
C PHE F 144 48.61 -0.70 55.86
N TYR F 145 48.60 -2.03 55.68
CA TYR F 145 47.59 -2.74 54.91
C TYR F 145 47.50 -4.18 55.45
N PRO F 146 46.29 -4.71 55.65
CA PRO F 146 44.99 -4.05 55.41
C PRO F 146 44.69 -2.96 56.43
N GLY F 147 44.13 -1.85 55.96
CA GLY F 147 43.87 -0.70 56.81
C GLY F 147 42.94 -0.97 57.97
N ALA F 148 43.46 -1.61 59.01
CA ALA F 148 42.68 -1.87 60.22
C ALA F 148 43.67 -2.07 61.36
N VAL F 149 43.73 -1.08 62.26
CA VAL F 149 44.59 -1.14 63.43
C VAL F 149 43.79 -0.78 64.67
N THR F 150 44.24 -1.28 65.81
CA THR F 150 43.70 -0.90 67.11
C THR F 150 44.80 -0.23 67.91
N VAL F 151 44.47 0.91 68.52
CA VAL F 151 45.43 1.69 69.28
C VAL F 151 45.15 1.51 70.76
N ALA F 152 46.21 1.34 71.55
CA ALA F 152 46.10 1.15 72.99
C ALA F 152 47.11 2.06 73.68
N TRP F 153 46.61 2.99 74.49
CA TRP F 153 47.47 3.88 75.26
C TRP F 153 47.78 3.28 76.62
N LYS F 154 48.97 3.58 77.13
CA LYS F 154 49.38 3.12 78.45
C LYS F 154 50.12 4.24 79.17
N ALA F 155 49.71 4.52 80.40
CA ALA F 155 50.47 5.38 81.30
C ALA F 155 51.40 4.50 82.12
N ASP F 156 52.71 4.67 81.92
CA ASP F 156 53.71 3.78 82.49
C ASP F 156 53.45 2.35 82.04
N SER F 157 52.61 1.62 82.78
CA SER F 157 52.21 0.27 82.40
C SER F 157 50.71 0.02 82.50
N SER F 158 49.94 1.00 82.97
CA SER F 158 48.49 0.91 83.18
C SER F 158 47.75 1.45 81.95
N PRO F 159 46.66 0.80 81.55
CA PRO F 159 45.87 1.31 80.42
C PRO F 159 45.18 2.63 80.75
N VAL F 160 44.83 3.36 79.69
CA VAL F 160 44.24 4.69 79.83
C VAL F 160 42.76 4.63 79.49
N LYS F 161 42.44 4.47 78.20
CA LYS F 161 41.08 4.30 77.70
C LYS F 161 40.19 5.52 77.97
N ALA F 162 40.70 6.52 78.67
CA ALA F 162 39.94 7.70 79.04
C ALA F 162 40.54 8.92 78.36
N GLY F 163 39.77 9.55 77.47
CA GLY F 163 40.19 10.77 76.81
C GLY F 163 41.00 10.52 75.56
N VAL F 164 40.61 9.52 74.77
CA VAL F 164 41.33 9.13 73.57
C VAL F 164 40.41 9.28 72.37
N GLU F 165 41.00 9.68 71.24
CA GLU F 165 40.30 9.80 69.97
C GLU F 165 41.19 9.24 68.87
N THR F 166 40.58 8.45 67.98
CA THR F 166 41.33 7.78 66.91
C THR F 166 40.61 7.96 65.58
N THR F 167 41.38 8.31 64.54
CA THR F 167 40.84 8.39 63.20
C THR F 167 40.45 6.99 62.71
N THR F 168 39.44 6.93 61.86
CA THR F 168 39.23 5.72 61.09
C THR F 168 40.30 5.62 60.02
N PRO F 169 40.81 4.41 59.73
CA PRO F 169 41.88 4.28 58.74
C PRO F 169 41.50 4.82 57.38
N SER F 170 42.03 6.00 57.04
CA SER F 170 41.84 6.58 55.72
C SER F 170 42.93 6.11 54.77
N LYS F 171 42.59 6.03 53.49
CA LYS F 171 43.51 5.48 52.50
C LYS F 171 44.45 6.56 51.99
N GLN F 172 45.73 6.19 51.83
CA GLN F 172 46.74 7.09 51.35
C GLN F 172 46.83 7.05 49.82
N SER F 173 47.74 7.84 49.26
CA SER F 173 47.95 7.82 47.82
C SER F 173 48.63 6.54 47.37
N ASN F 174 49.51 5.96 48.20
CA ASN F 174 50.23 4.75 47.84
C ASN F 174 49.43 3.47 48.12
N ASN F 175 48.10 3.57 48.14
CA ASN F 175 47.16 2.46 48.32
C ASN F 175 47.29 1.78 49.68
N LYS F 176 47.98 2.39 50.64
CA LYS F 176 47.98 1.94 52.02
C LYS F 176 47.13 2.89 52.85
N TYR F 177 46.96 2.56 54.13
CA TYR F 177 46.08 3.30 55.00
C TYR F 177 46.85 4.02 56.10
N ALA F 178 46.22 5.06 56.66
CA ALA F 178 46.85 5.85 57.70
C ALA F 178 45.76 6.37 58.64
N ALA F 179 46.13 6.54 59.90
CA ALA F 179 45.18 7.02 60.90
C ALA F 179 45.95 7.68 62.04
N SER F 180 45.46 8.81 62.51
CA SER F 180 46.04 9.48 63.67
C SER F 180 45.46 8.91 64.96
N SER F 181 45.89 9.47 66.09
CA SER F 181 45.41 9.09 67.40
C SER F 181 45.85 10.12 68.44
N TYR F 182 44.89 10.79 69.07
CA TYR F 182 45.18 11.87 70.00
C TYR F 182 44.70 11.49 71.39
N LEU F 183 45.60 11.62 72.38
CA LEU F 183 45.27 11.41 73.78
C LEU F 183 45.38 12.75 74.50
N SER F 184 44.24 13.27 74.93
CA SER F 184 44.21 14.56 75.64
C SER F 184 44.54 14.35 77.10
N LEU F 185 45.46 15.15 77.61
CA LEU F 185 45.90 15.06 79.00
C LEU F 185 45.96 16.46 79.62
N THR F 186 45.91 16.48 80.95
CA THR F 186 46.16 17.70 81.69
C THR F 186 47.67 17.89 81.86
N PRO F 187 48.13 19.14 81.97
CA PRO F 187 49.59 19.36 82.04
C PRO F 187 50.25 18.72 83.23
N MET F 188 49.50 18.42 84.29
CA MET F 188 50.07 17.77 85.46
C MET F 188 50.01 16.25 85.39
N GLN F 189 48.97 15.69 84.74
CA GLN F 189 48.91 14.24 84.55
C GLN F 189 50.06 13.74 83.68
N TRP F 190 50.52 14.57 82.75
CA TRP F 190 51.62 14.17 81.87
C TRP F 190 52.96 14.36 82.56
N LYS F 191 53.04 15.28 83.52
CA LYS F 191 54.30 15.50 84.22
C LYS F 191 54.48 14.52 85.38
N MET F 192 53.38 14.05 85.97
CA MET F 192 53.43 13.18 87.12
C MET F 192 53.61 11.71 86.75
N HIS F 193 53.88 11.40 85.48
CA HIS F 193 54.07 10.03 85.04
C HIS F 193 55.46 9.86 84.45
N LYS F 194 55.95 8.62 84.50
CA LYS F 194 57.31 8.35 84.03
C LYS F 194 57.35 8.19 82.52
N SER F 195 56.40 7.47 81.95
CA SER F 195 56.42 7.20 80.52
C SER F 195 54.99 7.08 80.00
N TYR F 196 54.85 7.22 78.68
CA TYR F 196 53.58 7.07 78.00
C TYR F 196 53.80 6.31 76.70
N SER F 197 52.98 5.30 76.45
CA SER F 197 53.17 4.41 75.32
C SER F 197 51.99 4.52 74.35
N CYS F 198 52.20 3.99 73.14
CA CYS F 198 51.16 3.92 72.10
C CYS F 198 51.27 2.54 71.46
N GLN F 199 50.55 1.57 72.03
CA GLN F 199 50.51 0.22 71.47
C GLN F 199 49.61 0.20 70.24
N VAL F 200 50.18 -0.09 69.08
CA VAL F 200 49.46 -0.11 67.81
C VAL F 200 49.51 -1.53 67.29
N THR F 201 48.42 -2.27 67.46
CA THR F 201 48.33 -3.65 67.01
C THR F 201 47.74 -3.69 65.60
N HIS F 202 48.48 -4.26 64.66
CA HIS F 202 48.05 -4.38 63.27
C HIS F 202 48.07 -5.85 62.87
N GLU F 203 46.97 -6.31 62.28
CA GLU F 203 46.77 -7.72 61.99
C GLU F 203 46.92 -8.56 63.25
N GLY F 204 48.06 -9.24 63.40
CA GLY F 204 48.31 -10.02 64.59
C GLY F 204 49.61 -9.66 65.30
N SER F 205 50.01 -8.39 65.22
CA SER F 205 51.27 -7.95 65.79
C SER F 205 51.11 -6.53 66.32
N THR F 206 51.80 -6.25 67.43
CA THR F 206 51.75 -4.94 68.07
C THR F 206 53.08 -4.22 67.90
N VAL F 207 53.02 -2.89 67.87
CA VAL F 207 54.19 -2.03 67.80
C VAL F 207 54.06 -0.97 68.87
N GLU F 208 55.10 -0.83 69.70
CA GLU F 208 55.07 0.09 70.83
C GLU F 208 56.00 1.27 70.57
N LYS F 209 55.51 2.47 70.86
CA LYS F 209 56.30 3.70 70.76
C LYS F 209 56.07 4.51 72.03
N THR F 210 57.12 4.70 72.81
CA THR F 210 57.02 5.33 74.13
C THR F 210 57.63 6.72 74.12
N VAL F 211 57.07 7.59 74.95
CA VAL F 211 57.50 8.98 75.06
C VAL F 211 57.38 9.43 76.51
N ALA F 212 58.44 10.02 77.04
CA ALA F 212 58.58 10.38 78.43
C ALA F 212 58.77 11.89 78.58
N PRO F 213 58.53 12.47 79.78
CA PRO F 213 58.69 13.91 79.96
C PRO F 213 60.05 14.33 80.48
N THR F 214 60.97 14.66 79.59
CA THR F 214 62.29 15.13 79.99
C THR F 214 62.72 16.32 79.14
N VAL G 2 -40.10 6.31 -2.37
CA VAL G 2 -40.39 6.90 -1.07
C VAL G 2 -39.62 8.22 -0.91
N GLN G 3 -40.23 9.17 -0.21
CA GLN G 3 -39.60 10.47 0.00
C GLN G 3 -38.62 10.39 1.17
N LEU G 4 -37.52 11.13 1.05
CA LEU G 4 -36.52 11.19 2.09
C LEU G 4 -36.85 12.32 3.07
N VAL G 5 -36.58 12.09 4.35
CA VAL G 5 -36.90 13.04 5.40
C VAL G 5 -35.67 13.91 5.66
N GLN G 6 -35.82 15.22 5.52
CA GLN G 6 -34.76 16.17 5.78
C GLN G 6 -35.08 17.00 7.02
N SER G 7 -34.07 17.73 7.48
CA SER G 7 -34.23 18.60 8.64
C SER G 7 -34.92 19.90 8.25
N GLY G 8 -35.34 20.65 9.26
CA GLY G 8 -36.05 21.90 9.03
C GLY G 8 -35.14 22.99 8.49
N ALA G 9 -35.77 24.10 8.11
CA ALA G 9 -35.05 25.24 7.57
C ALA G 9 -34.19 25.90 8.65
N ALA G 10 -33.20 26.67 8.20
CA ALA G 10 -32.25 27.31 9.10
C ALA G 10 -31.88 28.68 8.56
N VAL G 11 -31.42 29.55 9.48
CA VAL G 11 -30.95 30.88 9.16
C VAL G 11 -29.61 31.07 9.85
N ARG G 12 -28.59 31.48 9.09
CA ARG G 12 -27.24 31.59 9.59
C ARG G 12 -26.61 32.91 9.17
N LYS G 13 -25.70 33.40 10.01
CA LYS G 13 -24.89 34.57 9.71
C LYS G 13 -23.77 34.19 8.73
N PRO G 14 -23.27 35.16 7.97
CA PRO G 14 -22.14 34.87 7.06
C PRO G 14 -20.88 34.53 7.84
N GLY G 15 -20.37 33.32 7.61
CA GLY G 15 -19.21 32.81 8.32
C GLY G 15 -19.50 31.63 9.24
N ALA G 16 -20.77 31.31 9.50
CA ALA G 16 -21.13 30.22 10.39
C ALA G 16 -21.29 28.91 9.60
N SER G 17 -21.71 27.86 10.31
CA SER G 17 -21.86 26.54 9.72
C SER G 17 -23.28 26.03 9.92
N VAL G 18 -23.67 25.08 9.07
CA VAL G 18 -25.01 24.50 9.09
C VAL G 18 -24.90 23.01 8.77
N THR G 19 -25.78 22.22 9.38
CA THR G 19 -25.82 20.77 9.19
C THR G 19 -27.22 20.36 8.78
N VAL G 20 -27.33 19.76 7.61
CA VAL G 20 -28.61 19.31 7.06
C VAL G 20 -28.63 17.79 7.11
N SER G 21 -29.54 17.25 7.93
CA SER G 21 -29.70 15.81 8.02
C SER G 21 -30.66 15.31 6.94
N CYS G 22 -30.53 14.02 6.63
CA CYS G 22 -31.32 13.39 5.57
C CYS G 22 -31.44 11.90 5.91
N LYS G 23 -32.60 11.51 6.42
CA LYS G 23 -32.86 10.12 6.78
C LYS G 23 -33.21 9.33 5.51
N PHE G 24 -32.25 8.53 5.04
CA PHE G 24 -32.41 7.81 3.79
C PHE G 24 -32.87 6.37 3.98
N ALA G 25 -32.74 5.81 5.17
CA ALA G 25 -33.19 4.47 5.50
C ALA G 25 -34.05 4.52 6.75
N GLU G 26 -34.62 3.37 7.13
CA GLU G 26 -35.54 3.32 8.26
C GLU G 26 -35.29 2.10 9.13
N ASP G 27 -34.04 1.64 9.19
CA ASP G 27 -33.69 0.45 9.95
C ASP G 27 -33.17 0.85 11.33
N ASP G 28 -32.49 -0.09 12.01
CA ASP G 28 -31.93 0.17 13.33
C ASP G 28 -30.87 -0.87 13.66
N ASP G 29 -31.18 -2.14 13.44
CA ASP G 29 -30.25 -3.24 13.70
C ASP G 29 -30.59 -4.47 12.87
N TYR G 30 -31.12 -4.24 11.67
CA TYR G 30 -31.53 -5.33 10.77
C TYR G 30 -30.87 -5.11 9.41
N SER G 31 -30.09 -6.08 8.96
CA SER G 31 -29.44 -6.01 7.66
C SER G 31 -28.85 -7.34 7.17
N PRO G 32 -28.27 -8.19 8.04
CA PRO G 32 -27.77 -9.48 7.54
C PRO G 32 -28.87 -10.34 6.94
N TYR G 33 -28.55 -11.00 5.84
CA TYR G 33 -29.46 -11.86 5.10
C TYR G 33 -28.86 -13.26 4.96
N TRP G 34 -29.58 -14.11 4.23
CA TRP G 34 -29.08 -15.44 3.87
C TRP G 34 -28.25 -15.42 2.58
N VAL G 35 -28.54 -14.50 1.67
CA VAL G 35 -27.81 -14.36 0.42
C VAL G 35 -27.03 -13.05 0.47
N ASN G 36 -25.95 -13.02 -0.32
CA ASN G 36 -25.09 -11.85 -0.36
C ASN G 36 -25.82 -10.68 -1.02
N PRO G 37 -25.95 -9.54 -0.34
CA PRO G 37 -26.70 -8.41 -0.93
C PRO G 37 -25.84 -7.58 -1.87
N ALA G 38 -26.51 -6.95 -2.82
CA ALA G 38 -25.85 -6.06 -3.76
C ALA G 38 -25.42 -4.77 -3.07
N PRO G 39 -24.53 -4.00 -3.69
CA PRO G 39 -24.10 -2.74 -3.07
C PRO G 39 -25.22 -1.71 -3.03
N GLU G 40 -25.07 -0.75 -2.12
CA GLU G 40 -26.02 0.33 -1.91
C GLU G 40 -25.70 1.51 -2.81
N HIS G 41 -26.71 2.34 -3.06
CA HIS G 41 -26.56 3.51 -3.90
C HIS G 41 -26.12 4.72 -3.07
N PHE G 42 -25.31 5.58 -3.68
CA PHE G 42 -24.78 6.75 -3.00
C PHE G 42 -25.88 7.75 -2.68
N ILE G 43 -25.70 8.49 -1.60
CA ILE G 43 -26.60 9.56 -1.19
C ILE G 43 -26.05 10.86 -1.75
N HIS G 44 -26.74 11.44 -2.73
CA HIS G 44 -26.30 12.68 -3.35
C HIS G 44 -26.95 13.88 -2.67
N PHE G 45 -26.21 14.97 -2.60
CA PHE G 45 -26.67 16.22 -2.00
C PHE G 45 -26.61 17.32 -3.06
N LEU G 46 -27.74 17.98 -3.29
CA LEU G 46 -27.83 19.05 -4.28
C LEU G 46 -28.57 20.24 -3.69
N ARG G 47 -28.35 21.40 -4.28
CA ARG G 47 -28.99 22.64 -3.86
C ARG G 47 -29.49 23.40 -5.07
N GLN G 48 -30.44 24.31 -4.82
CA GLN G 48 -31.02 25.13 -5.88
C GLN G 48 -31.32 26.51 -5.28
N ALA G 49 -30.56 27.51 -5.71
CA ALA G 49 -30.80 28.87 -5.25
C ALA G 49 -32.10 29.40 -5.85
N PRO G 50 -32.71 30.40 -5.19
CA PRO G 50 -33.98 30.97 -5.71
C PRO G 50 -33.86 31.43 -7.16
N GLY G 51 -34.62 30.80 -8.04
CA GLY G 51 -34.62 31.16 -9.45
C GLY G 51 -33.39 30.75 -10.22
N GLN G 52 -32.56 29.87 -9.69
CA GLN G 52 -31.36 29.39 -10.36
C GLN G 52 -31.53 27.94 -10.79
N GLN G 53 -30.46 27.37 -11.33
CA GLN G 53 -30.47 25.99 -11.78
C GLN G 53 -30.14 25.05 -10.63
N LEU G 54 -30.36 23.76 -10.85
CA LEU G 54 -30.07 22.74 -9.86
C LEU G 54 -28.57 22.46 -9.85
N GLU G 55 -27.97 22.46 -8.66
CA GLU G 55 -26.52 22.33 -8.51
C GLU G 55 -26.19 21.11 -7.67
N TRP G 56 -25.32 20.26 -8.21
CA TRP G 56 -24.85 19.07 -7.51
C TRP G 56 -23.67 19.43 -6.62
N LEU G 57 -23.70 18.93 -5.38
CA LEU G 57 -22.68 19.24 -4.39
C LEU G 57 -21.74 18.07 -4.13
N ALA G 58 -22.27 16.92 -3.72
CA ALA G 58 -21.42 15.78 -3.40
C ALA G 58 -22.29 14.54 -3.26
N TRP G 59 -21.67 13.38 -3.44
CA TRP G 59 -22.26 12.10 -3.07
C TRP G 59 -21.44 11.45 -1.98
N MET G 60 -22.09 10.61 -1.19
CA MET G 60 -21.48 9.98 -0.03
C MET G 60 -21.93 8.53 0.04
N ASN G 61 -20.98 7.60 0.00
CA ASN G 61 -21.25 6.17 0.09
C ASN G 61 -21.59 5.81 1.53
N PRO G 62 -22.86 5.51 1.83
CA PRO G 62 -23.24 5.23 3.23
C PRO G 62 -22.65 3.94 3.77
N THR G 63 -22.05 3.10 2.93
CA THR G 63 -21.49 1.83 3.40
C THR G 63 -20.15 2.02 4.08
N ASN G 64 -19.26 2.81 3.48
CA ASN G 64 -17.93 3.06 4.05
C ASN G 64 -17.63 4.54 4.28
N GLY G 65 -18.56 5.45 3.98
CA GLY G 65 -18.36 6.87 4.19
C GLY G 65 -17.57 7.58 3.12
N ALA G 66 -17.17 6.89 2.04
CA ALA G 66 -16.44 7.55 0.97
C ALA G 66 -17.28 8.64 0.35
N VAL G 67 -16.63 9.75 -0.03
CA VAL G 67 -17.29 10.94 -0.52
C VAL G 67 -16.56 11.45 -1.76
N ASN G 68 -17.29 12.24 -2.56
CA ASN G 68 -16.69 12.96 -3.68
C ASN G 68 -17.35 14.34 -3.71
N TYR G 69 -16.64 15.34 -3.20
CA TYR G 69 -17.14 16.70 -3.13
C TYR G 69 -16.88 17.44 -4.43
N ALA G 70 -17.79 18.37 -4.75
CA ALA G 70 -17.66 19.14 -5.97
C ALA G 70 -16.42 20.02 -5.93
N TRP G 71 -15.82 20.23 -7.10
CA TRP G 71 -14.63 21.06 -7.23
C TRP G 71 -14.85 22.43 -6.61
N TYR G 72 -15.87 23.15 -7.09
CA TYR G 72 -16.10 24.55 -6.73
C TYR G 72 -16.51 24.73 -5.27
N LEU G 73 -16.54 23.67 -4.46
CA LEU G 73 -16.85 23.82 -3.05
C LEU G 73 -15.62 24.14 -2.20
N ASN G 74 -14.42 23.84 -2.70
CA ASN G 74 -13.16 24.22 -2.05
C ASN G 74 -13.05 23.63 -0.65
N GLY G 75 -13.49 22.39 -0.48
CA GLY G 75 -13.39 21.72 0.80
C GLY G 75 -14.20 22.35 1.91
N ARG G 76 -15.27 23.09 1.59
CA ARG G 76 -16.13 23.71 2.58
C ARG G 76 -17.31 22.82 2.98
N VAL G 77 -17.42 21.63 2.42
CA VAL G 77 -18.57 20.76 2.65
C VAL G 77 -18.07 19.40 3.14
N THR G 78 -18.81 18.81 4.08
CA THR G 78 -18.51 17.49 4.60
C THR G 78 -19.81 16.69 4.68
N ALA G 79 -19.75 15.42 4.28
CA ALA G 79 -20.91 14.54 4.23
C ALA G 79 -20.62 13.25 4.99
N THR G 80 -21.39 13.00 6.05
CA THR G 80 -21.19 11.82 6.88
C THR G 80 -22.49 11.04 7.06
N ARG G 81 -22.46 10.00 7.89
CA ARG G 81 -23.67 9.26 8.22
C ARG G 81 -23.50 8.67 9.61
N ASP G 82 -24.63 8.39 10.26
CA ASP G 82 -24.63 7.87 11.62
C ASP G 82 -24.18 6.42 11.62
N ARG G 83 -24.05 5.86 12.83
CA ARG G 83 -23.59 4.48 12.98
C ARG G 83 -24.55 3.49 12.34
N SER G 84 -25.85 3.64 12.62
CA SER G 84 -26.85 2.75 12.05
C SER G 84 -26.95 2.89 10.54
N MET G 85 -26.33 3.90 9.94
CA MET G 85 -26.35 4.13 8.50
C MET G 85 -27.79 4.23 7.99
N THR G 86 -28.58 5.05 8.69
CA THR G 86 -29.94 5.36 8.29
C THR G 86 -30.19 6.86 8.16
N THR G 87 -29.17 7.68 8.39
CA THR G 87 -29.33 9.13 8.33
C THR G 87 -28.05 9.76 7.82
N ALA G 88 -28.15 10.50 6.72
CA ALA G 88 -27.01 11.24 6.18
C ALA G 88 -26.96 12.66 6.75
N PHE G 89 -25.80 13.27 6.64
CA PHE G 89 -25.59 14.62 7.15
C PHE G 89 -24.72 15.40 6.18
N LEU G 90 -25.07 16.67 5.97
CA LEU G 90 -24.33 17.56 5.08
C LEU G 90 -23.98 18.83 5.85
N GLU G 91 -22.69 19.05 6.08
CA GLU G 91 -22.21 20.21 6.81
C GLU G 91 -21.49 21.15 5.85
N VAL G 92 -21.90 22.42 5.86
CA VAL G 92 -21.31 23.47 5.04
C VAL G 92 -20.70 24.52 5.95
N LYS G 93 -19.39 24.65 5.89
CA LYS G 93 -18.66 25.63 6.69
C LYS G 93 -18.39 26.90 5.88
N SER G 94 -18.11 27.98 6.61
CA SER G 94 -17.78 29.27 6.03
C SER G 94 -18.90 29.74 5.09
N LEU G 95 -20.13 29.77 5.61
CA LEU G 95 -21.28 30.15 4.81
C LEU G 95 -21.16 31.60 4.33
N ARG G 96 -21.51 31.81 3.07
CA ARG G 96 -21.62 33.14 2.49
C ARG G 96 -23.04 33.32 1.93
N SER G 97 -23.30 34.54 1.44
CA SER G 97 -24.67 34.88 1.02
C SER G 97 -25.15 34.02 -0.14
N ASP G 98 -24.28 33.75 -1.10
CA ASP G 98 -24.70 32.99 -2.28
C ASP G 98 -25.02 31.54 -1.96
N ASP G 99 -24.63 31.05 -0.78
CA ASP G 99 -25.00 29.71 -0.37
C ASP G 99 -26.47 29.60 0.01
N THR G 100 -27.21 30.71 0.01
CA THR G 100 -28.64 30.66 0.29
C THR G 100 -29.35 29.89 -0.81
N ALA G 101 -29.99 28.79 -0.44
CA ALA G 101 -30.64 27.90 -1.39
C ALA G 101 -31.43 26.86 -0.62
N VAL G 102 -32.19 26.05 -1.36
CA VAL G 102 -32.90 24.91 -0.80
C VAL G 102 -32.07 23.67 -1.09
N TYR G 103 -31.70 22.95 -0.04
CA TYR G 103 -30.77 21.83 -0.15
C TYR G 103 -31.53 20.50 -0.13
N TYR G 104 -31.28 19.66 -1.13
CA TYR G 104 -31.95 18.38 -1.31
C TYR G 104 -30.97 17.24 -1.18
N CYS G 105 -31.46 16.08 -0.77
CA CYS G 105 -30.73 14.82 -0.84
C CYS G 105 -31.51 13.86 -1.74
N ALA G 106 -30.80 13.20 -2.65
CA ALA G 106 -31.42 12.34 -3.64
C ALA G 106 -30.67 11.02 -3.72
N ARG G 107 -31.40 9.97 -4.10
CA ARG G 107 -30.82 8.64 -4.19
C ARG G 107 -31.49 7.87 -5.31
N ALA G 108 -30.71 7.05 -6.01
CA ALA G 108 -31.25 6.19 -7.04
C ALA G 108 -32.06 5.05 -6.42
N GLN G 109 -32.82 4.35 -7.27
CA GLN G 109 -33.64 3.24 -6.81
C GLN G 109 -32.78 1.99 -6.65
N LYS G 110 -33.01 1.26 -5.56
CA LYS G 110 -32.19 0.07 -5.28
C LYS G 110 -32.32 -0.96 -6.38
N ARG G 111 -33.49 -1.06 -7.00
CA ARG G 111 -33.69 -2.03 -8.07
C ARG G 111 -32.91 -1.64 -9.33
N GLY G 112 -32.70 -0.34 -9.54
CA GLY G 112 -32.03 0.11 -10.75
C GLY G 112 -30.53 0.27 -10.58
N ARG G 113 -29.83 0.20 -11.71
CA ARG G 113 -28.38 0.38 -11.75
C ARG G 113 -27.97 1.73 -12.34
N SER G 114 -28.87 2.71 -12.31
CA SER G 114 -28.59 4.06 -12.80
C SER G 114 -28.30 4.92 -11.58
N GLU G 115 -27.01 5.11 -11.29
CA GLU G 115 -26.61 5.73 -10.03
C GLU G 115 -27.06 7.19 -9.93
N TRP G 116 -27.19 7.87 -11.07
CA TRP G 116 -27.57 9.28 -11.09
C TRP G 116 -29.05 9.51 -11.32
N ALA G 117 -29.81 8.47 -11.66
CA ALA G 117 -31.25 8.63 -11.83
C ALA G 117 -31.93 8.77 -10.48
N TYR G 118 -31.98 10.01 -9.96
CA TYR G 118 -32.49 10.28 -8.63
C TYR G 118 -33.98 9.95 -8.50
N ALA G 119 -34.28 8.68 -8.19
CA ALA G 119 -35.69 8.29 -8.03
C ALA G 119 -36.28 8.84 -6.74
N HIS G 120 -35.48 8.90 -5.68
CA HIS G 120 -35.93 9.39 -4.39
C HIS G 120 -35.40 10.80 -4.15
N TRP G 121 -36.21 11.61 -3.46
CA TRP G 121 -35.84 12.97 -3.13
C TRP G 121 -36.38 13.33 -1.76
N GLY G 122 -35.69 14.26 -1.10
CA GLY G 122 -36.21 14.85 0.11
C GLY G 122 -37.06 16.08 -0.19
N GLN G 123 -37.82 16.51 0.82
CA GLN G 123 -38.68 17.67 0.65
C GLN G 123 -37.90 18.98 0.52
N GLY G 124 -36.60 18.97 0.79
CA GLY G 124 -35.79 20.16 0.69
C GLY G 124 -35.57 20.81 2.05
N THR G 125 -34.45 21.51 2.17
CA THR G 125 -34.11 22.26 3.39
C THR G 125 -33.72 23.67 2.99
N PRO G 126 -34.56 24.67 3.25
CA PRO G 126 -34.23 26.06 2.90
C PRO G 126 -33.19 26.63 3.86
N VAL G 127 -32.04 27.00 3.32
CA VAL G 127 -30.96 27.62 4.08
C VAL G 127 -30.79 29.04 3.59
N VAL G 128 -30.77 29.99 4.52
CA VAL G 128 -30.66 31.42 4.21
C VAL G 128 -29.47 31.98 4.97
N VAL G 129 -28.53 32.59 4.26
CA VAL G 129 -27.35 33.22 4.84
C VAL G 129 -27.46 34.72 4.62
N SER G 130 -27.44 35.48 5.70
CA SER G 130 -27.55 36.94 5.64
C SER G 130 -26.98 37.59 6.89
N ASP H 1 -17.35 19.41 -17.16
CA ASP H 1 -16.62 19.50 -18.43
C ASP H 1 -17.58 19.40 -19.61
N ILE H 2 -18.72 18.76 -19.38
CA ILE H 2 -19.75 18.57 -20.40
C ILE H 2 -20.70 19.76 -20.35
N GLN H 3 -21.35 20.03 -21.48
CA GLN H 3 -22.27 21.17 -21.61
C GLN H 3 -23.56 20.69 -22.26
N MET H 4 -24.67 20.89 -21.57
CA MET H 4 -25.99 20.46 -22.04
C MET H 4 -26.79 21.70 -22.45
N THR H 5 -27.12 21.78 -23.74
CA THR H 5 -27.91 22.88 -24.30
C THR H 5 -29.36 22.42 -24.40
N GLN H 6 -30.20 22.89 -23.50
CA GLN H 6 -31.62 22.58 -23.49
C GLN H 6 -32.38 23.69 -24.21
N SER H 7 -33.27 23.30 -25.12
CA SER H 7 -34.06 24.25 -25.90
C SER H 7 -35.45 23.68 -26.13
N PRO H 8 -36.49 24.51 -26.06
CA PRO H 8 -36.40 25.94 -25.74
C PRO H 8 -36.40 26.21 -24.23
N SER H 9 -36.13 27.46 -23.83
CA SER H 9 -36.14 27.82 -22.42
C SER H 9 -37.56 27.96 -21.87
N SER H 10 -38.54 28.20 -22.72
CA SER H 10 -39.92 28.33 -22.30
C SER H 10 -40.82 28.13 -23.51
N LEU H 11 -42.02 27.60 -23.27
CA LEU H 11 -43.00 27.40 -24.32
C LEU H 11 -44.39 27.42 -23.71
N SER H 12 -45.40 27.53 -24.59
CA SER H 12 -46.79 27.55 -24.19
C SER H 12 -47.61 26.79 -25.23
N ALA H 13 -48.53 25.96 -24.76
CA ALA H 13 -49.38 25.17 -25.64
C ALA H 13 -50.73 24.96 -24.98
N SER H 14 -51.69 24.50 -25.77
CA SER H 14 -53.04 24.24 -25.29
C SER H 14 -53.16 22.81 -24.77
N LEU H 15 -54.30 22.53 -24.14
CA LEU H 15 -54.58 21.19 -23.64
C LEU H 15 -54.78 20.23 -24.81
N GLY H 16 -53.91 19.23 -24.91
CA GLY H 16 -53.96 18.26 -25.98
C GLY H 16 -52.90 18.41 -27.05
N ASP H 17 -52.06 19.43 -26.97
CA ASP H 17 -51.01 19.64 -27.95
C ASP H 17 -49.80 18.75 -27.67
N ARG H 18 -48.98 18.56 -28.71
CA ARG H 18 -47.78 17.77 -28.61
C ARG H 18 -46.59 18.68 -28.32
N VAL H 19 -45.89 18.42 -27.23
CA VAL H 19 -44.78 19.26 -26.77
C VAL H 19 -43.51 18.43 -26.79
N THR H 20 -42.45 18.98 -27.37
CA THR H 20 -41.15 18.33 -27.42
C THR H 20 -40.06 19.28 -26.95
N ILE H 21 -39.15 18.77 -26.11
CA ILE H 21 -38.02 19.52 -25.59
C ILE H 21 -36.74 18.77 -25.96
N THR H 22 -35.70 19.50 -26.33
CA THR H 22 -34.46 18.90 -26.77
C THR H 22 -33.31 19.29 -25.85
N CYS H 23 -32.35 18.37 -25.70
CA CYS H 23 -31.11 18.61 -25.01
C CYS H 23 -29.96 18.14 -25.88
N GLN H 24 -29.07 19.07 -26.25
CA GLN H 24 -27.90 18.76 -27.06
C GLN H 24 -26.67 18.68 -26.17
N ALA H 25 -25.83 17.69 -26.44
CA ALA H 25 -24.60 17.48 -25.68
C ALA H 25 -23.40 17.88 -26.51
N SER H 26 -22.41 18.50 -25.87
CA SER H 26 -21.22 18.98 -26.56
C SER H 26 -20.32 17.85 -27.05
N ARG H 27 -20.56 16.62 -26.61
CA ARG H 27 -19.80 15.45 -27.07
C ARG H 27 -20.61 14.21 -26.70
N GLY H 28 -20.21 13.07 -27.25
CA GLY H 28 -20.93 11.83 -27.10
C GLY H 28 -21.06 11.34 -25.66
N ILE H 29 -22.29 11.02 -25.24
CA ILE H 29 -22.55 10.60 -23.87
C ILE H 29 -23.29 9.27 -23.86
N GLY H 30 -23.36 8.61 -25.00
CA GLY H 30 -24.10 7.35 -25.07
C GLY H 30 -25.58 7.60 -24.83
N LYS H 31 -26.15 6.88 -23.87
CA LYS H 31 -27.54 7.06 -23.47
C LYS H 31 -27.67 7.52 -22.02
N ASP H 32 -26.62 8.12 -21.46
CA ASP H 32 -26.60 8.54 -20.06
C ASP H 32 -27.24 9.92 -19.93
N LEU H 33 -28.57 9.93 -20.01
CA LEU H 33 -29.34 11.16 -19.81
C LEU H 33 -30.63 10.82 -19.08
N ASN H 34 -31.02 11.70 -18.17
CA ASN H 34 -32.23 11.53 -17.37
C ASN H 34 -33.07 12.80 -17.45
N TRP H 35 -34.40 12.61 -17.47
CA TRP H 35 -35.34 13.72 -17.57
C TRP H 35 -36.14 13.83 -16.28
N TYR H 36 -36.33 15.07 -15.81
CA TYR H 36 -37.01 15.34 -14.56
C TYR H 36 -38.13 16.35 -14.79
N GLN H 37 -39.09 16.33 -13.86
CA GLN H 37 -40.20 17.29 -13.83
C GLN H 37 -40.25 17.90 -12.44
N GLN H 38 -40.18 19.23 -12.37
CA GLN H 38 -40.22 19.94 -11.09
C GLN H 38 -41.28 21.03 -11.16
N LYS H 39 -42.27 20.93 -10.27
CA LYS H 39 -43.29 21.96 -10.15
C LYS H 39 -42.85 23.02 -9.14
N ALA H 40 -43.63 24.08 -9.05
CA ALA H 40 -43.31 25.17 -8.14
C ALA H 40 -43.40 24.68 -6.69
N GLY H 41 -42.35 24.95 -5.92
CA GLY H 41 -42.33 24.58 -4.52
C GLY H 41 -42.32 23.10 -4.24
N LYS H 42 -41.83 22.29 -5.18
CA LYS H 42 -41.77 20.85 -5.00
C LYS H 42 -40.41 20.34 -5.48
N ALA H 43 -40.06 19.14 -5.02
CA ALA H 43 -38.83 18.50 -5.47
C ALA H 43 -39.04 17.86 -6.84
N PRO H 44 -37.97 17.76 -7.64
CA PRO H 44 -38.10 17.13 -8.95
C PRO H 44 -38.58 15.69 -8.84
N LYS H 45 -39.13 15.19 -9.94
CA LYS H 45 -39.56 13.81 -10.05
C LYS H 45 -38.96 13.22 -11.31
N LEU H 46 -38.40 12.02 -11.19
CA LEU H 46 -37.75 11.37 -12.31
C LEU H 46 -38.81 10.91 -13.31
N LEU H 47 -38.69 11.37 -14.56
CA LEU H 47 -39.57 10.93 -15.65
C LEU H 47 -38.92 9.83 -16.47
N VAL H 48 -37.80 10.13 -17.10
CA VAL H 48 -37.10 9.20 -17.98
C VAL H 48 -35.67 9.06 -17.51
N SER H 49 -35.20 7.82 -17.43
CA SER H 49 -33.80 7.51 -17.14
C SER H 49 -33.22 6.76 -18.34
N ASP H 50 -31.89 6.85 -18.48
CA ASP H 50 -31.17 6.18 -19.56
C ASP H 50 -31.77 6.56 -20.93
N ALA H 51 -32.01 7.86 -21.10
CA ALA H 51 -32.47 8.46 -22.35
C ALA H 51 -33.90 8.07 -22.71
N SER H 52 -34.22 6.78 -22.69
CA SER H 52 -35.46 6.32 -23.31
C SER H 52 -36.26 5.33 -22.46
N THR H 53 -36.02 5.28 -21.15
CA THR H 53 -36.73 4.35 -20.27
C THR H 53 -37.69 5.14 -19.39
N LEU H 54 -38.98 4.87 -19.55
CA LEU H 54 -40.01 5.57 -18.77
C LEU H 54 -40.06 5.00 -17.35
N GLU H 55 -40.02 5.89 -16.37
CA GLU H 55 -40.05 5.47 -14.98
C GLU H 55 -41.44 4.97 -14.60
N GLY H 56 -41.49 4.08 -13.62
CA GLY H 56 -42.76 3.52 -13.19
C GLY H 56 -43.63 4.56 -12.51
N GLY H 57 -44.93 4.49 -12.78
CA GLY H 57 -45.89 5.43 -12.25
C GLY H 57 -46.07 6.69 -13.05
N VAL H 58 -45.12 7.02 -13.94
CA VAL H 58 -45.26 8.20 -14.80
C VAL H 58 -46.35 7.92 -15.84
N PRO H 59 -47.26 8.86 -16.09
CA PRO H 59 -48.30 8.61 -17.11
C PRO H 59 -47.71 8.40 -18.48
N SER H 60 -48.40 7.56 -19.27
CA SER H 60 -47.88 7.12 -20.57
C SER H 60 -47.72 8.24 -21.57
N ARG H 61 -48.28 9.43 -21.32
CA ARG H 61 -48.17 10.52 -22.27
C ARG H 61 -46.74 10.99 -22.43
N PHE H 62 -45.86 10.68 -21.49
CA PHE H 62 -44.45 11.05 -21.57
C PHE H 62 -43.67 10.01 -22.34
N SER H 63 -42.61 10.47 -23.01
CA SER H 63 -41.72 9.59 -23.77
C SER H 63 -40.43 10.33 -24.05
N GLY H 64 -39.34 9.57 -24.16
CA GLY H 64 -38.05 10.14 -24.44
C GLY H 64 -37.29 9.29 -25.45
N SER H 65 -36.35 9.94 -26.14
CA SER H 65 -35.53 9.26 -27.12
C SER H 65 -34.24 10.04 -27.32
N GLY H 66 -33.26 9.38 -27.90
CA GLY H 66 -31.99 10.01 -28.20
C GLY H 66 -30.81 9.09 -27.97
N PHE H 67 -29.68 9.46 -28.57
CA PHE H 67 -28.44 8.70 -28.48
C PHE H 67 -27.31 9.60 -28.99
N HIS H 68 -26.10 9.29 -28.54
CA HIS H 68 -24.89 10.04 -28.91
C HIS H 68 -24.96 11.49 -28.45
N GLN H 69 -25.67 12.34 -29.20
CA GLN H 69 -25.67 13.77 -28.89
C GLN H 69 -27.02 14.47 -28.98
N ASN H 70 -28.04 13.88 -29.62
CA ASN H 70 -29.34 14.52 -29.81
C ASN H 70 -30.38 13.76 -29.01
N PHE H 71 -31.03 14.46 -28.06
CA PHE H 71 -32.01 13.84 -27.17
C PHE H 71 -33.29 14.68 -27.17
N SER H 72 -34.38 14.06 -26.73
CA SER H 72 -35.67 14.72 -26.75
C SER H 72 -36.60 14.11 -25.71
N LEU H 73 -37.46 14.97 -25.15
CA LEU H 73 -38.52 14.57 -24.23
C LEU H 73 -39.85 15.06 -24.79
N THR H 74 -40.83 14.15 -24.89
CA THR H 74 -42.09 14.44 -25.56
C THR H 74 -43.26 14.19 -24.61
N ILE H 75 -44.21 15.13 -24.62
CA ILE H 75 -45.48 14.99 -23.89
C ILE H 75 -46.58 14.95 -24.94
N SER H 76 -47.09 13.75 -25.23
CA SER H 76 -48.21 13.60 -26.15
C SER H 76 -49.50 13.98 -25.43
N SER H 77 -50.22 14.96 -25.98
CA SER H 77 -51.45 15.49 -25.38
C SER H 77 -51.17 16.13 -24.02
N LEU H 78 -50.83 17.42 -24.03
CA LEU H 78 -50.54 18.13 -22.80
C LEU H 78 -51.78 18.20 -21.91
N GLN H 79 -51.55 18.18 -20.60
CA GLN H 79 -52.61 18.26 -19.59
C GLN H 79 -52.37 19.48 -18.71
N ALA H 80 -53.29 19.70 -17.77
CA ALA H 80 -53.17 20.82 -16.84
C ALA H 80 -52.14 20.54 -15.75
N GLU H 81 -52.02 19.29 -15.31
CA GLU H 81 -51.07 18.93 -14.27
C GLU H 81 -49.63 18.91 -14.76
N ASP H 82 -49.40 19.08 -16.07
CA ASP H 82 -48.05 19.03 -16.63
C ASP H 82 -47.32 20.36 -16.54
N VAL H 83 -47.96 21.42 -16.02
CA VAL H 83 -47.30 22.71 -15.90
C VAL H 83 -46.20 22.61 -14.85
N ALA H 84 -44.95 22.65 -15.29
CA ALA H 84 -43.79 22.53 -14.43
C ALA H 84 -42.56 22.94 -15.24
N THR H 85 -41.38 22.74 -14.65
CA THR H 85 -40.11 22.97 -15.34
C THR H 85 -39.44 21.62 -15.60
N TYR H 86 -39.09 21.38 -16.85
CA TYR H 86 -38.47 20.13 -17.26
C TYR H 86 -37.00 20.36 -17.63
N PHE H 87 -36.13 19.47 -17.17
CA PHE H 87 -34.71 19.57 -17.44
C PHE H 87 -34.10 18.18 -17.58
N CYS H 88 -33.13 18.07 -18.48
CA CYS H 88 -32.38 16.85 -18.64
C CYS H 88 -31.21 16.80 -17.66
N GLN H 89 -30.65 15.60 -17.46
CA GLN H 89 -29.55 15.41 -16.54
C GLN H 89 -28.51 14.48 -17.16
N GLN H 90 -27.27 14.96 -17.22
CA GLN H 90 -26.12 14.15 -17.61
C GLN H 90 -25.14 14.17 -16.44
N TYR H 91 -25.08 13.05 -15.71
CA TYR H 91 -24.31 12.94 -14.48
C TYR H 91 -24.64 14.07 -13.51
N GLU H 92 -23.65 14.93 -13.21
CA GLU H 92 -23.86 16.03 -12.28
C GLU H 92 -24.22 17.33 -12.97
N THR H 93 -24.32 17.35 -14.29
CA THR H 93 -24.67 18.54 -15.05
C THR H 93 -26.13 18.46 -15.50
N PHE H 94 -26.87 19.54 -15.34
CA PHE H 94 -28.27 19.61 -15.72
C PHE H 94 -28.47 20.58 -16.87
N GLY H 95 -29.57 20.38 -17.59
CA GLY H 95 -29.99 21.36 -18.56
C GLY H 95 -30.56 22.61 -17.90
N GLN H 96 -30.60 23.70 -18.66
CA GLN H 96 -31.03 24.98 -18.10
C GLN H 96 -32.52 25.02 -17.81
N GLY H 97 -33.30 24.05 -18.27
CA GLY H 97 -34.70 23.97 -17.91
C GLY H 97 -35.62 24.55 -18.97
N THR H 98 -36.85 24.05 -18.99
CA THR H 98 -37.89 24.54 -19.89
C THR H 98 -39.16 24.72 -19.09
N LYS H 99 -39.68 25.95 -19.06
CA LYS H 99 -40.91 26.26 -18.33
C LYS H 99 -42.08 26.12 -19.29
N VAL H 100 -42.94 25.12 -19.04
CA VAL H 100 -44.11 24.89 -19.87
C VAL H 100 -45.28 25.67 -19.27
N ASP H 101 -46.15 26.16 -20.14
CA ASP H 101 -47.26 27.00 -19.72
C ASP H 101 -48.57 26.58 -20.37
C1 NAG I . -7.41 -17.36 -41.06
C2 NAG I . -7.23 -18.75 -41.68
C3 NAG I . -6.41 -18.68 -42.97
C4 NAG I . -6.99 -17.65 -43.92
C5 NAG I . -7.18 -16.31 -43.21
C6 NAG I . -7.87 -15.28 -44.06
C7 NAG I . -7.29 -20.28 -39.77
C8 NAG I . -6.49 -21.21 -38.90
N2 NAG I . -6.61 -19.67 -40.74
O3 NAG I . -6.39 -19.97 -43.58
O4 NAG I . -6.09 -17.44 -45.01
O5 NAG I . -7.98 -16.48 -42.04
O6 NAG I . -9.21 -15.66 -44.32
O7 NAG I . -8.49 -20.10 -39.59
C1 NAG I . -6.60 -18.03 -46.22
C2 NAG I . -5.83 -17.41 -47.40
C3 NAG I . -6.25 -18.05 -48.73
C4 NAG I . -6.14 -19.57 -48.65
C5 NAG I . -6.88 -20.10 -47.43
C6 NAG I . -6.67 -21.58 -47.20
C7 NAG I . -6.95 -15.14 -47.59
C8 NAG I . -8.30 -15.78 -47.77
N2 NAG I . -5.88 -15.96 -47.44
O3 NAG I . -5.44 -17.54 -49.78
O4 NAG I . -6.72 -20.15 -49.82
O5 NAG I . -6.42 -19.45 -46.23
O6 NAG I . -5.64 -21.82 -46.25
O7 NAG I . -6.82 -13.92 -47.59
C1 BMA I . -5.74 -20.94 -50.54
C2 BMA I . -6.51 -21.96 -51.41
C3 BMA I . -5.55 -22.71 -52.34
C4 BMA I . -4.57 -21.76 -53.05
C5 BMA I . -3.90 -20.80 -52.07
C6 BMA I . -3.10 -19.73 -52.77
O2 BMA I . -7.47 -21.31 -52.24
O3 BMA I . -6.28 -23.45 -53.32
O4 BMA I . -3.56 -22.52 -53.70
O5 BMA I . -4.92 -20.11 -51.34
O6 BMA I . -1.81 -19.67 -52.17
C1 MAN I . -0.83 -20.02 -53.17
C2 MAN I . 0.35 -20.69 -52.45
C3 MAN I . 1.06 -19.67 -51.55
C4 MAN I . 1.36 -18.34 -52.30
C5 MAN I . 0.14 -17.82 -53.09
C6 MAN I . 0.53 -16.70 -54.04
O2 MAN I . 1.34 -21.17 -53.37
O3 MAN I . 2.29 -20.19 -51.04
O4 MAN I . 1.74 -17.35 -51.37
O5 MAN I . -0.41 -18.88 -53.88
O6 MAN I . 1.26 -17.27 -55.13
C1 MAN I . 2.29 -20.62 -49.63
C2 MAN I . 0.79 -20.73 -49.00
C3 MAN I . 0.34 -19.53 -48.15
C4 MAN I . 1.49 -18.89 -47.39
C5 MAN I . 2.57 -18.51 -48.39
C6 MAN I . 3.67 -17.65 -47.79
O2 MAN I . 0.70 -21.87 -48.15
O3 MAN I . -0.72 -19.86 -47.27
O4 MAN I . 1.05 -17.73 -46.70
O5 MAN I . 3.16 -19.72 -48.87
O6 MAN I . 3.16 -16.33 -47.63
C1 MAN I . -5.90 -24.84 -53.32
C2 MAN I . -6.35 -25.45 -54.67
C3 MAN I . -7.88 -25.45 -54.73
C4 MAN I . -8.47 -26.16 -53.51
C5 MAN I . -7.94 -25.50 -52.22
C6 MAN I . -8.37 -26.24 -50.97
O2 MAN I . -5.98 -26.83 -54.76
O3 MAN I . -8.36 -26.05 -55.93
O4 MAN I . -9.89 -26.07 -53.53
O5 MAN I . -6.48 -25.52 -52.24
O6 MAN I . -8.05 -25.44 -49.84
C1 NAG J . -2.12 8.58 27.41
C2 NAG J . -3.25 8.93 28.38
C3 NAG J . -4.17 9.98 27.78
C4 NAG J . -3.37 11.19 27.29
C5 NAG J . -2.24 10.74 26.37
C6 NAG J . -1.33 11.86 25.95
C7 NAG J . -3.88 7.15 29.96
C8 NAG J . -4.73 5.95 30.18
N2 NAG J . -4.00 7.75 28.77
O3 NAG J . -5.13 10.37 28.75
O4 NAG J . -4.21 12.08 26.57
O5 NAG J . -1.42 9.76 27.03
O6 NAG J . -0.85 12.59 27.07
O7 NAG J . -3.11 7.57 30.81
C1 NAG J . -4.74 13.12 27.42
C2 NAG J . -4.80 14.44 26.64
C3 NAG J . -5.43 15.54 27.50
C4 NAG J . -6.77 15.08 28.03
C5 NAG J . -6.64 13.76 28.77
C6 NAG J . -7.96 13.20 29.24
C7 NAG J . -3.13 14.82 24.88
C8 NAG J . -1.73 15.27 24.59
N2 NAG J . -3.48 14.84 26.17
O3 NAG J . -5.59 16.72 26.71
O4 NAG J . -7.31 16.06 28.93
O5 NAG J . -6.05 12.78 27.90
O6 NAG J . -7.83 12.45 30.44
O7 NAG J . -3.89 14.46 24.00
C1 NAG K . 1.14 -3.70 31.83
C2 NAG K . 2.67 -3.84 31.91
C3 NAG K . 3.04 -4.97 32.88
C4 NAG K . 2.35 -4.78 34.22
C5 NAG K . 0.85 -4.60 34.03
C6 NAG K . 0.12 -4.27 35.31
C7 NAG K . 3.58 -3.10 29.76
C8 NAG K . 4.19 -3.53 28.46
N2 NAG K . 3.25 -4.09 30.60
O3 NAG K . 4.46 -4.99 33.05
O4 NAG K . 2.58 -5.94 35.02
O5 NAG K . 0.61 -3.50 33.14
O6 NAG K . -1.27 -4.53 35.17
O7 NAG K . 3.41 -1.92 30.04
C1 NAG K . 3.33 -5.56 36.19
C2 NAG K . 3.51 -6.82 37.03
C3 NAG K . 4.32 -6.50 38.28
C4 NAG K . 5.63 -5.82 37.91
C5 NAG K . 5.39 -4.63 36.99
C6 NAG K . 6.67 -4.03 36.45
C7 NAG K . 1.82 -8.60 37.01
C8 NAG K . 0.47 -9.03 37.46
N2 NAG K . 2.22 -7.38 37.38
O3 NAG K . 4.57 -7.71 38.98
O4 NAG K . 6.29 -5.38 39.08
O5 NAG K . 4.62 -5.03 35.85
O6 NAG K . 6.40 -2.95 35.58
O7 NAG K . 2.54 -9.33 36.33
C1 BMA K . 7.49 -6.14 39.30
C2 BMA K . 8.46 -5.26 40.08
C3 BMA K . 9.75 -6.04 40.39
C4 BMA K . 9.46 -7.45 40.96
C5 BMA K . 8.34 -8.19 40.16
C6 BMA K . 7.87 -9.46 40.87
O2 BMA K . 7.90 -4.89 41.32
O3 BMA K . 10.58 -5.33 41.30
O4 BMA K . 10.64 -8.23 40.92
O5 BMA K . 7.21 -7.32 40.01
O6 BMA K . 8.15 -9.35 42.26
C1 MAN K . 11.30 -4.28 40.61
C2 MAN K . 12.82 -4.51 40.86
C3 MAN K . 13.22 -4.04 42.27
C4 MAN K . 12.63 -2.66 42.61
C5 MAN K . 11.11 -2.71 42.41
C6 MAN K . 10.42 -1.39 42.74
O2 MAN K . 13.62 -3.74 39.96
O3 MAN K . 14.64 -4.02 42.43
O4 MAN K . 12.92 -2.32 43.94
O5 MAN K . 10.85 -3.01 41.03
O6 MAN K . 10.27 -0.65 41.53
C1 MAN K . 6.98 -9.70 43.03
C2 MAN K . 6.68 -8.52 44.01
C3 MAN K . 7.67 -8.49 45.16
C4 MAN K . 7.86 -9.89 45.79
C5 MAN K . 8.21 -10.91 44.71
C6 MAN K . 8.33 -12.32 45.27
O2 MAN K . 5.38 -8.64 44.61
O3 MAN K . 7.30 -7.55 46.17
O4 MAN K . 8.90 -9.85 46.76
O5 MAN K . 7.17 -10.92 43.71
O6 MAN K . 9.33 -13.01 44.51
C1 NAG L . 3.73 -10.13 -1.49
C2 NAG L . 3.24 -10.25 -0.04
C3 NAG L . 4.40 -10.54 0.91
C4 NAG L . 5.22 -11.73 0.42
C5 NAG L . 5.67 -11.48 -1.01
C6 NAG L . 6.42 -12.65 -1.59
C7 NAG L . 1.25 -9.03 0.72
C8 NAG L . 0.70 -7.69 1.12
N2 NAG L . 2.54 -9.05 0.36
O3 NAG L . 3.89 -10.80 2.22
O4 NAG L . 6.35 -11.92 1.25
O5 NAG L . 4.52 -11.28 -1.83
O6 NAG L . 5.61 -13.40 -2.48
O7 NAG L . 0.57 -10.05 0.74
C1 NAG L . 6.18 -13.11 2.06
C2 NAG L . 7.55 -13.78 2.26
C3 NAG L . 7.38 -15.02 3.12
C4 NAG L . 6.72 -14.68 4.44
C5 NAG L . 5.40 -13.94 4.19
C6 NAG L . 4.76 -13.40 5.46
C7 NAG L . 9.22 -13.44 0.50
C8 NAG L . 9.75 -13.91 -0.81
N2 NAG L . 8.17 -14.11 0.99
O3 NAG L . 8.66 -15.62 3.35
O4 NAG L . 6.48 -15.85 5.20
O5 NAG L . 5.61 -12.80 3.33
O6 NAG L . 4.80 -11.97 5.49
O7 NAG L . 9.72 -12.49 1.10
C1 BMA L . 7.23 -15.82 6.44
C2 BMA L . 6.36 -16.44 7.56
C3 BMA L . 7.11 -16.39 8.88
C4 BMA L . 8.53 -16.99 8.76
C5 BMA L . 9.28 -16.38 7.55
C6 BMA L . 10.63 -17.06 7.32
O2 BMA L . 6.08 -17.80 7.29
O3 BMA L . 6.40 -17.08 9.92
O4 BMA L . 9.27 -16.75 9.95
O5 BMA L . 8.47 -16.51 6.35
O6 BMA L . 10.92 -17.11 5.93
C1 MAN L . 12.34 -17.32 5.77
C2 MAN L . 12.74 -16.89 4.32
C3 MAN L . 12.34 -17.95 3.30
C4 MAN L . 12.82 -19.34 3.74
C5 MAN L . 12.23 -19.66 5.10
C6 MAN L . 12.62 -21.03 5.63
O2 MAN L . 14.15 -16.71 4.19
O3 MAN L . 12.84 -17.65 2.00
O4 MAN L . 12.41 -20.33 2.80
O5 MAN L . 12.70 -18.68 6.06
O6 MAN L . 11.50 -21.90 5.48
C1 NAG M . -20.17 4.89 -20.95
C2 NAG M . -20.32 5.88 -22.12
C3 NAG M . -21.25 5.32 -23.20
C4 NAG M . -20.83 3.91 -23.60
C5 NAG M . -20.69 3.03 -22.37
C6 NAG M . -20.21 1.63 -22.68
C7 NAG M . -20.03 8.22 -21.40
C8 NAG M . -20.72 9.44 -20.90
N2 NAG M . -20.82 7.16 -21.64
O3 NAG M . -21.22 6.18 -24.33
O4 NAG M . -21.82 3.36 -24.47
O5 NAG M . -19.74 3.62 -21.46
O6 NAG M . -18.79 1.53 -22.59
O7 NAG M . -18.82 8.18 -21.58
C1 NAG M . -21.38 3.33 -25.85
C2 NAG M . -22.39 2.52 -26.67
C3 NAG M . -21.97 2.51 -28.14
C4 NAG M . -21.78 3.93 -28.66
C5 NAG M . -20.81 4.69 -27.75
C6 NAG M . -20.66 6.14 -28.14
C7 NAG M . -23.39 0.79 -25.25
C8 NAG M . -23.37 -0.65 -24.85
N2 NAG M . -22.49 1.16 -26.16
O3 NAG M . -22.99 1.86 -28.91
O4 NAG M . -21.29 3.92 -29.99
O5 NAG M . -21.28 4.66 -26.39
O6 NAG M . -21.75 6.92 -27.63
O7 NAG M . -24.18 1.59 -24.75
C1 NAG N . 13.11 -3.02 0.31
C2 NAG N . 14.10 -1.94 -0.13
C3 NAG N . 15.13 -2.52 -1.10
C4 NAG N . 15.77 -3.79 -0.53
C5 NAG N . 14.68 -4.77 -0.12
C6 NAG N . 15.23 -6.02 0.53
C7 NAG N . 12.76 0.13 -0.05
C8 NAG N . 12.10 1.20 -0.88
N2 NAG N . 13.40 -0.82 -0.76
O3 NAG N . 16.15 -1.54 -1.33
O4 NAG N . 16.57 -4.40 -1.53
O5 NAG N . 13.82 -4.13 0.85
O6 NAG N . 14.99 -6.03 1.94
O7 NAG N . 12.73 0.13 1.17
C1 NAG N . 17.96 -4.31 -1.15
C2 NAG N . 18.68 -5.52 -1.74
C3 NAG N . 20.17 -5.47 -1.42
C4 NAG N . 20.76 -4.14 -1.87
C5 NAG N . 19.96 -2.98 -1.29
C6 NAG N . 20.42 -1.63 -1.80
C7 NAG N . 17.79 -7.79 -2.06
C8 NAG N . 17.19 -8.99 -1.40
N2 NAG N . 18.09 -6.77 -1.26
O3 NAG N . 20.84 -6.55 -2.06
O4 NAG N . 22.11 -4.03 -1.45
O5 NAG N . 18.57 -3.11 -1.64
O6 NAG N . 20.21 -1.52 -3.21
O7 NAG N . 17.99 -7.75 -3.27
C1 NAG O . 12.47 -10.64 20.32
C2 NAG O . 13.91 -10.92 19.89
C3 NAG O . 14.25 -12.40 20.08
C4 NAG O . 13.92 -12.87 21.49
C5 NAG O . 12.49 -12.48 21.87
C6 NAG O . 12.15 -12.76 23.31
C7 NAG O . 14.39 -9.27 18.13
C8 NAG O . 14.58 -9.05 16.66
N2 NAG O . 14.14 -10.53 18.52
O3 NAG O . 15.63 -12.61 19.80
O4 NAG O . 14.03 -14.29 21.58
O5 NAG O . 12.29 -11.07 21.66
O6 NAG O . 11.01 -12.03 23.74
O7 NAG O . 14.44 -8.35 18.94
C1 NAG O . 15.25 -14.68 22.24
C2 NAG O . 14.98 -15.90 23.11
C3 NAG O . 16.27 -16.38 23.77
C4 NAG O . 17.35 -16.63 22.72
C5 NAG O . 17.53 -15.39 21.85
C6 NAG O . 18.48 -15.61 20.69
C7 NAG O . 12.78 -16.23 24.14
C8 NAG O . 11.86 -15.82 25.25
N2 NAG O . 13.97 -15.62 24.11
O3 NAG O . 16.03 -17.58 24.50
O4 NAG O . 18.58 -16.96 23.35
O5 NAG O . 16.28 -14.99 21.27
O6 NAG O . 18.85 -14.38 20.08
O7 NAG O . 12.46 -17.06 23.30
C1 NAG P . 12.58 2.90 5.74
C2 NAG P . 13.83 2.13 6.10
C3 NAG P . 14.28 2.50 7.50
C4 NAG P . 14.49 4.01 7.59
C5 NAG P . 13.28 4.79 7.05
C6 NAG P . 13.57 6.26 6.88
C7 NAG P . 12.93 -0.22 6.47
C8 NAG P . 11.98 0.26 7.52
N2 NAG P . 13.74 0.68 5.88
O3 NAG P . 15.47 1.79 7.82
O4 NAG P . 14.66 4.44 8.94
O5 NAG P . 12.86 4.30 5.76
O6 NAG P . 14.01 6.55 5.56
O7 NAG P . 12.99 -1.42 6.16
C1 NAG P . 16.02 4.28 9.37
C2 NAG P . 16.48 5.51 10.18
C3 NAG P . 17.88 5.27 10.77
C4 NAG P . 17.95 3.92 11.47
C5 NAG P . 17.40 2.80 10.59
C6 NAG P . 17.33 1.48 11.29
C7 NAG P . 16.08 7.90 9.76
C8 NAG P . 16.16 9.01 8.76
N2 NAG P . 16.49 6.70 9.34
O3 NAG P . 18.18 6.32 11.68
O4 NAG P . 19.31 3.58 11.75
O5 NAG P . 16.06 3.13 10.19
O6 NAG P . 16.19 1.40 12.14
O7 NAG P . 15.67 8.10 10.90
C1 BMA P . 19.67 3.98 13.08
C2 BMA P . 20.44 2.81 13.74
C3 BMA P . 21.29 3.28 14.94
C4 BMA P . 21.92 4.68 14.75
C5 BMA P . 20.87 5.65 14.22
C6 BMA P . 21.43 7.03 13.98
O2 BMA P . 21.33 2.21 12.81
O3 BMA P . 22.31 2.30 15.21
O4 BMA P . 22.41 5.19 15.98
O5 BMA P . 20.44 5.14 12.98
O6 BMA P . 22.62 6.90 13.20
C1 MAN P . 22.46 2.18 16.65
C2 MAN P . 23.63 1.16 16.90
C3 MAN P . 23.14 -0.28 16.73
C4 MAN P . 21.92 -0.52 17.61
C5 MAN P . 20.79 0.40 17.14
C6 MAN P . 19.52 0.25 17.94
O2 MAN P . 24.10 1.27 18.24
O3 MAN P . 24.15 -1.24 17.00
O4 MAN P . 21.51 -1.86 17.52
O5 MAN P . 21.23 1.78 17.29
O6 MAN P . 19.61 1.14 19.05
C1 MAN P . 25.45 1.80 18.24
C2 MAN P . 26.20 1.11 19.40
C3 MAN P . 25.73 1.70 20.73
C4 MAN P . 25.91 3.24 20.72
C5 MAN P . 25.05 3.81 19.59
C6 MAN P . 25.10 5.34 19.50
O2 MAN P . 27.61 1.35 19.33
O3 MAN P . 26.40 1.13 21.86
O4 MAN P . 25.51 3.79 21.97
O5 MAN P . 25.49 3.24 18.34
O6 MAN P . 26.46 5.75 19.33
C1 MAN P . 28.24 0.34 18.52
C2 MAN P . 29.71 0.19 18.99
C3 MAN P . 30.52 1.44 18.61
C4 MAN P . 30.30 1.88 17.15
C5 MAN P . 28.79 1.94 16.83
C6 MAN P . 28.51 2.24 15.36
O2 MAN P . 30.37 -0.91 18.35
O3 MAN P . 31.92 1.24 18.84
O4 MAN P . 30.89 3.15 16.93
O5 MAN P . 28.18 0.68 17.15
O6 MAN P . 27.10 2.32 15.17
C1 MAN P . 23.00 8.19 12.68
C2 MAN P . 24.02 7.94 11.57
C3 MAN P . 25.26 7.30 12.17
C4 MAN P . 25.79 8.06 13.40
C5 MAN P . 24.66 8.41 14.40
C6 MAN P . 25.08 9.39 15.48
O2 MAN P . 24.45 9.15 10.97
O3 MAN P . 26.28 7.22 11.19
O4 MAN P . 26.78 7.28 14.07
O5 MAN P . 23.55 9.00 13.69
O6 MAN P . 25.45 10.61 14.85
C1 MAN P . 26.18 11.46 15.76
C2 MAN P . 26.30 12.84 15.10
C3 MAN P . 27.18 12.70 13.85
C4 MAN P . 28.54 12.12 14.25
C5 MAN P . 28.33 10.75 14.92
C6 MAN P . 29.62 10.13 15.43
O2 MAN P . 26.98 13.78 15.97
O3 MAN P . 27.31 13.92 13.12
O4 MAN P . 29.34 11.95 13.10
O5 MAN P . 27.45 10.92 16.06
O6 MAN P . 29.29 8.84 15.96
C1 MAN P . 26.33 15.08 15.95
C2 MAN P . 26.95 15.97 17.08
C3 MAN P . 26.39 15.60 18.46
C4 MAN P . 24.87 15.56 18.43
C5 MAN P . 24.42 14.55 17.39
C6 MAN P . 22.90 14.41 17.27
O2 MAN P . 26.62 17.35 16.90
O3 MAN P . 26.85 16.48 19.46
O4 MAN P . 24.37 15.18 19.71
O5 MAN P . 24.91 14.95 16.07
O6 MAN P . 22.63 13.18 16.62
C1 MAN P . 26.12 6.02 10.42
C2 MAN P . 27.55 5.40 10.26
C3 MAN P . 27.78 4.67 8.91
C4 MAN P . 26.96 5.27 7.72
C5 MAN P . 26.34 6.60 8.11
C6 MAN P . 25.51 7.22 7.00
O2 MAN P . 27.81 4.42 11.27
O3 MAN P . 27.55 3.27 9.02
O4 MAN P . 27.81 5.45 6.59
O5 MAN P . 25.48 6.34 9.20
O6 MAN P . 24.77 8.31 7.56
C1 NAG Q . 7.93 -8.10 -7.48
C2 NAG Q . 7.67 -9.60 -7.52
C3 NAG Q . 8.94 -10.32 -7.91
C4 NAG Q . 9.25 -10.03 -9.38
C5 NAG Q . 8.95 -8.57 -9.75
C6 NAG Q . 7.71 -8.39 -10.59
C7 NAG Q . 5.89 -10.45 -6.05
C8 NAG Q . 4.98 -10.33 -7.24
N2 NAG Q . 7.17 -10.09 -6.25
O3 NAG Q . 8.79 -11.72 -7.71
O4 NAG Q . 10.61 -10.32 -9.66
O5 NAG Q . 8.83 -7.71 -8.59
O6 NAG Q . 7.95 -7.58 -11.73
O7 NAG Q . 5.50 -10.87 -4.97
C1 NAG Q . 10.71 -10.85 -10.99
C2 NAG Q . 12.17 -11.27 -11.24
C3 NAG Q . 12.32 -11.89 -12.63
C4 NAG Q . 11.31 -13.01 -12.82
C5 NAG Q . 9.90 -12.52 -12.50
C6 NAG Q . 8.86 -13.61 -12.57
C7 NAG Q . 13.98 -10.04 -10.12
C8 NAG Q . 14.82 -8.80 -10.12
N2 NAG Q . 13.07 -10.13 -11.10
O3 NAG Q . 13.64 -12.39 -12.78
O4 NAG Q . 11.34 -13.47 -14.16
O5 NAG Q . 9.86 -11.98 -11.17
O6 NAG Q . 8.46 -14.03 -11.27
O7 NAG Q . 14.11 -10.92 -9.27
C1 NAG R . -40.22 -23.65 -45.43
C2 NAG R . -41.16 -24.66 -46.08
C3 NAG R . -42.59 -24.11 -46.11
C4 NAG R . -43.03 -23.67 -44.73
C5 NAG R . -42.04 -22.67 -44.18
C6 NAG R . -42.35 -22.23 -42.76
C7 NAG R . -40.08 -26.15 -47.70
C8 NAG R . -39.69 -26.34 -49.13
N2 NAG R . -40.71 -25.02 -47.41
O3 NAG R . -43.47 -25.13 -46.60
O4 NAG R . -44.32 -23.06 -44.78
O5 NAG R . -40.73 -23.25 -44.15
O6 NAG R . -41.16 -21.93 -42.04
O7 NAG R . -39.83 -26.99 -46.84
C1 NAG S . -34.88 -13.79 -35.59
C2 NAG S . -34.30 -13.10 -36.82
C3 NAG S . -33.90 -11.66 -36.49
C4 NAG S . -35.07 -10.91 -35.87
C5 NAG S . -35.60 -11.69 -34.66
C6 NAG S . -36.82 -11.06 -34.05
C7 NAG S . -32.84 -13.86 -38.64
C8 NAG S . -31.63 -14.67 -39.00
N2 NAG S . -33.15 -13.83 -37.35
O3 NAG S . -33.48 -10.99 -37.68
O4 NAG S . -34.66 -9.61 -35.47
O5 NAG S . -35.97 -13.02 -35.06
O6 NAG S . -36.48 -9.94 -33.24
O7 NAG S . -33.50 -13.27 -39.49
C1 NAG T . -12.43 -7.85 39.60
C2 NAG T . -12.18 -6.35 39.36
C3 NAG T . -11.97 -5.62 40.68
C4 NAG T . -13.11 -5.90 41.64
C5 NAG T . -13.27 -7.41 41.81
C6 NAG T . -14.45 -7.78 42.69
C7 NAG T . -11.12 -5.53 37.31
C8 NAG T . -9.84 -5.42 36.53
N2 NAG T . -11.04 -6.17 38.48
O3 NAG T . -11.89 -4.22 40.43
O4 NAG T . -12.83 -5.30 42.91
O5 NAG T . -13.51 -8.01 40.53
O6 NAG T . -14.73 -6.77 43.64
O7 NAG T . -12.17 -5.06 36.90
C1 NAG U . -21.37 1.67 19.59
C2 NAG U . -22.52 2.53 18.99
C3 NAG U . -22.00 3.87 18.45
C4 NAG U . -21.07 4.57 19.42
C5 NAG U . -19.95 3.60 19.80
C6 NAG U . -18.95 4.19 20.75
C7 NAG U . -24.26 1.01 18.13
C8 NAG U . -24.81 0.34 16.90
N2 NAG U . -23.19 1.79 17.94
O3 NAG U . -23.12 4.72 18.19
O4 NAG U . -20.51 5.72 18.81
O5 NAG U . -20.55 2.47 20.46
O6 NAG U . -17.73 4.51 20.07
O7 NAG U . -24.75 0.84 19.23
C1 NAG V . -11.04 0.57 -25.41
C2 NAG V . -11.83 1.81 -25.02
C3 NAG V . -13.04 1.98 -25.94
C4 NAG V . -12.60 1.97 -27.39
C5 NAG V . -11.75 0.73 -27.70
C6 NAG V . -11.16 0.76 -29.09
C7 NAG V . -12.26 2.85 -22.84
C8 NAG V . -12.72 2.62 -21.43
N2 NAG V . -12.25 1.77 -23.63
O3 NAG V . -13.70 3.20 -25.63
O4 NAG V . -13.75 1.97 -28.24
O5 NAG V . -10.65 0.65 -26.78
O6 NAG V . -9.82 1.23 -29.05
O7 NAG V . -11.91 3.96 -23.24
C1 NAG W . -5.30 14.67 3.83
C2 NAG W . -5.47 14.14 5.25
C3 NAG W . -6.00 15.24 6.17
C4 NAG W . -5.08 16.44 6.10
C5 NAG W . -4.93 16.90 4.65
C6 NAG W . -3.95 18.05 4.49
C7 NAG W . -5.91 11.73 5.51
C8 NAG W . -6.94 10.66 5.50
N2 NAG W . -6.36 12.97 5.28
O3 NAG W . -6.05 14.75 7.51
O4 NAG W . -5.62 17.51 6.89
O5 NAG W . -4.44 15.82 3.85
O6 NAG W . -2.66 17.58 4.10
O7 NAG W . -4.71 11.50 5.70
C1 NAG X . -1.69 11.72 7.21
C2 NAG X . -2.62 12.08 8.37
C3 NAG X . -2.89 13.58 8.40
C4 NAG X . -1.58 14.36 8.40
C5 NAG X . -0.72 13.92 7.23
C6 NAG X . 0.65 14.56 7.23
C7 NAG X . -4.65 11.09 9.34
C8 NAG X . -5.91 10.31 9.07
N2 NAG X . -3.87 11.34 8.29
O3 NAG X . -3.62 13.90 9.58
O4 NAG X . -1.85 15.75 8.28
O5 NAG X . -0.51 12.50 7.29
O6 NAG X . 1.66 13.62 6.87
O7 NAG X . -4.35 11.47 10.47
#